data_9CWW
# 
_entry.id   9CWW 
# 
_audit_conform.dict_name       mmcif_pdbx.dic 
_audit_conform.dict_version    5.404 
_audit_conform.dict_location   http://mmcif.pdb.org/dictionaries/ascii/mmcif_pdbx.dic 
# 
loop_
_database_2.database_id 
_database_2.database_code 
_database_2.pdbx_database_accession 
_database_2.pdbx_DOI 
PDB   9CWW         pdb_00009cww 10.2210/pdb9cww/pdb 
WWPDB D_1000286073 ?            ?                   
EMDB  EMD-45976    ?            ?                   
# 
loop_
_pdbx_audit_revision_history.ordinal 
_pdbx_audit_revision_history.data_content_type 
_pdbx_audit_revision_history.major_revision 
_pdbx_audit_revision_history.minor_revision 
_pdbx_audit_revision_history.revision_date 
_pdbx_audit_revision_history.part_number 
1 'Structure model' 1 0 2025-07-30 ? 
2 'EM metadata'     1 0 2025-07-30 ? 
3 FSC               1 0 2025-07-30 ? 
4 'Half map'        1 0 2025-07-30 1 
5 'Half map'        1 0 2025-07-30 2 
6 Image             1 0 2025-07-30 ? 
7 Mask              1 0 2025-07-30 1 
8 'Primary map'     1 0 2025-07-30 ? 
9 'Structure model' 1 1 2025-08-13 ? 
# 
loop_
_pdbx_audit_revision_details.ordinal 
_pdbx_audit_revision_details.revision_ordinal 
_pdbx_audit_revision_details.data_content_type 
_pdbx_audit_revision_details.provider 
_pdbx_audit_revision_details.type 
_pdbx_audit_revision_details.description 
_pdbx_audit_revision_details.details 
1 1 'Structure model' repository 'Initial release' ? ? 
2 2 'EM metadata'     repository 'Initial release' ? ? 
3 3 FSC               repository 'Initial release' ? ? 
4 4 'Half map'        repository 'Initial release' ? ? 
5 5 'Half map'        repository 'Initial release' ? ? 
6 6 Image             repository 'Initial release' ? ? 
7 7 Mask              repository 'Initial release' ? ? 
8 8 'Primary map'     repository 'Initial release' ? ? 
# 
loop_
_pdbx_audit_revision_group.ordinal 
_pdbx_audit_revision_group.revision_ordinal 
_pdbx_audit_revision_group.data_content_type 
_pdbx_audit_revision_group.group 
1 9 'Structure model' 'Data collection'     
2 9 'Structure model' 'Database references' 
# 
loop_
_pdbx_audit_revision_category.ordinal 
_pdbx_audit_revision_category.revision_ordinal 
_pdbx_audit_revision_category.data_content_type 
_pdbx_audit_revision_category.category 
1 9 'Structure model' citation        
2 9 'Structure model' citation_author 
3 9 'Structure model' em_admin        
# 
loop_
_pdbx_audit_revision_item.ordinal 
_pdbx_audit_revision_item.revision_ordinal 
_pdbx_audit_revision_item.data_content_type 
_pdbx_audit_revision_item.item 
1  9 'Structure model' '_citation.country'                 
2  9 'Structure model' '_citation.journal_abbrev'          
3  9 'Structure model' '_citation.journal_id_CSD'          
4  9 'Structure model' '_citation.journal_id_ISSN'         
5  9 'Structure model' '_citation.journal_volume'          
6  9 'Structure model' '_citation.page_first'              
7  9 'Structure model' '_citation.page_last'               
8  9 'Structure model' '_citation.pdbx_database_id_DOI'    
9  9 'Structure model' '_citation.pdbx_database_id_PubMed' 
10 9 'Structure model' '_citation.year'                    
11 9 'Structure model' '_citation_author.identifier_ORCID' 
12 9 'Structure model' '_citation_author.name'             
13 9 'Structure model' '_em_admin.last_update'             
# 
_pdbx_database_status.status_code                     REL 
_pdbx_database_status.status_code_sf                  ? 
_pdbx_database_status.status_code_mr                  ? 
_pdbx_database_status.entry_id                        9CWW 
_pdbx_database_status.recvd_initial_deposition_date   2024-07-30 
_pdbx_database_status.SG_entry                        N 
_pdbx_database_status.deposit_site                    RCSB 
_pdbx_database_status.process_site                    RCSB 
_pdbx_database_status.status_code_cs                  ? 
_pdbx_database_status.status_code_nmr_data            ? 
_pdbx_database_status.methods_development_category    ? 
_pdbx_database_status.pdb_format_compatible           Y 
# 
_pdbx_database_related.db_name        EMDB 
_pdbx_database_related.details        'structure of D10-NT amyloid fibrils' 
_pdbx_database_related.db_id          EMD-45976 
_pdbx_database_related.content_type   'associated EM volume' 
# 
_pdbx_contact_author.id                 2 
_pdbx_contact_author.email              dae2005@med.cornell.edu 
_pdbx_contact_author.name_first         David 
_pdbx_contact_author.name_last          Eliezer 
_pdbx_contact_author.name_mi            ? 
_pdbx_contact_author.role               'principal investigator/group leader' 
_pdbx_contact_author.identifier_ORCID   0000-0002-1311-7537 
# 
loop_
_audit_author.name 
_audit_author.pdbx_ordinal 
_audit_author.identifier_ORCID 
'Lv, G.'      1 ? 
'Eliezer, D.' 2 ? 
# 
_citation.abstract                  ? 
_citation.abstract_id_CAS           ? 
_citation.book_id_ISBN              ? 
_citation.book_publisher            ? 
_citation.book_publisher_city       ? 
_citation.book_title                ? 
_citation.coordinate_linkage        ? 
_citation.country                   UK 
_citation.database_id_Medline       ? 
_citation.details                   ? 
_citation.id                        primary 
_citation.journal_abbrev            'Nat Commun' 
_citation.journal_id_ASTM           ? 
_citation.journal_id_CSD            ? 
_citation.journal_id_ISSN           2041-1723 
_citation.journal_full              ? 
_citation.journal_issue             ? 
_citation.journal_volume            16 
_citation.language                  ? 
_citation.page_first                7121 
_citation.page_last                 7121 
_citation.title                     'Amyloid fibril structures link CHCHD10 and CHCHD2 to neurodegeneration.' 
_citation.year                      2025 
_citation.database_id_CSD           ? 
_citation.pdbx_database_id_DOI      10.1038/s41467-025-62149-3 
_citation.pdbx_database_id_PubMed   40753073 
_citation.pdbx_database_id_patent   ? 
_citation.unpublished_flag          ? 
# 
loop_
_citation_author.citation_id 
_citation_author.name 
_citation_author.ordinal 
_citation_author.identifier_ORCID 
primary 'Lv, G.'         1 ?                   
primary 'Sayles, N.M.'   2 ?                   
primary 'Huang, Y.'      3 0000-0002-2991-6122 
primary 'Mancinelli, C.' 4 0000-0002-2653-4698 
primary 'McAvoy, K.'     5 0000-0002-0025-1921 
primary 'Shneider, N.A.' 6 ?                   
primary 'Manfredi, G.'   7 ?                   
primary 'Kawamata, H.'   8 0000-0003-0020-6933 
primary 'Eliezer, D.'    9 0000-0002-1311-7537 
# 
_entity.id                         1 
_entity.type                       polymer 
_entity.src_method                 man 
_entity.pdbx_description           'Coiled-coil-helix-coiled-coil-helix domain-containing protein 10, mitochondrial' 
_entity.formula_weight             9252.316 
_entity.pdbx_number_of_molecules   6 
_entity.pdbx_ec                    ? 
_entity.pdbx_mutation              ? 
_entity.pdbx_fragment              ? 
_entity.details                    ? 
# 
_entity_name_com.entity_id   1 
_entity_name_com.name        'Protein N27C7-4' 
# 
_entity_poly.entity_id                      1 
_entity_poly.type                           'polypeptide(L)' 
_entity_poly.nstd_linkage                   no 
_entity_poly.nstd_monomer                   no 
_entity_poly.pdbx_seq_one_letter_code       
;MPRGSRSAASRPASRPAAPSAHPPAHPPPSAAAPAPAPSGQPGLMAQMATTAAGVAVGSAVGHVMGSALTGAFSGGSSEP
SQPAVQQAPTPAAPQPLQ
;
_entity_poly.pdbx_seq_one_letter_code_can   
;MPRGSRSAASRPASRPAAPSAHPPAHPPPSAAAPAPAPSGQPGLMAQMATTAAGVAVGSAVGHVMGSALTGAFSGGSSEP
SQPAVQQAPTPAAPQPLQ
;
_entity_poly.pdbx_strand_id                 A,B,C,D,E,F 
_entity_poly.pdbx_target_identifier         ? 
# 
loop_
_entity_poly_seq.entity_id 
_entity_poly_seq.num 
_entity_poly_seq.mon_id 
_entity_poly_seq.hetero 
1 1  MET n 
1 2  PRO n 
1 3  ARG n 
1 4  GLY n 
1 5  SER n 
1 6  ARG n 
1 7  SER n 
1 8  ALA n 
1 9  ALA n 
1 10 SER n 
1 11 ARG n 
1 12 PRO n 
1 13 ALA n 
1 14 SER n 
1 15 ARG n 
1 16 PRO n 
1 17 ALA n 
1 18 ALA n 
1 19 PRO n 
1 20 SER n 
1 21 ALA n 
1 22 HIS n 
1 23 PRO n 
1 24 PRO n 
1 25 ALA n 
1 26 HIS n 
1 27 PRO n 
1 28 PRO n 
1 29 PRO n 
1 30 SER n 
1 31 ALA n 
1 32 ALA n 
1 33 ALA n 
1 34 PRO n 
1 35 ALA n 
1 36 PRO n 
1 37 ALA n 
1 38 PRO n 
1 39 SER n 
1 40 GLY n 
1 41 GLN n 
1 42 PRO n 
1 43 GLY n 
1 44 LEU n 
1 45 MET n 
1 46 ALA n 
1 47 GLN n 
1 48 MET n 
1 49 ALA n 
1 50 THR n 
1 51 THR n 
1 52 ALA n 
1 53 ALA n 
1 54 GLY n 
1 55 VAL n 
1 56 ALA n 
1 57 VAL n 
1 58 GLY n 
1 59 SER n 
1 60 ALA n 
1 61 VAL n 
1 62 GLY n 
1 63 HIS n 
1 64 VAL n 
1 65 MET n 
1 66 GLY n 
1 67 SER n 
1 68 ALA n 
1 69 LEU n 
1 70 THR n 
1 71 GLY n 
1 72 ALA n 
1 73 PHE n 
1 74 SER n 
1 75 GLY n 
1 76 GLY n 
1 77 SER n 
1 78 SER n 
1 79 GLU n 
1 80 PRO n 
1 81 SER n 
1 82 GLN n 
1 83 PRO n 
1 84 ALA n 
1 85 VAL n 
1 86 GLN n 
1 87 GLN n 
1 88 ALA n 
1 89 PRO n 
1 90 THR n 
1 91 PRO n 
1 92 ALA n 
1 93 ALA n 
1 94 PRO n 
1 95 GLN n 
1 96 PRO n 
1 97 LEU n 
1 98 GLN n 
# 
_entity_src_gen.entity_id                          1 
_entity_src_gen.pdbx_src_id                        1 
_entity_src_gen.pdbx_alt_source_flag               sample 
_entity_src_gen.pdbx_seq_type                      'Biological sequence' 
_entity_src_gen.pdbx_beg_seq_num                   1 
_entity_src_gen.pdbx_end_seq_num                   98 
_entity_src_gen.gene_src_common_name               human 
_entity_src_gen.gene_src_genus                     ? 
_entity_src_gen.pdbx_gene_src_gene                 'CHCHD10, C22orf16' 
_entity_src_gen.gene_src_species                   ? 
_entity_src_gen.gene_src_strain                    ? 
_entity_src_gen.gene_src_tissue                    ? 
_entity_src_gen.gene_src_tissue_fraction           ? 
_entity_src_gen.gene_src_details                   ? 
_entity_src_gen.pdbx_gene_src_fragment             ? 
_entity_src_gen.pdbx_gene_src_scientific_name      'Homo sapiens' 
_entity_src_gen.pdbx_gene_src_ncbi_taxonomy_id     9606 
_entity_src_gen.pdbx_gene_src_variant              ? 
_entity_src_gen.pdbx_gene_src_cell_line            ? 
_entity_src_gen.pdbx_gene_src_atcc                 ? 
_entity_src_gen.pdbx_gene_src_organ                ? 
_entity_src_gen.pdbx_gene_src_organelle            ? 
_entity_src_gen.pdbx_gene_src_cell                 ? 
_entity_src_gen.pdbx_gene_src_cellular_location    ? 
_entity_src_gen.host_org_common_name               ? 
_entity_src_gen.pdbx_host_org_scientific_name      'Escherichia coli' 
_entity_src_gen.pdbx_host_org_ncbi_taxonomy_id     562 
_entity_src_gen.host_org_genus                     ? 
_entity_src_gen.pdbx_host_org_gene                 ? 
_entity_src_gen.pdbx_host_org_organ                ? 
_entity_src_gen.host_org_species                   ? 
_entity_src_gen.pdbx_host_org_tissue               ? 
_entity_src_gen.pdbx_host_org_tissue_fraction      ? 
_entity_src_gen.pdbx_host_org_strain               ? 
_entity_src_gen.pdbx_host_org_variant              ? 
_entity_src_gen.pdbx_host_org_cell_line            ? 
_entity_src_gen.pdbx_host_org_atcc                 ? 
_entity_src_gen.pdbx_host_org_culture_collection   ? 
_entity_src_gen.pdbx_host_org_cell                 ? 
_entity_src_gen.pdbx_host_org_organelle            ? 
_entity_src_gen.pdbx_host_org_cellular_location    ? 
_entity_src_gen.pdbx_host_org_vector_type          ? 
_entity_src_gen.pdbx_host_org_vector               ? 
_entity_src_gen.host_org_details                   ? 
_entity_src_gen.expression_system_id               ? 
_entity_src_gen.plasmid_name                       ? 
_entity_src_gen.plasmid_details                    ? 
_entity_src_gen.pdbx_description                   ? 
# 
loop_
_chem_comp.id 
_chem_comp.type 
_chem_comp.mon_nstd_flag 
_chem_comp.name 
_chem_comp.pdbx_synonyms 
_chem_comp.formula 
_chem_comp.formula_weight 
ALA 'L-peptide linking' y ALANINE         ? 'C3 H7 N O2'     89.093  
ARG 'L-peptide linking' y ARGININE        ? 'C6 H15 N4 O2 1' 175.209 
GLN 'L-peptide linking' y GLUTAMINE       ? 'C5 H10 N2 O3'   146.144 
GLU 'L-peptide linking' y 'GLUTAMIC ACID' ? 'C5 H9 N O4'     147.129 
GLY 'peptide linking'   y GLYCINE         ? 'C2 H5 N O2'     75.067  
HIS 'L-peptide linking' y HISTIDINE       ? 'C6 H10 N3 O2 1' 156.162 
LEU 'L-peptide linking' y LEUCINE         ? 'C6 H13 N O2'    131.173 
MET 'L-peptide linking' y METHIONINE      ? 'C5 H11 N O2 S'  149.211 
PHE 'L-peptide linking' y PHENYLALANINE   ? 'C9 H11 N O2'    165.189 
PRO 'L-peptide linking' y PROLINE         ? 'C5 H9 N O2'     115.130 
SER 'L-peptide linking' y SERINE          ? 'C3 H7 N O3'     105.093 
THR 'L-peptide linking' y THREONINE       ? 'C4 H9 N O3'     119.119 
VAL 'L-peptide linking' y VALINE          ? 'C5 H11 N O2'    117.146 
# 
loop_
_pdbx_poly_seq_scheme.asym_id 
_pdbx_poly_seq_scheme.entity_id 
_pdbx_poly_seq_scheme.seq_id 
_pdbx_poly_seq_scheme.mon_id 
_pdbx_poly_seq_scheme.ndb_seq_num 
_pdbx_poly_seq_scheme.pdb_seq_num 
_pdbx_poly_seq_scheme.auth_seq_num 
_pdbx_poly_seq_scheme.pdb_mon_id 
_pdbx_poly_seq_scheme.auth_mon_id 
_pdbx_poly_seq_scheme.pdb_strand_id 
_pdbx_poly_seq_scheme.pdb_ins_code 
_pdbx_poly_seq_scheme.hetero 
A 1 1  MET 1  1  ?  ?   ?   A . n 
A 1 2  PRO 2  2  ?  ?   ?   A . n 
A 1 3  ARG 3  3  ?  ?   ?   A . n 
A 1 4  GLY 4  4  ?  ?   ?   A . n 
A 1 5  SER 5  5  ?  ?   ?   A . n 
A 1 6  ARG 6  6  ?  ?   ?   A . n 
A 1 7  SER 7  7  ?  ?   ?   A . n 
A 1 8  ALA 8  8  ?  ?   ?   A . n 
A 1 9  ALA 9  9  ?  ?   ?   A . n 
A 1 10 SER 10 10 ?  ?   ?   A . n 
A 1 11 ARG 11 11 ?  ?   ?   A . n 
A 1 12 PRO 12 12 ?  ?   ?   A . n 
A 1 13 ALA 13 13 ?  ?   ?   A . n 
A 1 14 SER 14 14 ?  ?   ?   A . n 
A 1 15 ARG 15 15 ?  ?   ?   A . n 
A 1 16 PRO 16 16 ?  ?   ?   A . n 
A 1 17 ALA 17 17 ?  ?   ?   A . n 
A 1 18 ALA 18 18 ?  ?   ?   A . n 
A 1 19 PRO 19 19 ?  ?   ?   A . n 
A 1 20 SER 20 20 ?  ?   ?   A . n 
A 1 21 ALA 21 21 ?  ?   ?   A . n 
A 1 22 HIS 22 22 ?  ?   ?   A . n 
A 1 23 PRO 23 23 ?  ?   ?   A . n 
A 1 24 PRO 24 24 ?  ?   ?   A . n 
A 1 25 ALA 25 25 ?  ?   ?   A . n 
A 1 26 HIS 26 26 ?  ?   ?   A . n 
A 1 27 PRO 27 27 ?  ?   ?   A . n 
A 1 28 PRO 28 28 ?  ?   ?   A . n 
A 1 29 PRO 29 29 ?  ?   ?   A . n 
A 1 30 SER 30 30 ?  ?   ?   A . n 
A 1 31 ALA 31 31 ?  ?   ?   A . n 
A 1 32 ALA 32 32 ?  ?   ?   A . n 
A 1 33 ALA 33 33 ?  ?   ?   A . n 
A 1 34 PRO 34 34 ?  ?   ?   A . n 
A 1 35 ALA 35 35 ?  ?   ?   A . n 
A 1 36 PRO 36 36 ?  ?   ?   A . n 
A 1 37 ALA 37 37 ?  ?   ?   A . n 
A 1 38 PRO 38 38 ?  ?   ?   A . n 
A 1 39 SER 39 39 ?  ?   ?   A . n 
A 1 40 GLY 40 40 ?  ?   ?   A . n 
A 1 41 GLN 41 41 ?  ?   ?   A . n 
A 1 42 PRO 42 42 42 PRO PRO A . n 
A 1 43 GLY 43 43 43 GLY GLY A . n 
A 1 44 LEU 44 44 44 LEU LEU A . n 
A 1 45 MET 45 45 45 MET MET A . n 
A 1 46 ALA 46 46 46 ALA ALA A . n 
A 1 47 GLN 47 47 47 GLN GLN A . n 
A 1 48 MET 48 48 48 MET MET A . n 
A 1 49 ALA 49 49 49 ALA ALA A . n 
A 1 50 THR 50 50 50 THR THR A . n 
A 1 51 THR 51 51 51 THR THR A . n 
A 1 52 ALA 52 52 52 ALA ALA A . n 
A 1 53 ALA 53 53 53 ALA ALA A . n 
A 1 54 GLY 54 54 54 GLY GLY A . n 
A 1 55 VAL 55 55 55 VAL VAL A . n 
A 1 56 ALA 56 56 56 ALA ALA A . n 
A 1 57 VAL 57 57 57 VAL VAL A . n 
A 1 58 GLY 58 58 58 GLY GLY A . n 
A 1 59 SER 59 59 59 SER SER A . n 
A 1 60 ALA 60 60 60 ALA ALA A . n 
A 1 61 VAL 61 61 61 VAL VAL A . n 
A 1 62 GLY 62 62 62 GLY GLY A . n 
A 1 63 HIS 63 63 63 HIS HIS A . n 
A 1 64 VAL 64 64 64 VAL VAL A . n 
A 1 65 MET 65 65 65 MET MET A . n 
A 1 66 GLY 66 66 66 GLY GLY A . n 
A 1 67 SER 67 67 67 SER SER A . n 
A 1 68 ALA 68 68 68 ALA ALA A . n 
A 1 69 LEU 69 69 69 LEU LEU A . n 
A 1 70 THR 70 70 70 THR THR A . n 
A 1 71 GLY 71 71 71 GLY GLY A . n 
A 1 72 ALA 72 72 72 ALA ALA A . n 
A 1 73 PHE 73 73 73 PHE PHE A . n 
A 1 74 SER 74 74 74 SER SER A . n 
A 1 75 GLY 75 75 75 GLY GLY A . n 
A 1 76 GLY 76 76 ?  ?   ?   A . n 
A 1 77 SER 77 77 ?  ?   ?   A . n 
A 1 78 SER 78 78 ?  ?   ?   A . n 
A 1 79 GLU 79 79 ?  ?   ?   A . n 
A 1 80 PRO 80 80 ?  ?   ?   A . n 
A 1 81 SER 81 81 ?  ?   ?   A . n 
A 1 82 GLN 82 82 ?  ?   ?   A . n 
A 1 83 PRO 83 83 ?  ?   ?   A . n 
A 1 84 ALA 84 84 ?  ?   ?   A . n 
A 1 85 VAL 85 85 ?  ?   ?   A . n 
A 1 86 GLN 86 86 ?  ?   ?   A . n 
A 1 87 GLN 87 87 ?  ?   ?   A . n 
A 1 88 ALA 88 88 ?  ?   ?   A . n 
A 1 89 PRO 89 89 ?  ?   ?   A . n 
A 1 90 THR 90 90 ?  ?   ?   A . n 
A 1 91 PRO 91 91 ?  ?   ?   A . n 
A 1 92 ALA 92 92 ?  ?   ?   A . n 
A 1 93 ALA 93 93 ?  ?   ?   A . n 
A 1 94 PRO 94 94 ?  ?   ?   A . n 
A 1 95 GLN 95 95 ?  ?   ?   A . n 
A 1 96 PRO 96 96 ?  ?   ?   A . n 
A 1 97 LEU 97 97 ?  ?   ?   A . n 
A 1 98 GLN 98 98 ?  ?   ?   A . n 
B 1 1  MET 1  1  ?  ?   ?   B . n 
B 1 2  PRO 2  2  ?  ?   ?   B . n 
B 1 3  ARG 3  3  ?  ?   ?   B . n 
B 1 4  GLY 4  4  ?  ?   ?   B . n 
B 1 5  SER 5  5  ?  ?   ?   B . n 
B 1 6  ARG 6  6  ?  ?   ?   B . n 
B 1 7  SER 7  7  ?  ?   ?   B . n 
B 1 8  ALA 8  8  ?  ?   ?   B . n 
B 1 9  ALA 9  9  ?  ?   ?   B . n 
B 1 10 SER 10 10 ?  ?   ?   B . n 
B 1 11 ARG 11 11 ?  ?   ?   B . n 
B 1 12 PRO 12 12 ?  ?   ?   B . n 
B 1 13 ALA 13 13 ?  ?   ?   B . n 
B 1 14 SER 14 14 ?  ?   ?   B . n 
B 1 15 ARG 15 15 ?  ?   ?   B . n 
B 1 16 PRO 16 16 ?  ?   ?   B . n 
B 1 17 ALA 17 17 ?  ?   ?   B . n 
B 1 18 ALA 18 18 ?  ?   ?   B . n 
B 1 19 PRO 19 19 ?  ?   ?   B . n 
B 1 20 SER 20 20 ?  ?   ?   B . n 
B 1 21 ALA 21 21 ?  ?   ?   B . n 
B 1 22 HIS 22 22 ?  ?   ?   B . n 
B 1 23 PRO 23 23 ?  ?   ?   B . n 
B 1 24 PRO 24 24 ?  ?   ?   B . n 
B 1 25 ALA 25 25 ?  ?   ?   B . n 
B 1 26 HIS 26 26 ?  ?   ?   B . n 
B 1 27 PRO 27 27 ?  ?   ?   B . n 
B 1 28 PRO 28 28 ?  ?   ?   B . n 
B 1 29 PRO 29 29 ?  ?   ?   B . n 
B 1 30 SER 30 30 ?  ?   ?   B . n 
B 1 31 ALA 31 31 ?  ?   ?   B . n 
B 1 32 ALA 32 32 ?  ?   ?   B . n 
B 1 33 ALA 33 33 ?  ?   ?   B . n 
B 1 34 PRO 34 34 ?  ?   ?   B . n 
B 1 35 ALA 35 35 ?  ?   ?   B . n 
B 1 36 PRO 36 36 ?  ?   ?   B . n 
B 1 37 ALA 37 37 ?  ?   ?   B . n 
B 1 38 PRO 38 38 ?  ?   ?   B . n 
B 1 39 SER 39 39 ?  ?   ?   B . n 
B 1 40 GLY 40 40 ?  ?   ?   B . n 
B 1 41 GLN 41 41 ?  ?   ?   B . n 
B 1 42 PRO 42 42 42 PRO PRO B . n 
B 1 43 GLY 43 43 43 GLY GLY B . n 
B 1 44 LEU 44 44 44 LEU LEU B . n 
B 1 45 MET 45 45 45 MET MET B . n 
B 1 46 ALA 46 46 46 ALA ALA B . n 
B 1 47 GLN 47 47 47 GLN GLN B . n 
B 1 48 MET 48 48 48 MET MET B . n 
B 1 49 ALA 49 49 49 ALA ALA B . n 
B 1 50 THR 50 50 50 THR THR B . n 
B 1 51 THR 51 51 51 THR THR B . n 
B 1 52 ALA 52 52 52 ALA ALA B . n 
B 1 53 ALA 53 53 53 ALA ALA B . n 
B 1 54 GLY 54 54 54 GLY GLY B . n 
B 1 55 VAL 55 55 55 VAL VAL B . n 
B 1 56 ALA 56 56 56 ALA ALA B . n 
B 1 57 VAL 57 57 57 VAL VAL B . n 
B 1 58 GLY 58 58 58 GLY GLY B . n 
B 1 59 SER 59 59 59 SER SER B . n 
B 1 60 ALA 60 60 60 ALA ALA B . n 
B 1 61 VAL 61 61 61 VAL VAL B . n 
B 1 62 GLY 62 62 62 GLY GLY B . n 
B 1 63 HIS 63 63 63 HIS HIS B . n 
B 1 64 VAL 64 64 64 VAL VAL B . n 
B 1 65 MET 65 65 65 MET MET B . n 
B 1 66 GLY 66 66 66 GLY GLY B . n 
B 1 67 SER 67 67 67 SER SER B . n 
B 1 68 ALA 68 68 68 ALA ALA B . n 
B 1 69 LEU 69 69 69 LEU LEU B . n 
B 1 70 THR 70 70 70 THR THR B . n 
B 1 71 GLY 71 71 71 GLY GLY B . n 
B 1 72 ALA 72 72 72 ALA ALA B . n 
B 1 73 PHE 73 73 73 PHE PHE B . n 
B 1 74 SER 74 74 74 SER SER B . n 
B 1 75 GLY 75 75 75 GLY GLY B . n 
B 1 76 GLY 76 76 ?  ?   ?   B . n 
B 1 77 SER 77 77 ?  ?   ?   B . n 
B 1 78 SER 78 78 ?  ?   ?   B . n 
B 1 79 GLU 79 79 ?  ?   ?   B . n 
B 1 80 PRO 80 80 ?  ?   ?   B . n 
B 1 81 SER 81 81 ?  ?   ?   B . n 
B 1 82 GLN 82 82 ?  ?   ?   B . n 
B 1 83 PRO 83 83 ?  ?   ?   B . n 
B 1 84 ALA 84 84 ?  ?   ?   B . n 
B 1 85 VAL 85 85 ?  ?   ?   B . n 
B 1 86 GLN 86 86 ?  ?   ?   B . n 
B 1 87 GLN 87 87 ?  ?   ?   B . n 
B 1 88 ALA 88 88 ?  ?   ?   B . n 
B 1 89 PRO 89 89 ?  ?   ?   B . n 
B 1 90 THR 90 90 ?  ?   ?   B . n 
B 1 91 PRO 91 91 ?  ?   ?   B . n 
B 1 92 ALA 92 92 ?  ?   ?   B . n 
B 1 93 ALA 93 93 ?  ?   ?   B . n 
B 1 94 PRO 94 94 ?  ?   ?   B . n 
B 1 95 GLN 95 95 ?  ?   ?   B . n 
B 1 96 PRO 96 96 ?  ?   ?   B . n 
B 1 97 LEU 97 97 ?  ?   ?   B . n 
B 1 98 GLN 98 98 ?  ?   ?   B . n 
C 1 1  MET 1  1  ?  ?   ?   C . n 
C 1 2  PRO 2  2  ?  ?   ?   C . n 
C 1 3  ARG 3  3  ?  ?   ?   C . n 
C 1 4  GLY 4  4  ?  ?   ?   C . n 
C 1 5  SER 5  5  ?  ?   ?   C . n 
C 1 6  ARG 6  6  ?  ?   ?   C . n 
C 1 7  SER 7  7  ?  ?   ?   C . n 
C 1 8  ALA 8  8  ?  ?   ?   C . n 
C 1 9  ALA 9  9  ?  ?   ?   C . n 
C 1 10 SER 10 10 ?  ?   ?   C . n 
C 1 11 ARG 11 11 ?  ?   ?   C . n 
C 1 12 PRO 12 12 ?  ?   ?   C . n 
C 1 13 ALA 13 13 ?  ?   ?   C . n 
C 1 14 SER 14 14 ?  ?   ?   C . n 
C 1 15 ARG 15 15 ?  ?   ?   C . n 
C 1 16 PRO 16 16 ?  ?   ?   C . n 
C 1 17 ALA 17 17 ?  ?   ?   C . n 
C 1 18 ALA 18 18 ?  ?   ?   C . n 
C 1 19 PRO 19 19 ?  ?   ?   C . n 
C 1 20 SER 20 20 ?  ?   ?   C . n 
C 1 21 ALA 21 21 ?  ?   ?   C . n 
C 1 22 HIS 22 22 ?  ?   ?   C . n 
C 1 23 PRO 23 23 ?  ?   ?   C . n 
C 1 24 PRO 24 24 ?  ?   ?   C . n 
C 1 25 ALA 25 25 ?  ?   ?   C . n 
C 1 26 HIS 26 26 ?  ?   ?   C . n 
C 1 27 PRO 27 27 ?  ?   ?   C . n 
C 1 28 PRO 28 28 ?  ?   ?   C . n 
C 1 29 PRO 29 29 ?  ?   ?   C . n 
C 1 30 SER 30 30 ?  ?   ?   C . n 
C 1 31 ALA 31 31 ?  ?   ?   C . n 
C 1 32 ALA 32 32 ?  ?   ?   C . n 
C 1 33 ALA 33 33 ?  ?   ?   C . n 
C 1 34 PRO 34 34 ?  ?   ?   C . n 
C 1 35 ALA 35 35 ?  ?   ?   C . n 
C 1 36 PRO 36 36 ?  ?   ?   C . n 
C 1 37 ALA 37 37 ?  ?   ?   C . n 
C 1 38 PRO 38 38 ?  ?   ?   C . n 
C 1 39 SER 39 39 ?  ?   ?   C . n 
C 1 40 GLY 40 40 ?  ?   ?   C . n 
C 1 41 GLN 41 41 ?  ?   ?   C . n 
C 1 42 PRO 42 42 42 PRO PRO C . n 
C 1 43 GLY 43 43 43 GLY GLY C . n 
C 1 44 LEU 44 44 44 LEU LEU C . n 
C 1 45 MET 45 45 45 MET MET C . n 
C 1 46 ALA 46 46 46 ALA ALA C . n 
C 1 47 GLN 47 47 47 GLN GLN C . n 
C 1 48 MET 48 48 48 MET MET C . n 
C 1 49 ALA 49 49 49 ALA ALA C . n 
C 1 50 THR 50 50 50 THR THR C . n 
C 1 51 THR 51 51 51 THR THR C . n 
C 1 52 ALA 52 52 52 ALA ALA C . n 
C 1 53 ALA 53 53 53 ALA ALA C . n 
C 1 54 GLY 54 54 54 GLY GLY C . n 
C 1 55 VAL 55 55 55 VAL VAL C . n 
C 1 56 ALA 56 56 56 ALA ALA C . n 
C 1 57 VAL 57 57 57 VAL VAL C . n 
C 1 58 GLY 58 58 58 GLY GLY C . n 
C 1 59 SER 59 59 59 SER SER C . n 
C 1 60 ALA 60 60 60 ALA ALA C . n 
C 1 61 VAL 61 61 61 VAL VAL C . n 
C 1 62 GLY 62 62 62 GLY GLY C . n 
C 1 63 HIS 63 63 63 HIS HIS C . n 
C 1 64 VAL 64 64 64 VAL VAL C . n 
C 1 65 MET 65 65 65 MET MET C . n 
C 1 66 GLY 66 66 66 GLY GLY C . n 
C 1 67 SER 67 67 67 SER SER C . n 
C 1 68 ALA 68 68 68 ALA ALA C . n 
C 1 69 LEU 69 69 69 LEU LEU C . n 
C 1 70 THR 70 70 70 THR THR C . n 
C 1 71 GLY 71 71 71 GLY GLY C . n 
C 1 72 ALA 72 72 72 ALA ALA C . n 
C 1 73 PHE 73 73 73 PHE PHE C . n 
C 1 74 SER 74 74 74 SER SER C . n 
C 1 75 GLY 75 75 75 GLY GLY C . n 
C 1 76 GLY 76 76 ?  ?   ?   C . n 
C 1 77 SER 77 77 ?  ?   ?   C . n 
C 1 78 SER 78 78 ?  ?   ?   C . n 
C 1 79 GLU 79 79 ?  ?   ?   C . n 
C 1 80 PRO 80 80 ?  ?   ?   C . n 
C 1 81 SER 81 81 ?  ?   ?   C . n 
C 1 82 GLN 82 82 ?  ?   ?   C . n 
C 1 83 PRO 83 83 ?  ?   ?   C . n 
C 1 84 ALA 84 84 ?  ?   ?   C . n 
C 1 85 VAL 85 85 ?  ?   ?   C . n 
C 1 86 GLN 86 86 ?  ?   ?   C . n 
C 1 87 GLN 87 87 ?  ?   ?   C . n 
C 1 88 ALA 88 88 ?  ?   ?   C . n 
C 1 89 PRO 89 89 ?  ?   ?   C . n 
C 1 90 THR 90 90 ?  ?   ?   C . n 
C 1 91 PRO 91 91 ?  ?   ?   C . n 
C 1 92 ALA 92 92 ?  ?   ?   C . n 
C 1 93 ALA 93 93 ?  ?   ?   C . n 
C 1 94 PRO 94 94 ?  ?   ?   C . n 
C 1 95 GLN 95 95 ?  ?   ?   C . n 
C 1 96 PRO 96 96 ?  ?   ?   C . n 
C 1 97 LEU 97 97 ?  ?   ?   C . n 
C 1 98 GLN 98 98 ?  ?   ?   C . n 
D 1 1  MET 1  1  ?  ?   ?   D . n 
D 1 2  PRO 2  2  ?  ?   ?   D . n 
D 1 3  ARG 3  3  ?  ?   ?   D . n 
D 1 4  GLY 4  4  ?  ?   ?   D . n 
D 1 5  SER 5  5  ?  ?   ?   D . n 
D 1 6  ARG 6  6  ?  ?   ?   D . n 
D 1 7  SER 7  7  ?  ?   ?   D . n 
D 1 8  ALA 8  8  ?  ?   ?   D . n 
D 1 9  ALA 9  9  ?  ?   ?   D . n 
D 1 10 SER 10 10 ?  ?   ?   D . n 
D 1 11 ARG 11 11 ?  ?   ?   D . n 
D 1 12 PRO 12 12 ?  ?   ?   D . n 
D 1 13 ALA 13 13 ?  ?   ?   D . n 
D 1 14 SER 14 14 ?  ?   ?   D . n 
D 1 15 ARG 15 15 ?  ?   ?   D . n 
D 1 16 PRO 16 16 ?  ?   ?   D . n 
D 1 17 ALA 17 17 ?  ?   ?   D . n 
D 1 18 ALA 18 18 ?  ?   ?   D . n 
D 1 19 PRO 19 19 ?  ?   ?   D . n 
D 1 20 SER 20 20 ?  ?   ?   D . n 
D 1 21 ALA 21 21 ?  ?   ?   D . n 
D 1 22 HIS 22 22 ?  ?   ?   D . n 
D 1 23 PRO 23 23 ?  ?   ?   D . n 
D 1 24 PRO 24 24 ?  ?   ?   D . n 
D 1 25 ALA 25 25 ?  ?   ?   D . n 
D 1 26 HIS 26 26 ?  ?   ?   D . n 
D 1 27 PRO 27 27 ?  ?   ?   D . n 
D 1 28 PRO 28 28 ?  ?   ?   D . n 
D 1 29 PRO 29 29 ?  ?   ?   D . n 
D 1 30 SER 30 30 ?  ?   ?   D . n 
D 1 31 ALA 31 31 ?  ?   ?   D . n 
D 1 32 ALA 32 32 ?  ?   ?   D . n 
D 1 33 ALA 33 33 ?  ?   ?   D . n 
D 1 34 PRO 34 34 ?  ?   ?   D . n 
D 1 35 ALA 35 35 ?  ?   ?   D . n 
D 1 36 PRO 36 36 ?  ?   ?   D . n 
D 1 37 ALA 37 37 ?  ?   ?   D . n 
D 1 38 PRO 38 38 ?  ?   ?   D . n 
D 1 39 SER 39 39 ?  ?   ?   D . n 
D 1 40 GLY 40 40 ?  ?   ?   D . n 
D 1 41 GLN 41 41 ?  ?   ?   D . n 
D 1 42 PRO 42 42 42 PRO PRO D . n 
D 1 43 GLY 43 43 43 GLY GLY D . n 
D 1 44 LEU 44 44 44 LEU LEU D . n 
D 1 45 MET 45 45 45 MET MET D . n 
D 1 46 ALA 46 46 46 ALA ALA D . n 
D 1 47 GLN 47 47 47 GLN GLN D . n 
D 1 48 MET 48 48 48 MET MET D . n 
D 1 49 ALA 49 49 49 ALA ALA D . n 
D 1 50 THR 50 50 50 THR THR D . n 
D 1 51 THR 51 51 51 THR THR D . n 
D 1 52 ALA 52 52 52 ALA ALA D . n 
D 1 53 ALA 53 53 53 ALA ALA D . n 
D 1 54 GLY 54 54 54 GLY GLY D . n 
D 1 55 VAL 55 55 55 VAL VAL D . n 
D 1 56 ALA 56 56 56 ALA ALA D . n 
D 1 57 VAL 57 57 57 VAL VAL D . n 
D 1 58 GLY 58 58 58 GLY GLY D . n 
D 1 59 SER 59 59 59 SER SER D . n 
D 1 60 ALA 60 60 60 ALA ALA D . n 
D 1 61 VAL 61 61 61 VAL VAL D . n 
D 1 62 GLY 62 62 62 GLY GLY D . n 
D 1 63 HIS 63 63 63 HIS HIS D . n 
D 1 64 VAL 64 64 64 VAL VAL D . n 
D 1 65 MET 65 65 65 MET MET D . n 
D 1 66 GLY 66 66 66 GLY GLY D . n 
D 1 67 SER 67 67 67 SER SER D . n 
D 1 68 ALA 68 68 68 ALA ALA D . n 
D 1 69 LEU 69 69 69 LEU LEU D . n 
D 1 70 THR 70 70 70 THR THR D . n 
D 1 71 GLY 71 71 71 GLY GLY D . n 
D 1 72 ALA 72 72 72 ALA ALA D . n 
D 1 73 PHE 73 73 73 PHE PHE D . n 
D 1 74 SER 74 74 74 SER SER D . n 
D 1 75 GLY 75 75 75 GLY GLY D . n 
D 1 76 GLY 76 76 ?  ?   ?   D . n 
D 1 77 SER 77 77 ?  ?   ?   D . n 
D 1 78 SER 78 78 ?  ?   ?   D . n 
D 1 79 GLU 79 79 ?  ?   ?   D . n 
D 1 80 PRO 80 80 ?  ?   ?   D . n 
D 1 81 SER 81 81 ?  ?   ?   D . n 
D 1 82 GLN 82 82 ?  ?   ?   D . n 
D 1 83 PRO 83 83 ?  ?   ?   D . n 
D 1 84 ALA 84 84 ?  ?   ?   D . n 
D 1 85 VAL 85 85 ?  ?   ?   D . n 
D 1 86 GLN 86 86 ?  ?   ?   D . n 
D 1 87 GLN 87 87 ?  ?   ?   D . n 
D 1 88 ALA 88 88 ?  ?   ?   D . n 
D 1 89 PRO 89 89 ?  ?   ?   D . n 
D 1 90 THR 90 90 ?  ?   ?   D . n 
D 1 91 PRO 91 91 ?  ?   ?   D . n 
D 1 92 ALA 92 92 ?  ?   ?   D . n 
D 1 93 ALA 93 93 ?  ?   ?   D . n 
D 1 94 PRO 94 94 ?  ?   ?   D . n 
D 1 95 GLN 95 95 ?  ?   ?   D . n 
D 1 96 PRO 96 96 ?  ?   ?   D . n 
D 1 97 LEU 97 97 ?  ?   ?   D . n 
D 1 98 GLN 98 98 ?  ?   ?   D . n 
E 1 1  MET 1  1  ?  ?   ?   E . n 
E 1 2  PRO 2  2  ?  ?   ?   E . n 
E 1 3  ARG 3  3  ?  ?   ?   E . n 
E 1 4  GLY 4  4  ?  ?   ?   E . n 
E 1 5  SER 5  5  ?  ?   ?   E . n 
E 1 6  ARG 6  6  ?  ?   ?   E . n 
E 1 7  SER 7  7  ?  ?   ?   E . n 
E 1 8  ALA 8  8  ?  ?   ?   E . n 
E 1 9  ALA 9  9  ?  ?   ?   E . n 
E 1 10 SER 10 10 ?  ?   ?   E . n 
E 1 11 ARG 11 11 ?  ?   ?   E . n 
E 1 12 PRO 12 12 ?  ?   ?   E . n 
E 1 13 ALA 13 13 ?  ?   ?   E . n 
E 1 14 SER 14 14 ?  ?   ?   E . n 
E 1 15 ARG 15 15 ?  ?   ?   E . n 
E 1 16 PRO 16 16 ?  ?   ?   E . n 
E 1 17 ALA 17 17 ?  ?   ?   E . n 
E 1 18 ALA 18 18 ?  ?   ?   E . n 
E 1 19 PRO 19 19 ?  ?   ?   E . n 
E 1 20 SER 20 20 ?  ?   ?   E . n 
E 1 21 ALA 21 21 ?  ?   ?   E . n 
E 1 22 HIS 22 22 ?  ?   ?   E . n 
E 1 23 PRO 23 23 ?  ?   ?   E . n 
E 1 24 PRO 24 24 ?  ?   ?   E . n 
E 1 25 ALA 25 25 ?  ?   ?   E . n 
E 1 26 HIS 26 26 ?  ?   ?   E . n 
E 1 27 PRO 27 27 ?  ?   ?   E . n 
E 1 28 PRO 28 28 ?  ?   ?   E . n 
E 1 29 PRO 29 29 ?  ?   ?   E . n 
E 1 30 SER 30 30 ?  ?   ?   E . n 
E 1 31 ALA 31 31 ?  ?   ?   E . n 
E 1 32 ALA 32 32 ?  ?   ?   E . n 
E 1 33 ALA 33 33 ?  ?   ?   E . n 
E 1 34 PRO 34 34 ?  ?   ?   E . n 
E 1 35 ALA 35 35 ?  ?   ?   E . n 
E 1 36 PRO 36 36 ?  ?   ?   E . n 
E 1 37 ALA 37 37 ?  ?   ?   E . n 
E 1 38 PRO 38 38 ?  ?   ?   E . n 
E 1 39 SER 39 39 ?  ?   ?   E . n 
E 1 40 GLY 40 40 ?  ?   ?   E . n 
E 1 41 GLN 41 41 ?  ?   ?   E . n 
E 1 42 PRO 42 42 42 PRO PRO E . n 
E 1 43 GLY 43 43 43 GLY GLY E . n 
E 1 44 LEU 44 44 44 LEU LEU E . n 
E 1 45 MET 45 45 45 MET MET E . n 
E 1 46 ALA 46 46 46 ALA ALA E . n 
E 1 47 GLN 47 47 47 GLN GLN E . n 
E 1 48 MET 48 48 48 MET MET E . n 
E 1 49 ALA 49 49 49 ALA ALA E . n 
E 1 50 THR 50 50 50 THR THR E . n 
E 1 51 THR 51 51 51 THR THR E . n 
E 1 52 ALA 52 52 52 ALA ALA E . n 
E 1 53 ALA 53 53 53 ALA ALA E . n 
E 1 54 GLY 54 54 54 GLY GLY E . n 
E 1 55 VAL 55 55 55 VAL VAL E . n 
E 1 56 ALA 56 56 56 ALA ALA E . n 
E 1 57 VAL 57 57 57 VAL VAL E . n 
E 1 58 GLY 58 58 58 GLY GLY E . n 
E 1 59 SER 59 59 59 SER SER E . n 
E 1 60 ALA 60 60 60 ALA ALA E . n 
E 1 61 VAL 61 61 61 VAL VAL E . n 
E 1 62 GLY 62 62 62 GLY GLY E . n 
E 1 63 HIS 63 63 63 HIS HIS E . n 
E 1 64 VAL 64 64 64 VAL VAL E . n 
E 1 65 MET 65 65 65 MET MET E . n 
E 1 66 GLY 66 66 66 GLY GLY E . n 
E 1 67 SER 67 67 67 SER SER E . n 
E 1 68 ALA 68 68 68 ALA ALA E . n 
E 1 69 LEU 69 69 69 LEU LEU E . n 
E 1 70 THR 70 70 70 THR THR E . n 
E 1 71 GLY 71 71 71 GLY GLY E . n 
E 1 72 ALA 72 72 72 ALA ALA E . n 
E 1 73 PHE 73 73 73 PHE PHE E . n 
E 1 74 SER 74 74 74 SER SER E . n 
E 1 75 GLY 75 75 75 GLY GLY E . n 
E 1 76 GLY 76 76 ?  ?   ?   E . n 
E 1 77 SER 77 77 ?  ?   ?   E . n 
E 1 78 SER 78 78 ?  ?   ?   E . n 
E 1 79 GLU 79 79 ?  ?   ?   E . n 
E 1 80 PRO 80 80 ?  ?   ?   E . n 
E 1 81 SER 81 81 ?  ?   ?   E . n 
E 1 82 GLN 82 82 ?  ?   ?   E . n 
E 1 83 PRO 83 83 ?  ?   ?   E . n 
E 1 84 ALA 84 84 ?  ?   ?   E . n 
E 1 85 VAL 85 85 ?  ?   ?   E . n 
E 1 86 GLN 86 86 ?  ?   ?   E . n 
E 1 87 GLN 87 87 ?  ?   ?   E . n 
E 1 88 ALA 88 88 ?  ?   ?   E . n 
E 1 89 PRO 89 89 ?  ?   ?   E . n 
E 1 90 THR 90 90 ?  ?   ?   E . n 
E 1 91 PRO 91 91 ?  ?   ?   E . n 
E 1 92 ALA 92 92 ?  ?   ?   E . n 
E 1 93 ALA 93 93 ?  ?   ?   E . n 
E 1 94 PRO 94 94 ?  ?   ?   E . n 
E 1 95 GLN 95 95 ?  ?   ?   E . n 
E 1 96 PRO 96 96 ?  ?   ?   E . n 
E 1 97 LEU 97 97 ?  ?   ?   E . n 
E 1 98 GLN 98 98 ?  ?   ?   E . n 
F 1 1  MET 1  1  ?  ?   ?   F . n 
F 1 2  PRO 2  2  ?  ?   ?   F . n 
F 1 3  ARG 3  3  ?  ?   ?   F . n 
F 1 4  GLY 4  4  ?  ?   ?   F . n 
F 1 5  SER 5  5  ?  ?   ?   F . n 
F 1 6  ARG 6  6  ?  ?   ?   F . n 
F 1 7  SER 7  7  ?  ?   ?   F . n 
F 1 8  ALA 8  8  ?  ?   ?   F . n 
F 1 9  ALA 9  9  ?  ?   ?   F . n 
F 1 10 SER 10 10 ?  ?   ?   F . n 
F 1 11 ARG 11 11 ?  ?   ?   F . n 
F 1 12 PRO 12 12 ?  ?   ?   F . n 
F 1 13 ALA 13 13 ?  ?   ?   F . n 
F 1 14 SER 14 14 ?  ?   ?   F . n 
F 1 15 ARG 15 15 ?  ?   ?   F . n 
F 1 16 PRO 16 16 ?  ?   ?   F . n 
F 1 17 ALA 17 17 ?  ?   ?   F . n 
F 1 18 ALA 18 18 ?  ?   ?   F . n 
F 1 19 PRO 19 19 ?  ?   ?   F . n 
F 1 20 SER 20 20 ?  ?   ?   F . n 
F 1 21 ALA 21 21 ?  ?   ?   F . n 
F 1 22 HIS 22 22 ?  ?   ?   F . n 
F 1 23 PRO 23 23 ?  ?   ?   F . n 
F 1 24 PRO 24 24 ?  ?   ?   F . n 
F 1 25 ALA 25 25 ?  ?   ?   F . n 
F 1 26 HIS 26 26 ?  ?   ?   F . n 
F 1 27 PRO 27 27 ?  ?   ?   F . n 
F 1 28 PRO 28 28 ?  ?   ?   F . n 
F 1 29 PRO 29 29 ?  ?   ?   F . n 
F 1 30 SER 30 30 ?  ?   ?   F . n 
F 1 31 ALA 31 31 ?  ?   ?   F . n 
F 1 32 ALA 32 32 ?  ?   ?   F . n 
F 1 33 ALA 33 33 ?  ?   ?   F . n 
F 1 34 PRO 34 34 ?  ?   ?   F . n 
F 1 35 ALA 35 35 ?  ?   ?   F . n 
F 1 36 PRO 36 36 ?  ?   ?   F . n 
F 1 37 ALA 37 37 ?  ?   ?   F . n 
F 1 38 PRO 38 38 ?  ?   ?   F . n 
F 1 39 SER 39 39 ?  ?   ?   F . n 
F 1 40 GLY 40 40 ?  ?   ?   F . n 
F 1 41 GLN 41 41 ?  ?   ?   F . n 
F 1 42 PRO 42 42 42 PRO PRO F . n 
F 1 43 GLY 43 43 43 GLY GLY F . n 
F 1 44 LEU 44 44 44 LEU LEU F . n 
F 1 45 MET 45 45 45 MET MET F . n 
F 1 46 ALA 46 46 46 ALA ALA F . n 
F 1 47 GLN 47 47 47 GLN GLN F . n 
F 1 48 MET 48 48 48 MET MET F . n 
F 1 49 ALA 49 49 49 ALA ALA F . n 
F 1 50 THR 50 50 50 THR THR F . n 
F 1 51 THR 51 51 51 THR THR F . n 
F 1 52 ALA 52 52 52 ALA ALA F . n 
F 1 53 ALA 53 53 53 ALA ALA F . n 
F 1 54 GLY 54 54 54 GLY GLY F . n 
F 1 55 VAL 55 55 55 VAL VAL F . n 
F 1 56 ALA 56 56 56 ALA ALA F . n 
F 1 57 VAL 57 57 57 VAL VAL F . n 
F 1 58 GLY 58 58 58 GLY GLY F . n 
F 1 59 SER 59 59 59 SER SER F . n 
F 1 60 ALA 60 60 60 ALA ALA F . n 
F 1 61 VAL 61 61 61 VAL VAL F . n 
F 1 62 GLY 62 62 62 GLY GLY F . n 
F 1 63 HIS 63 63 63 HIS HIS F . n 
F 1 64 VAL 64 64 64 VAL VAL F . n 
F 1 65 MET 65 65 65 MET MET F . n 
F 1 66 GLY 66 66 66 GLY GLY F . n 
F 1 67 SER 67 67 67 SER SER F . n 
F 1 68 ALA 68 68 68 ALA ALA F . n 
F 1 69 LEU 69 69 69 LEU LEU F . n 
F 1 70 THR 70 70 70 THR THR F . n 
F 1 71 GLY 71 71 71 GLY GLY F . n 
F 1 72 ALA 72 72 72 ALA ALA F . n 
F 1 73 PHE 73 73 73 PHE PHE F . n 
F 1 74 SER 74 74 74 SER SER F . n 
F 1 75 GLY 75 75 75 GLY GLY F . n 
F 1 76 GLY 76 76 ?  ?   ?   F . n 
F 1 77 SER 77 77 ?  ?   ?   F . n 
F 1 78 SER 78 78 ?  ?   ?   F . n 
F 1 79 GLU 79 79 ?  ?   ?   F . n 
F 1 80 PRO 80 80 ?  ?   ?   F . n 
F 1 81 SER 81 81 ?  ?   ?   F . n 
F 1 82 GLN 82 82 ?  ?   ?   F . n 
F 1 83 PRO 83 83 ?  ?   ?   F . n 
F 1 84 ALA 84 84 ?  ?   ?   F . n 
F 1 85 VAL 85 85 ?  ?   ?   F . n 
F 1 86 GLN 86 86 ?  ?   ?   F . n 
F 1 87 GLN 87 87 ?  ?   ?   F . n 
F 1 88 ALA 88 88 ?  ?   ?   F . n 
F 1 89 PRO 89 89 ?  ?   ?   F . n 
F 1 90 THR 90 90 ?  ?   ?   F . n 
F 1 91 PRO 91 91 ?  ?   ?   F . n 
F 1 92 ALA 92 92 ?  ?   ?   F . n 
F 1 93 ALA 93 93 ?  ?   ?   F . n 
F 1 94 PRO 94 94 ?  ?   ?   F . n 
F 1 95 GLN 95 95 ?  ?   ?   F . n 
F 1 96 PRO 96 96 ?  ?   ?   F . n 
F 1 97 LEU 97 97 ?  ?   ?   F . n 
F 1 98 GLN 98 98 ?  ?   ?   F . n 
# 
_cell.angle_alpha                  90.00 
_cell.angle_alpha_esd              ? 
_cell.angle_beta                   90.00 
_cell.angle_beta_esd               ? 
_cell.angle_gamma                  90.00 
_cell.angle_gamma_esd              ? 
_cell.entry_id                     9CWW 
_cell.details                      ? 
_cell.formula_units_Z              ? 
_cell.length_a                     1.00 
_cell.length_a_esd                 ? 
_cell.length_b                     1.00 
_cell.length_b_esd                 ? 
_cell.length_c                     1.00 
_cell.length_c_esd                 ? 
_cell.volume                       ? 
_cell.volume_esd                   ? 
_cell.Z_PDB                        ? 
_cell.reciprocal_angle_alpha       ? 
_cell.reciprocal_angle_beta        ? 
_cell.reciprocal_angle_gamma       ? 
_cell.reciprocal_angle_alpha_esd   ? 
_cell.reciprocal_angle_beta_esd    ? 
_cell.reciprocal_angle_gamma_esd   ? 
_cell.reciprocal_length_a          ? 
_cell.reciprocal_length_b          ? 
_cell.reciprocal_length_c          ? 
_cell.reciprocal_length_a_esd      ? 
_cell.reciprocal_length_b_esd      ? 
_cell.reciprocal_length_c_esd      ? 
_cell.pdbx_unique_axis             ? 
_cell.pdbx_esd_method              ? 
# 
_symmetry.entry_id                         9CWW 
_symmetry.cell_setting                     ? 
_symmetry.Int_Tables_number                1 
_symmetry.space_group_name_Hall            ? 
_symmetry.space_group_name_H-M             'P 1' 
_symmetry.pdbx_full_space_group_name_H-M   ? 
# 
_exptl.absorpt_coefficient_mu     ? 
_exptl.absorpt_correction_T_max   ? 
_exptl.absorpt_correction_T_min   ? 
_exptl.absorpt_correction_type    ? 
_exptl.absorpt_process_details    ? 
_exptl.entry_id                   9CWW 
_exptl.crystals_number            ? 
_exptl.details                    ? 
_exptl.method                     'ELECTRON MICROSCOPY' 
_exptl.method_details             ? 
# 
_refine.aniso_B[1][1]                            ? 
_refine.aniso_B[1][2]                            ? 
_refine.aniso_B[1][3]                            ? 
_refine.aniso_B[2][2]                            ? 
_refine.aniso_B[2][3]                            ? 
_refine.aniso_B[3][3]                            ? 
_refine.B_iso_max                                ? 
_refine.B_iso_mean                               33.04 
_refine.B_iso_min                                ? 
_refine.correlation_coeff_Fo_to_Fc               ? 
_refine.correlation_coeff_Fo_to_Fc_free          ? 
_refine.details                                  ? 
_refine.diff_density_max                         ? 
_refine.diff_density_max_esd                     ? 
_refine.diff_density_min                         ? 
_refine.diff_density_min_esd                     ? 
_refine.diff_density_rms                         ? 
_refine.diff_density_rms_esd                     ? 
_refine.entry_id                                 9CWW 
_refine.pdbx_refine_id                           'ELECTRON MICROSCOPY' 
_refine.ls_abs_structure_details                 ? 
_refine.ls_abs_structure_Flack                   ? 
_refine.ls_abs_structure_Flack_esd               ? 
_refine.ls_abs_structure_Rogers                  ? 
_refine.ls_abs_structure_Rogers_esd              ? 
_refine.ls_d_res_high                            . 
_refine.ls_d_res_low                             ? 
_refine.ls_extinction_coef                       ? 
_refine.ls_extinction_coef_esd                   ? 
_refine.ls_extinction_expression                 ? 
_refine.ls_extinction_method                     ? 
_refine.ls_goodness_of_fit_all                   ? 
_refine.ls_goodness_of_fit_all_esd               ? 
_refine.ls_goodness_of_fit_obs                   ? 
_refine.ls_goodness_of_fit_obs_esd               ? 
_refine.ls_hydrogen_treatment                    ? 
_refine.ls_matrix_type                           ? 
_refine.ls_number_constraints                    ? 
_refine.ls_number_parameters                     ? 
_refine.ls_number_reflns_all                     ? 
_refine.ls_number_reflns_obs                     ? 
_refine.ls_number_reflns_R_free                  ? 
_refine.ls_number_reflns_R_work                  ? 
_refine.ls_number_restraints                     ? 
_refine.ls_percent_reflns_obs                    ? 
_refine.ls_percent_reflns_R_free                 ? 
_refine.ls_R_factor_all                          ? 
_refine.ls_R_factor_obs                          ? 
_refine.ls_R_factor_R_free                       ? 
_refine.ls_R_factor_R_free_error                 ? 
_refine.ls_R_factor_R_free_error_details         ? 
_refine.ls_R_factor_R_work                       ? 
_refine.ls_R_Fsqd_factor_obs                     ? 
_refine.ls_R_I_factor_obs                        ? 
_refine.ls_redundancy_reflns_all                 ? 
_refine.ls_redundancy_reflns_obs                 ? 
_refine.ls_restrained_S_all                      ? 
_refine.ls_restrained_S_obs                      ? 
_refine.ls_shift_over_esd_max                    ? 
_refine.ls_shift_over_esd_mean                   ? 
_refine.ls_structure_factor_coef                 ? 
_refine.ls_weighting_details                     ? 
_refine.ls_weighting_scheme                      ? 
_refine.ls_wR_factor_all                         ? 
_refine.ls_wR_factor_obs                         ? 
_refine.ls_wR_factor_R_free                      ? 
_refine.ls_wR_factor_R_work                      ? 
_refine.occupancy_max                            ? 
_refine.occupancy_min                            ? 
_refine.solvent_model_details                    ? 
_refine.solvent_model_param_bsol                 ? 
_refine.solvent_model_param_ksol                 ? 
_refine.pdbx_R_complete                          ? 
_refine.ls_R_factor_gt                           ? 
_refine.ls_goodness_of_fit_gt                    ? 
_refine.ls_goodness_of_fit_ref                   ? 
_refine.ls_shift_over_su_max                     ? 
_refine.ls_shift_over_su_max_lt                  ? 
_refine.ls_shift_over_su_mean                    ? 
_refine.ls_shift_over_su_mean_lt                 ? 
_refine.pdbx_ls_sigma_I                          ? 
_refine.pdbx_ls_sigma_F                          ? 
_refine.pdbx_ls_sigma_Fsqd                       ? 
_refine.pdbx_data_cutoff_high_absF               ? 
_refine.pdbx_data_cutoff_high_rms_absF           ? 
_refine.pdbx_data_cutoff_low_absF                ? 
_refine.pdbx_isotropic_thermal_model             ? 
_refine.pdbx_ls_cross_valid_method               NONE 
_refine.pdbx_method_to_determine_struct          ? 
_refine.pdbx_starting_model                      ? 
_refine.pdbx_stereochemistry_target_values       'GeoStd + Monomer Library + CDL v1.2' 
_refine.pdbx_R_Free_selection_details            ? 
_refine.pdbx_stereochem_target_val_spec_case     ? 
_refine.pdbx_overall_ESU_R                       ? 
_refine.pdbx_overall_ESU_R_Free                  ? 
_refine.pdbx_solvent_vdw_probe_radii             ? 
_refine.pdbx_solvent_ion_probe_radii             ? 
_refine.pdbx_solvent_shrinkage_radii             ? 
_refine.pdbx_real_space_R                        ? 
_refine.pdbx_density_correlation                 ? 
_refine.pdbx_pd_number_of_powder_patterns        ? 
_refine.pdbx_pd_number_of_points                 ? 
_refine.pdbx_pd_meas_number_of_points            ? 
_refine.pdbx_pd_proc_ls_prof_R_factor            ? 
_refine.pdbx_pd_proc_ls_prof_wR_factor           ? 
_refine.pdbx_pd_Marquardt_correlation_coeff      ? 
_refine.pdbx_pd_Fsqrd_R_factor                   ? 
_refine.pdbx_pd_ls_matrix_band_width             ? 
_refine.pdbx_overall_phase_error                 ? 
_refine.pdbx_overall_SU_R_free_Cruickshank_DPI   ? 
_refine.pdbx_overall_SU_R_free_Blow_DPI          ? 
_refine.pdbx_overall_SU_R_Blow_DPI               ? 
_refine.pdbx_TLS_residual_ADP_flag               ? 
_refine.pdbx_diffrn_id                           ? 
_refine.overall_SU_B                             ? 
_refine.overall_SU_ML                            ? 
_refine.overall_SU_R_Cruickshank_DPI             ? 
_refine.overall_SU_R_free                        ? 
_refine.overall_FOM_free_R_set                   ? 
_refine.overall_FOM_work_R_set                   ? 
_refine.pdbx_average_fsc_overall                 ? 
_refine.pdbx_average_fsc_work                    ? 
_refine.pdbx_average_fsc_free                    ? 
# 
loop_
_refine_ls_restr.pdbx_refine_id 
_refine_ls_restr.criterion 
_refine_ls_restr.dev_ideal 
_refine_ls_restr.dev_ideal_target 
_refine_ls_restr.number 
_refine_ls_restr.rejects 
_refine_ls_restr.type 
_refine_ls_restr.weight 
_refine_ls_restr.pdbx_restraint_function 
'ELECTRON MICROSCOPY' ? 0.0015 ? 1284 ? f_bond_d           ? ? 
'ELECTRON MICROSCOPY' ? 0.4682 ? 1728 ? f_angle_d          ? ? 
'ELECTRON MICROSCOPY' ? 0.0443 ? 216  ? f_chiral_restr     ? ? 
'ELECTRON MICROSCOPY' ? 0.0010 ? 216  ? f_plane_restr      ? ? 
'ELECTRON MICROSCOPY' ? 4.9466 ? 198  ? f_dihedral_angle_d ? ? 
# 
loop_
_refine_ls_restr_ncs.pdbx_ordinal 
_refine_ls_restr_ncs.pdbx_refine_id 
_refine_ls_restr_ncs.dom_id 
_refine_ls_restr_ncs.pdbx_ens_id 
_refine_ls_restr_ncs.rms_dev_position 
_refine_ls_restr_ncs.weight_position 
_refine_ls_restr_ncs.rms_dev_B_iso 
_refine_ls_restr_ncs.weight_B_iso 
_refine_ls_restr_ncs.pdbx_type 
_refine_ls_restr_ncs.pdbx_asym_id 
_refine_ls_restr_ncs.pdbx_auth_asym_id 
_refine_ls_restr_ncs.pdbx_number 
_refine_ls_restr_ncs.pdbx_rms 
_refine_ls_restr_ncs.pdbx_weight 
_refine_ls_restr_ncs.ncs_model_details 
1 'ELECTRON MICROSCOPY' d_2 ens_1 1.61437152943e-12 ? ? ? 'NCS constraints' C C ? ? ? ? 
2 'ELECTRON MICROSCOPY' d_3 ens_1 1.71380008665e-13 ? ? ? 'NCS constraints' C C ? ? ? ? 
3 'ELECTRON MICROSCOPY' d_4 ens_1 1.47399452758e-13 ? ? ? 'NCS constraints' C C ? ? ? ? 
4 'ELECTRON MICROSCOPY' d_5 ens_1 7.90684947565e-14 ? ? ? 'NCS constraints' C C ? ? ? ? 
5 'ELECTRON MICROSCOPY' d_6 ens_1 1.16953807946e-13 ? ? ? 'NCS constraints' C C ? ? ? ? 
# 
loop_
_struct_ncs_oper.id 
_struct_ncs_oper.code 
_struct_ncs_oper.matrix[1][1] 
_struct_ncs_oper.matrix[1][2] 
_struct_ncs_oper.matrix[1][3] 
_struct_ncs_oper.matrix[2][1] 
_struct_ncs_oper.matrix[2][2] 
_struct_ncs_oper.matrix[2][3] 
_struct_ncs_oper.matrix[3][1] 
_struct_ncs_oper.matrix[3][2] 
_struct_ncs_oper.matrix[3][3] 
_struct_ncs_oper.vector[1] 
_struct_ncs_oper.vector[2] 
_struct_ncs_oper.vector[3] 
_struct_ncs_oper.details 
1 given 0.999383809150  0.013063358439 -0.032578377414 -0.013005351905 0.999913443033 0.001991799248 0.032601577115 -0.001566878656 0.999467199092  0.90481911119 4.55581318721 1.35321904876  ? 
2 given 0.997117484346  0.027538734287 -0.070698942876 -0.026422324630 0.999511731178 0.016678129374 0.071123717360 -0.014762023985 0.997358260344  1.8720737434  8.8549498487  2.5950057258   ? 
3 given -0.924250366900 0.328488045853 0.194568401894  0.381486330812  0.774376264911 0.504786667560 0.015147233671 0.540774448429  -0.84103124629  2.063223364   11.084119007  3.35807223     ? 
4 given -0.927406067322 0.339687126178 0.156622612043  0.370315346558  0.774703136775 0.512544236116 0.052768649766 0.533336391203  -0.844255745270 1.22217159    6.650763791   2.05607301219  ? 
5 given -0.926097706403 0.359101923937 0.115710182875  0.365882879029  0.780006091199 0.507661517674 0.092047580249 0.512480541990  -0.853751097834 0.281041295   2.220883685   0.652098270678 ? 
# 
loop_
_struct_ncs_dom.pdbx_ens_id 
_struct_ncs_dom.id 
_struct_ncs_dom.details 
ens_1 d_1 
;chain "C"
;
ens_1 d_2 
;chain "B"
;
ens_1 d_3 
;chain "A"
;
ens_1 d_4 
;chain "D"
;
ens_1 d_5 
;chain "E"
;
ens_1 d_6 
;chain "F"
;
# 
loop_
_struct_ncs_dom_lim.pdbx_ens_id 
_struct_ncs_dom_lim.dom_id 
_struct_ncs_dom_lim.pdbx_component_id 
_struct_ncs_dom_lim.beg_label_asym_id 
_struct_ncs_dom_lim.beg_label_comp_id 
_struct_ncs_dom_lim.beg_label_seq_id 
_struct_ncs_dom_lim.beg_label_alt_id 
_struct_ncs_dom_lim.end_label_asym_id 
_struct_ncs_dom_lim.end_label_comp_id 
_struct_ncs_dom_lim.end_label_seq_id 
_struct_ncs_dom_lim.end_label_alt_id 
_struct_ncs_dom_lim.beg_auth_asym_id 
_struct_ncs_dom_lim.beg_auth_comp_id 
_struct_ncs_dom_lim.beg_auth_seq_id 
_struct_ncs_dom_lim.end_auth_asym_id 
_struct_ncs_dom_lim.end_auth_comp_id 
_struct_ncs_dom_lim.end_auth_seq_id 
_struct_ncs_dom_lim.pdbx_refine_code 
_struct_ncs_dom_lim.selection_details 
ens_1 d_1 1 C PRO 42 . C GLY 75 . C PRO 42 C GLY 75 ? ? 
ens_1 d_2 1 B PRO 42 . B GLY 75 . B PRO 42 B GLY 75 ? ? 
ens_1 d_3 1 A PRO 42 . A GLY 75 . A PRO 42 A GLY 75 ? ? 
ens_1 d_4 1 D PRO 42 . D GLY 75 . D PRO 42 D GLY 75 ? ? 
ens_1 d_5 1 E PRO 42 . E GLY 75 . E PRO 42 E GLY 75 ? ? 
ens_1 d_6 1 F PRO 42 . F GLY 75 . F PRO 42 F GLY 75 ? ? 
# 
_struct_ncs_ens.id        ens_1 
_struct_ncs_ens.details   ? 
# 
loop_
_struct_ncs_ens_gen.ens_id 
_struct_ncs_ens_gen.dom_id_1 
_struct_ncs_ens_gen.dom_id_2 
_struct_ncs_ens_gen.oper_id 
ens_1 d_2 d_1 1 
ens_1 d_3 d_1 2 
ens_1 d_4 d_1 3 
ens_1 d_5 d_1 4 
ens_1 d_6 d_1 5 
# 
_struct.entry_id                     9CWW 
_struct.title                        'Structure of D10-NT amyloid fibrils' 
_struct.pdbx_model_details           ? 
_struct.pdbx_formula_weight          ? 
_struct.pdbx_formula_weight_method   ? 
_struct.pdbx_model_type_details      ? 
_struct.pdbx_CASP_flag               N 
# 
_struct_keywords.entry_id        9CWW 
_struct_keywords.text            'CHCHD10, Amyloid Fibril, PROTEIN FIBRIL' 
_struct_keywords.pdbx_keywords   'PROTEIN FIBRIL' 
# 
loop_
_struct_asym.id 
_struct_asym.pdbx_blank_PDB_chainid_flag 
_struct_asym.pdbx_modified 
_struct_asym.entity_id 
_struct_asym.details 
A N N 1 ? 
B N N 1 ? 
C N N 1 ? 
D N N 1 ? 
E N N 1 ? 
F N N 1 ? 
# 
_struct_ref.id                         1 
_struct_ref.db_name                    UNP 
_struct_ref.db_code                    CHC10_HUMAN 
_struct_ref.pdbx_db_accession          Q8WYQ3 
_struct_ref.pdbx_db_isoform            ? 
_struct_ref.entity_id                  1 
_struct_ref.pdbx_seq_one_letter_code   
;MPRGSRSAASRPASRPAAPSAHPPAHPPPSAAAPAPAPSGQPGLMAQMATTAAGVAVGSAVGHVMGSALTGAFSGGSSEP
SQPAVQQAPTPAAPQPLQ
;
_struct_ref.pdbx_align_begin           1 
# 
loop_
_struct_ref_seq.align_id 
_struct_ref_seq.ref_id 
_struct_ref_seq.pdbx_PDB_id_code 
_struct_ref_seq.pdbx_strand_id 
_struct_ref_seq.seq_align_beg 
_struct_ref_seq.pdbx_seq_align_beg_ins_code 
_struct_ref_seq.seq_align_end 
_struct_ref_seq.pdbx_seq_align_end_ins_code 
_struct_ref_seq.pdbx_db_accession 
_struct_ref_seq.db_align_beg 
_struct_ref_seq.pdbx_db_align_beg_ins_code 
_struct_ref_seq.db_align_end 
_struct_ref_seq.pdbx_db_align_end_ins_code 
_struct_ref_seq.pdbx_auth_seq_align_beg 
_struct_ref_seq.pdbx_auth_seq_align_end 
1 1 9CWW A 1 ? 98 ? Q8WYQ3 1 ? 98 ? 1 98 
2 1 9CWW B 1 ? 98 ? Q8WYQ3 1 ? 98 ? 1 98 
3 1 9CWW C 1 ? 98 ? Q8WYQ3 1 ? 98 ? 1 98 
4 1 9CWW D 1 ? 98 ? Q8WYQ3 1 ? 98 ? 1 98 
5 1 9CWW E 1 ? 98 ? Q8WYQ3 1 ? 98 ? 1 98 
6 1 9CWW F 1 ? 98 ? Q8WYQ3 1 ? 98 ? 1 98 
# 
_pdbx_struct_assembly.id                   1 
_pdbx_struct_assembly.details              author_defined_assembly 
_pdbx_struct_assembly.method_details       ? 
_pdbx_struct_assembly.oligomeric_details   hexameric 
_pdbx_struct_assembly.oligomeric_count     6 
# 
_pdbx_struct_assembly_gen.assembly_id       1 
_pdbx_struct_assembly_gen.oper_expression   1 
_pdbx_struct_assembly_gen.asym_id_list      A,B,C,D,E,F 
# 
_pdbx_struct_assembly_auth_evidence.id                     1 
_pdbx_struct_assembly_auth_evidence.assembly_id            1 
_pdbx_struct_assembly_auth_evidence.experimental_support   'electron microscopy' 
_pdbx_struct_assembly_auth_evidence.details                'not applicable' 
# 
_pdbx_struct_oper_list.id                   1 
_pdbx_struct_oper_list.type                 'identity operation' 
_pdbx_struct_oper_list.name                 1_555 
_pdbx_struct_oper_list.symmetry_operation   ? 
_pdbx_struct_oper_list.matrix[1][1]         1.0000000000 
_pdbx_struct_oper_list.matrix[1][2]         0.0000000000 
_pdbx_struct_oper_list.matrix[1][3]         0.0000000000 
_pdbx_struct_oper_list.vector[1]            0.0000000000 
_pdbx_struct_oper_list.matrix[2][1]         0.0000000000 
_pdbx_struct_oper_list.matrix[2][2]         1.0000000000 
_pdbx_struct_oper_list.matrix[2][3]         0.0000000000 
_pdbx_struct_oper_list.vector[2]            0.0000000000 
_pdbx_struct_oper_list.matrix[3][1]         0.0000000000 
_pdbx_struct_oper_list.matrix[3][2]         0.0000000000 
_pdbx_struct_oper_list.matrix[3][3]         1.0000000000 
_pdbx_struct_oper_list.vector[3]            0.0000000000 
# 
loop_
_struct_sheet.id 
_struct_sheet.type 
_struct_sheet.number_strands 
_struct_sheet.details 
AA1 ? 3 ? 
AA2 ? 3 ? 
AA3 ? 3 ? 
AA4 ? 3 ? 
AA5 ? 3 ? 
AA6 ? 3 ? 
# 
loop_
_struct_sheet_order.sheet_id 
_struct_sheet_order.range_id_1 
_struct_sheet_order.range_id_2 
_struct_sheet_order.offset 
_struct_sheet_order.sense 
AA1 1 2 ? parallel 
AA1 2 3 ? parallel 
AA2 1 2 ? parallel 
AA2 2 3 ? parallel 
AA3 1 2 ? parallel 
AA3 2 3 ? parallel 
AA4 1 2 ? parallel 
AA4 2 3 ? parallel 
AA5 1 2 ? parallel 
AA5 2 3 ? parallel 
AA6 1 2 ? parallel 
AA6 2 3 ? parallel 
# 
loop_
_struct_sheet_range.sheet_id 
_struct_sheet_range.id 
_struct_sheet_range.beg_label_comp_id 
_struct_sheet_range.beg_label_asym_id 
_struct_sheet_range.beg_label_seq_id 
_struct_sheet_range.pdbx_beg_PDB_ins_code 
_struct_sheet_range.end_label_comp_id 
_struct_sheet_range.end_label_asym_id 
_struct_sheet_range.end_label_seq_id 
_struct_sheet_range.pdbx_end_PDB_ins_code 
_struct_sheet_range.beg_auth_comp_id 
_struct_sheet_range.beg_auth_asym_id 
_struct_sheet_range.beg_auth_seq_id 
_struct_sheet_range.end_auth_comp_id 
_struct_sheet_range.end_auth_asym_id 
_struct_sheet_range.end_auth_seq_id 
AA1 1 MET A 45 ? VAL A 57 ? MET A 45 VAL A 57 
AA1 2 MET B 45 ? VAL B 57 ? MET B 45 VAL B 57 
AA1 3 MET C 45 ? VAL C 57 ? MET C 45 VAL C 57 
AA2 1 ALA A 60 ? VAL A 61 ? ALA A 60 VAL A 61 
AA2 2 ALA B 60 ? VAL B 61 ? ALA B 60 VAL B 61 
AA2 3 ALA C 60 ? VAL C 61 ? ALA C 60 VAL C 61 
AA3 1 VAL A 64 ? ALA A 72 ? VAL A 64 ALA A 72 
AA3 2 VAL B 64 ? ALA B 72 ? VAL B 64 ALA B 72 
AA3 3 VAL C 64 ? ALA C 72 ? VAL C 64 ALA C 72 
AA4 1 MET D 45 ? VAL D 57 ? MET D 45 VAL D 57 
AA4 2 MET E 45 ? VAL E 57 ? MET E 45 VAL E 57 
AA4 3 MET F 45 ? VAL F 57 ? MET F 45 VAL F 57 
AA5 1 ALA D 60 ? VAL D 61 ? ALA D 60 VAL D 61 
AA5 2 ALA E 60 ? VAL E 61 ? ALA E 60 VAL E 61 
AA5 3 ALA F 60 ? VAL F 61 ? ALA F 60 VAL F 61 
AA6 1 VAL D 64 ? ALA D 72 ? VAL D 64 ALA D 72 
AA6 2 VAL E 64 ? ALA E 72 ? VAL E 64 ALA E 72 
AA6 3 VAL F 64 ? ALA F 72 ? VAL F 64 ALA F 72 
# 
loop_
_pdbx_struct_sheet_hbond.sheet_id 
_pdbx_struct_sheet_hbond.range_id_1 
_pdbx_struct_sheet_hbond.range_id_2 
_pdbx_struct_sheet_hbond.range_1_label_atom_id 
_pdbx_struct_sheet_hbond.range_1_label_comp_id 
_pdbx_struct_sheet_hbond.range_1_label_asym_id 
_pdbx_struct_sheet_hbond.range_1_label_seq_id 
_pdbx_struct_sheet_hbond.range_1_PDB_ins_code 
_pdbx_struct_sheet_hbond.range_1_auth_atom_id 
_pdbx_struct_sheet_hbond.range_1_auth_comp_id 
_pdbx_struct_sheet_hbond.range_1_auth_asym_id 
_pdbx_struct_sheet_hbond.range_1_auth_seq_id 
_pdbx_struct_sheet_hbond.range_2_label_atom_id 
_pdbx_struct_sheet_hbond.range_2_label_comp_id 
_pdbx_struct_sheet_hbond.range_2_label_asym_id 
_pdbx_struct_sheet_hbond.range_2_label_seq_id 
_pdbx_struct_sheet_hbond.range_2_PDB_ins_code 
_pdbx_struct_sheet_hbond.range_2_auth_atom_id 
_pdbx_struct_sheet_hbond.range_2_auth_comp_id 
_pdbx_struct_sheet_hbond.range_2_auth_asym_id 
_pdbx_struct_sheet_hbond.range_2_auth_seq_id 
AA1 1 2 N VAL A 57 ? N VAL A 57 O ALA B 56 ? O ALA B 56 
AA1 2 3 N VAL B 57 ? N VAL B 57 O ALA C 56 ? O ALA C 56 
AA2 1 2 N ALA A 60 ? N ALA A 60 O VAL B 61 ? O VAL B 61 
AA2 2 3 N ALA B 60 ? N ALA B 60 O VAL C 61 ? O VAL C 61 
AA3 1 2 N GLY A 71 ? N GLY A 71 O THR B 70 ? O THR B 70 
AA3 2 3 N GLY B 71 ? N GLY B 71 O THR C 70 ? O THR C 70 
AA4 1 2 N VAL D 57 ? N VAL D 57 O ALA E 56 ? O ALA E 56 
AA4 2 3 N VAL E 57 ? N VAL E 57 O ALA F 56 ? O ALA F 56 
AA5 1 2 N ALA D 60 ? N ALA D 60 O VAL E 61 ? O VAL E 61 
AA5 2 3 N ALA E 60 ? N ALA E 60 O VAL F 61 ? O VAL F 61 
AA6 1 2 N GLY D 71 ? N GLY D 71 O THR E 70 ? O THR E 70 
AA6 2 3 N GLY E 71 ? N GLY E 71 O THR F 70 ? O THR F 70 
# 
_pdbx_entry_details.entry_id                   9CWW 
_pdbx_entry_details.compound_details           ? 
_pdbx_entry_details.source_details             ? 
_pdbx_entry_details.nonpolymer_details         ? 
_pdbx_entry_details.sequence_details           ? 
_pdbx_entry_details.has_ligand_of_interest     ? 
_pdbx_entry_details.has_protein_modification   N 
# 
_space_group_symop.id              1 
_space_group_symop.operation_xyz   x,y,z 
# 
_em_3d_fitting.id                1 
_em_3d_fitting.entry_id          9CWW 
_em_3d_fitting.method            ? 
_em_3d_fitting.target_criteria   ? 
_em_3d_fitting.details           ? 
_em_3d_fitting.overall_b_value   ? 
_em_3d_fitting.ref_space         ? 
_em_3d_fitting.ref_protocol      ? 
# 
_em_3d_reconstruction.entry_id                    9CWW 
_em_3d_reconstruction.id                          1 
_em_3d_reconstruction.method                      ? 
_em_3d_reconstruction.algorithm                   ? 
_em_3d_reconstruction.citation_id                 ? 
_em_3d_reconstruction.details                     ? 
_em_3d_reconstruction.resolution                  2.3 
_em_3d_reconstruction.resolution_method           'FSC 0.143 CUT-OFF' 
_em_3d_reconstruction.magnification_calibration   ? 
_em_3d_reconstruction.nominal_pixel_size          ? 
_em_3d_reconstruction.actual_pixel_size           ? 
_em_3d_reconstruction.num_particles               667405 
_em_3d_reconstruction.euler_angles_details        ? 
_em_3d_reconstruction.num_class_averages          ? 
_em_3d_reconstruction.refinement_type             ? 
_em_3d_reconstruction.image_processing_id         1 
_em_3d_reconstruction.symmetry_type               HELICAL 
# 
_em_buffer.id            1 
_em_buffer.specimen_id   1 
_em_buffer.name          ? 
_em_buffer.details       ? 
_em_buffer.pH            8.0 
# 
_em_entity_assembly.id                   1 
_em_entity_assembly.parent_id            0 
_em_entity_assembly.source               RECOMBINANT 
_em_entity_assembly.type                 COMPLEX 
_em_entity_assembly.name                 CHCHD10 
_em_entity_assembly.details              ? 
_em_entity_assembly.synonym              ? 
_em_entity_assembly.oligomeric_details   ? 
_em_entity_assembly.entity_id_list       1 
# 
_em_imaging.entry_id                        9CWW 
_em_imaging.id                              1 
_em_imaging.astigmatism                     ? 
_em_imaging.electron_beam_tilt_params       ? 
_em_imaging.residual_tilt                   ? 
_em_imaging.microscope_model                'FEI TITAN KRIOS' 
_em_imaging.specimen_holder_type            ? 
_em_imaging.specimen_holder_model           ? 
_em_imaging.details                         ? 
_em_imaging.date                            ? 
_em_imaging.accelerating_voltage            300 
_em_imaging.illumination_mode               'FLOOD BEAM' 
_em_imaging.mode                            'BRIGHT FIELD' 
_em_imaging.nominal_cs                      0.01 
_em_imaging.nominal_defocus_min             900 
_em_imaging.nominal_defocus_max             2200 
_em_imaging.calibrated_defocus_min          ? 
_em_imaging.calibrated_defocus_max          ? 
_em_imaging.tilt_angle_min                  ? 
_em_imaging.tilt_angle_max                  ? 
_em_imaging.nominal_magnification           64000 
_em_imaging.calibrated_magnification        ? 
_em_imaging.electron_source                 'FIELD EMISSION GUN' 
_em_imaging.citation_id                     ? 
_em_imaging.temperature                     ? 
_em_imaging.detector_distance               ? 
_em_imaging.recording_temperature_minimum   ? 
_em_imaging.recording_temperature_maximum   ? 
_em_imaging.alignment_procedure             ? 
_em_imaging.c2_aperture_diameter            ? 
_em_imaging.specimen_id                     1 
_em_imaging.cryogen                         NITROGEN 
# 
_em_sample_support.id               1 
_em_sample_support.film_material    ? 
_em_sample_support.method           ? 
_em_sample_support.grid_material    COPPER 
_em_sample_support.grid_mesh_size   300 
_em_sample_support.grid_type        'Quantifoil R1.2/1.3' 
_em_sample_support.details          ? 
_em_sample_support.specimen_id      1 
_em_sample_support.citation_id      ? 
# 
_em_vitrification.entry_id              9CWW 
_em_vitrification.id                    1 
_em_vitrification.specimen_id           1 
_em_vitrification.cryogen_name          ETHANE 
_em_vitrification.humidity              100 
_em_vitrification.temp                  ? 
_em_vitrification.chamber_temperature   293.15 
_em_vitrification.instrument            'FEI VITROBOT MARK IV' 
_em_vitrification.method                ? 
_em_vitrification.time_resolved_state   ? 
_em_vitrification.citation_id           ? 
_em_vitrification.details               ? 
# 
_em_experiment.entry_id                9CWW 
_em_experiment.id                      1 
_em_experiment.reconstruction_method   HELICAL 
_em_experiment.aggregation_state       FILAMENT 
_em_experiment.entity_assembly_id      1 
# 
loop_
_pdbx_unobs_or_zero_occ_residues.id 
_pdbx_unobs_or_zero_occ_residues.PDB_model_num 
_pdbx_unobs_or_zero_occ_residues.polymer_flag 
_pdbx_unobs_or_zero_occ_residues.occupancy_flag 
_pdbx_unobs_or_zero_occ_residues.auth_asym_id 
_pdbx_unobs_or_zero_occ_residues.auth_comp_id 
_pdbx_unobs_or_zero_occ_residues.auth_seq_id 
_pdbx_unobs_or_zero_occ_residues.PDB_ins_code 
_pdbx_unobs_or_zero_occ_residues.label_asym_id 
_pdbx_unobs_or_zero_occ_residues.label_comp_id 
_pdbx_unobs_or_zero_occ_residues.label_seq_id 
1   1 Y 1 A MET 1  ? A MET 1  
2   1 Y 1 A PRO 2  ? A PRO 2  
3   1 Y 1 A ARG 3  ? A ARG 3  
4   1 Y 1 A GLY 4  ? A GLY 4  
5   1 Y 1 A SER 5  ? A SER 5  
6   1 Y 1 A ARG 6  ? A ARG 6  
7   1 Y 1 A SER 7  ? A SER 7  
8   1 Y 1 A ALA 8  ? A ALA 8  
9   1 Y 1 A ALA 9  ? A ALA 9  
10  1 Y 1 A SER 10 ? A SER 10 
11  1 Y 1 A ARG 11 ? A ARG 11 
12  1 Y 1 A PRO 12 ? A PRO 12 
13  1 Y 1 A ALA 13 ? A ALA 13 
14  1 Y 1 A SER 14 ? A SER 14 
15  1 Y 1 A ARG 15 ? A ARG 15 
16  1 Y 1 A PRO 16 ? A PRO 16 
17  1 Y 1 A ALA 17 ? A ALA 17 
18  1 Y 1 A ALA 18 ? A ALA 18 
19  1 Y 1 A PRO 19 ? A PRO 19 
20  1 Y 1 A SER 20 ? A SER 20 
21  1 Y 1 A ALA 21 ? A ALA 21 
22  1 Y 1 A HIS 22 ? A HIS 22 
23  1 Y 1 A PRO 23 ? A PRO 23 
24  1 Y 1 A PRO 24 ? A PRO 24 
25  1 Y 1 A ALA 25 ? A ALA 25 
26  1 Y 1 A HIS 26 ? A HIS 26 
27  1 Y 1 A PRO 27 ? A PRO 27 
28  1 Y 1 A PRO 28 ? A PRO 28 
29  1 Y 1 A PRO 29 ? A PRO 29 
30  1 Y 1 A SER 30 ? A SER 30 
31  1 Y 1 A ALA 31 ? A ALA 31 
32  1 Y 1 A ALA 32 ? A ALA 32 
33  1 Y 1 A ALA 33 ? A ALA 33 
34  1 Y 1 A PRO 34 ? A PRO 34 
35  1 Y 1 A ALA 35 ? A ALA 35 
36  1 Y 1 A PRO 36 ? A PRO 36 
37  1 Y 1 A ALA 37 ? A ALA 37 
38  1 Y 1 A PRO 38 ? A PRO 38 
39  1 Y 1 A SER 39 ? A SER 39 
40  1 Y 1 A GLY 40 ? A GLY 40 
41  1 Y 1 A GLN 41 ? A GLN 41 
42  1 Y 1 A GLY 76 ? A GLY 76 
43  1 Y 1 A SER 77 ? A SER 77 
44  1 Y 1 A SER 78 ? A SER 78 
45  1 Y 1 A GLU 79 ? A GLU 79 
46  1 Y 1 A PRO 80 ? A PRO 80 
47  1 Y 1 A SER 81 ? A SER 81 
48  1 Y 1 A GLN 82 ? A GLN 82 
49  1 Y 1 A PRO 83 ? A PRO 83 
50  1 Y 1 A ALA 84 ? A ALA 84 
51  1 Y 1 A VAL 85 ? A VAL 85 
52  1 Y 1 A GLN 86 ? A GLN 86 
53  1 Y 1 A GLN 87 ? A GLN 87 
54  1 Y 1 A ALA 88 ? A ALA 88 
55  1 Y 1 A PRO 89 ? A PRO 89 
56  1 Y 1 A THR 90 ? A THR 90 
57  1 Y 1 A PRO 91 ? A PRO 91 
58  1 Y 1 A ALA 92 ? A ALA 92 
59  1 Y 1 A ALA 93 ? A ALA 93 
60  1 Y 1 A PRO 94 ? A PRO 94 
61  1 Y 1 A GLN 95 ? A GLN 95 
62  1 Y 1 A PRO 96 ? A PRO 96 
63  1 Y 1 A LEU 97 ? A LEU 97 
64  1 Y 1 A GLN 98 ? A GLN 98 
65  1 Y 1 B MET 1  ? B MET 1  
66  1 Y 1 B PRO 2  ? B PRO 2  
67  1 Y 1 B ARG 3  ? B ARG 3  
68  1 Y 1 B GLY 4  ? B GLY 4  
69  1 Y 1 B SER 5  ? B SER 5  
70  1 Y 1 B ARG 6  ? B ARG 6  
71  1 Y 1 B SER 7  ? B SER 7  
72  1 Y 1 B ALA 8  ? B ALA 8  
73  1 Y 1 B ALA 9  ? B ALA 9  
74  1 Y 1 B SER 10 ? B SER 10 
75  1 Y 1 B ARG 11 ? B ARG 11 
76  1 Y 1 B PRO 12 ? B PRO 12 
77  1 Y 1 B ALA 13 ? B ALA 13 
78  1 Y 1 B SER 14 ? B SER 14 
79  1 Y 1 B ARG 15 ? B ARG 15 
80  1 Y 1 B PRO 16 ? B PRO 16 
81  1 Y 1 B ALA 17 ? B ALA 17 
82  1 Y 1 B ALA 18 ? B ALA 18 
83  1 Y 1 B PRO 19 ? B PRO 19 
84  1 Y 1 B SER 20 ? B SER 20 
85  1 Y 1 B ALA 21 ? B ALA 21 
86  1 Y 1 B HIS 22 ? B HIS 22 
87  1 Y 1 B PRO 23 ? B PRO 23 
88  1 Y 1 B PRO 24 ? B PRO 24 
89  1 Y 1 B ALA 25 ? B ALA 25 
90  1 Y 1 B HIS 26 ? B HIS 26 
91  1 Y 1 B PRO 27 ? B PRO 27 
92  1 Y 1 B PRO 28 ? B PRO 28 
93  1 Y 1 B PRO 29 ? B PRO 29 
94  1 Y 1 B SER 30 ? B SER 30 
95  1 Y 1 B ALA 31 ? B ALA 31 
96  1 Y 1 B ALA 32 ? B ALA 32 
97  1 Y 1 B ALA 33 ? B ALA 33 
98  1 Y 1 B PRO 34 ? B PRO 34 
99  1 Y 1 B ALA 35 ? B ALA 35 
100 1 Y 1 B PRO 36 ? B PRO 36 
101 1 Y 1 B ALA 37 ? B ALA 37 
102 1 Y 1 B PRO 38 ? B PRO 38 
103 1 Y 1 B SER 39 ? B SER 39 
104 1 Y 1 B GLY 40 ? B GLY 40 
105 1 Y 1 B GLN 41 ? B GLN 41 
106 1 Y 1 B GLY 76 ? B GLY 76 
107 1 Y 1 B SER 77 ? B SER 77 
108 1 Y 1 B SER 78 ? B SER 78 
109 1 Y 1 B GLU 79 ? B GLU 79 
110 1 Y 1 B PRO 80 ? B PRO 80 
111 1 Y 1 B SER 81 ? B SER 81 
112 1 Y 1 B GLN 82 ? B GLN 82 
113 1 Y 1 B PRO 83 ? B PRO 83 
114 1 Y 1 B ALA 84 ? B ALA 84 
115 1 Y 1 B VAL 85 ? B VAL 85 
116 1 Y 1 B GLN 86 ? B GLN 86 
117 1 Y 1 B GLN 87 ? B GLN 87 
118 1 Y 1 B ALA 88 ? B ALA 88 
119 1 Y 1 B PRO 89 ? B PRO 89 
120 1 Y 1 B THR 90 ? B THR 90 
121 1 Y 1 B PRO 91 ? B PRO 91 
122 1 Y 1 B ALA 92 ? B ALA 92 
123 1 Y 1 B ALA 93 ? B ALA 93 
124 1 Y 1 B PRO 94 ? B PRO 94 
125 1 Y 1 B GLN 95 ? B GLN 95 
126 1 Y 1 B PRO 96 ? B PRO 96 
127 1 Y 1 B LEU 97 ? B LEU 97 
128 1 Y 1 B GLN 98 ? B GLN 98 
129 1 Y 1 C MET 1  ? C MET 1  
130 1 Y 1 C PRO 2  ? C PRO 2  
131 1 Y 1 C ARG 3  ? C ARG 3  
132 1 Y 1 C GLY 4  ? C GLY 4  
133 1 Y 1 C SER 5  ? C SER 5  
134 1 Y 1 C ARG 6  ? C ARG 6  
135 1 Y 1 C SER 7  ? C SER 7  
136 1 Y 1 C ALA 8  ? C ALA 8  
137 1 Y 1 C ALA 9  ? C ALA 9  
138 1 Y 1 C SER 10 ? C SER 10 
139 1 Y 1 C ARG 11 ? C ARG 11 
140 1 Y 1 C PRO 12 ? C PRO 12 
141 1 Y 1 C ALA 13 ? C ALA 13 
142 1 Y 1 C SER 14 ? C SER 14 
143 1 Y 1 C ARG 15 ? C ARG 15 
144 1 Y 1 C PRO 16 ? C PRO 16 
145 1 Y 1 C ALA 17 ? C ALA 17 
146 1 Y 1 C ALA 18 ? C ALA 18 
147 1 Y 1 C PRO 19 ? C PRO 19 
148 1 Y 1 C SER 20 ? C SER 20 
149 1 Y 1 C ALA 21 ? C ALA 21 
150 1 Y 1 C HIS 22 ? C HIS 22 
151 1 Y 1 C PRO 23 ? C PRO 23 
152 1 Y 1 C PRO 24 ? C PRO 24 
153 1 Y 1 C ALA 25 ? C ALA 25 
154 1 Y 1 C HIS 26 ? C HIS 26 
155 1 Y 1 C PRO 27 ? C PRO 27 
156 1 Y 1 C PRO 28 ? C PRO 28 
157 1 Y 1 C PRO 29 ? C PRO 29 
158 1 Y 1 C SER 30 ? C SER 30 
159 1 Y 1 C ALA 31 ? C ALA 31 
160 1 Y 1 C ALA 32 ? C ALA 32 
161 1 Y 1 C ALA 33 ? C ALA 33 
162 1 Y 1 C PRO 34 ? C PRO 34 
163 1 Y 1 C ALA 35 ? C ALA 35 
164 1 Y 1 C PRO 36 ? C PRO 36 
165 1 Y 1 C ALA 37 ? C ALA 37 
166 1 Y 1 C PRO 38 ? C PRO 38 
167 1 Y 1 C SER 39 ? C SER 39 
168 1 Y 1 C GLY 40 ? C GLY 40 
169 1 Y 1 C GLN 41 ? C GLN 41 
170 1 Y 1 C GLY 76 ? C GLY 76 
171 1 Y 1 C SER 77 ? C SER 77 
172 1 Y 1 C SER 78 ? C SER 78 
173 1 Y 1 C GLU 79 ? C GLU 79 
174 1 Y 1 C PRO 80 ? C PRO 80 
175 1 Y 1 C SER 81 ? C SER 81 
176 1 Y 1 C GLN 82 ? C GLN 82 
177 1 Y 1 C PRO 83 ? C PRO 83 
178 1 Y 1 C ALA 84 ? C ALA 84 
179 1 Y 1 C VAL 85 ? C VAL 85 
180 1 Y 1 C GLN 86 ? C GLN 86 
181 1 Y 1 C GLN 87 ? C GLN 87 
182 1 Y 1 C ALA 88 ? C ALA 88 
183 1 Y 1 C PRO 89 ? C PRO 89 
184 1 Y 1 C THR 90 ? C THR 90 
185 1 Y 1 C PRO 91 ? C PRO 91 
186 1 Y 1 C ALA 92 ? C ALA 92 
187 1 Y 1 C ALA 93 ? C ALA 93 
188 1 Y 1 C PRO 94 ? C PRO 94 
189 1 Y 1 C GLN 95 ? C GLN 95 
190 1 Y 1 C PRO 96 ? C PRO 96 
191 1 Y 1 C LEU 97 ? C LEU 97 
192 1 Y 1 C GLN 98 ? C GLN 98 
193 1 Y 1 D MET 1  ? D MET 1  
194 1 Y 1 D PRO 2  ? D PRO 2  
195 1 Y 1 D ARG 3  ? D ARG 3  
196 1 Y 1 D GLY 4  ? D GLY 4  
197 1 Y 1 D SER 5  ? D SER 5  
198 1 Y 1 D ARG 6  ? D ARG 6  
199 1 Y 1 D SER 7  ? D SER 7  
200 1 Y 1 D ALA 8  ? D ALA 8  
201 1 Y 1 D ALA 9  ? D ALA 9  
202 1 Y 1 D SER 10 ? D SER 10 
203 1 Y 1 D ARG 11 ? D ARG 11 
204 1 Y 1 D PRO 12 ? D PRO 12 
205 1 Y 1 D ALA 13 ? D ALA 13 
206 1 Y 1 D SER 14 ? D SER 14 
207 1 Y 1 D ARG 15 ? D ARG 15 
208 1 Y 1 D PRO 16 ? D PRO 16 
209 1 Y 1 D ALA 17 ? D ALA 17 
210 1 Y 1 D ALA 18 ? D ALA 18 
211 1 Y 1 D PRO 19 ? D PRO 19 
212 1 Y 1 D SER 20 ? D SER 20 
213 1 Y 1 D ALA 21 ? D ALA 21 
214 1 Y 1 D HIS 22 ? D HIS 22 
215 1 Y 1 D PRO 23 ? D PRO 23 
216 1 Y 1 D PRO 24 ? D PRO 24 
217 1 Y 1 D ALA 25 ? D ALA 25 
218 1 Y 1 D HIS 26 ? D HIS 26 
219 1 Y 1 D PRO 27 ? D PRO 27 
220 1 Y 1 D PRO 28 ? D PRO 28 
221 1 Y 1 D PRO 29 ? D PRO 29 
222 1 Y 1 D SER 30 ? D SER 30 
223 1 Y 1 D ALA 31 ? D ALA 31 
224 1 Y 1 D ALA 32 ? D ALA 32 
225 1 Y 1 D ALA 33 ? D ALA 33 
226 1 Y 1 D PRO 34 ? D PRO 34 
227 1 Y 1 D ALA 35 ? D ALA 35 
228 1 Y 1 D PRO 36 ? D PRO 36 
229 1 Y 1 D ALA 37 ? D ALA 37 
230 1 Y 1 D PRO 38 ? D PRO 38 
231 1 Y 1 D SER 39 ? D SER 39 
232 1 Y 1 D GLY 40 ? D GLY 40 
233 1 Y 1 D GLN 41 ? D GLN 41 
234 1 Y 1 D GLY 76 ? D GLY 76 
235 1 Y 1 D SER 77 ? D SER 77 
236 1 Y 1 D SER 78 ? D SER 78 
237 1 Y 1 D GLU 79 ? D GLU 79 
238 1 Y 1 D PRO 80 ? D PRO 80 
239 1 Y 1 D SER 81 ? D SER 81 
240 1 Y 1 D GLN 82 ? D GLN 82 
241 1 Y 1 D PRO 83 ? D PRO 83 
242 1 Y 1 D ALA 84 ? D ALA 84 
243 1 Y 1 D VAL 85 ? D VAL 85 
244 1 Y 1 D GLN 86 ? D GLN 86 
245 1 Y 1 D GLN 87 ? D GLN 87 
246 1 Y 1 D ALA 88 ? D ALA 88 
247 1 Y 1 D PRO 89 ? D PRO 89 
248 1 Y 1 D THR 90 ? D THR 90 
249 1 Y 1 D PRO 91 ? D PRO 91 
250 1 Y 1 D ALA 92 ? D ALA 92 
251 1 Y 1 D ALA 93 ? D ALA 93 
252 1 Y 1 D PRO 94 ? D PRO 94 
253 1 Y 1 D GLN 95 ? D GLN 95 
254 1 Y 1 D PRO 96 ? D PRO 96 
255 1 Y 1 D LEU 97 ? D LEU 97 
256 1 Y 1 D GLN 98 ? D GLN 98 
257 1 Y 1 E MET 1  ? E MET 1  
258 1 Y 1 E PRO 2  ? E PRO 2  
259 1 Y 1 E ARG 3  ? E ARG 3  
260 1 Y 1 E GLY 4  ? E GLY 4  
261 1 Y 1 E SER 5  ? E SER 5  
262 1 Y 1 E ARG 6  ? E ARG 6  
263 1 Y 1 E SER 7  ? E SER 7  
264 1 Y 1 E ALA 8  ? E ALA 8  
265 1 Y 1 E ALA 9  ? E ALA 9  
266 1 Y 1 E SER 10 ? E SER 10 
267 1 Y 1 E ARG 11 ? E ARG 11 
268 1 Y 1 E PRO 12 ? E PRO 12 
269 1 Y 1 E ALA 13 ? E ALA 13 
270 1 Y 1 E SER 14 ? E SER 14 
271 1 Y 1 E ARG 15 ? E ARG 15 
272 1 Y 1 E PRO 16 ? E PRO 16 
273 1 Y 1 E ALA 17 ? E ALA 17 
274 1 Y 1 E ALA 18 ? E ALA 18 
275 1 Y 1 E PRO 19 ? E PRO 19 
276 1 Y 1 E SER 20 ? E SER 20 
277 1 Y 1 E ALA 21 ? E ALA 21 
278 1 Y 1 E HIS 22 ? E HIS 22 
279 1 Y 1 E PRO 23 ? E PRO 23 
280 1 Y 1 E PRO 24 ? E PRO 24 
281 1 Y 1 E ALA 25 ? E ALA 25 
282 1 Y 1 E HIS 26 ? E HIS 26 
283 1 Y 1 E PRO 27 ? E PRO 27 
284 1 Y 1 E PRO 28 ? E PRO 28 
285 1 Y 1 E PRO 29 ? E PRO 29 
286 1 Y 1 E SER 30 ? E SER 30 
287 1 Y 1 E ALA 31 ? E ALA 31 
288 1 Y 1 E ALA 32 ? E ALA 32 
289 1 Y 1 E ALA 33 ? E ALA 33 
290 1 Y 1 E PRO 34 ? E PRO 34 
291 1 Y 1 E ALA 35 ? E ALA 35 
292 1 Y 1 E PRO 36 ? E PRO 36 
293 1 Y 1 E ALA 37 ? E ALA 37 
294 1 Y 1 E PRO 38 ? E PRO 38 
295 1 Y 1 E SER 39 ? E SER 39 
296 1 Y 1 E GLY 40 ? E GLY 40 
297 1 Y 1 E GLN 41 ? E GLN 41 
298 1 Y 1 E GLY 76 ? E GLY 76 
299 1 Y 1 E SER 77 ? E SER 77 
300 1 Y 1 E SER 78 ? E SER 78 
301 1 Y 1 E GLU 79 ? E GLU 79 
302 1 Y 1 E PRO 80 ? E PRO 80 
303 1 Y 1 E SER 81 ? E SER 81 
304 1 Y 1 E GLN 82 ? E GLN 82 
305 1 Y 1 E PRO 83 ? E PRO 83 
306 1 Y 1 E ALA 84 ? E ALA 84 
307 1 Y 1 E VAL 85 ? E VAL 85 
308 1 Y 1 E GLN 86 ? E GLN 86 
309 1 Y 1 E GLN 87 ? E GLN 87 
310 1 Y 1 E ALA 88 ? E ALA 88 
311 1 Y 1 E PRO 89 ? E PRO 89 
312 1 Y 1 E THR 90 ? E THR 90 
313 1 Y 1 E PRO 91 ? E PRO 91 
314 1 Y 1 E ALA 92 ? E ALA 92 
315 1 Y 1 E ALA 93 ? E ALA 93 
316 1 Y 1 E PRO 94 ? E PRO 94 
317 1 Y 1 E GLN 95 ? E GLN 95 
318 1 Y 1 E PRO 96 ? E PRO 96 
319 1 Y 1 E LEU 97 ? E LEU 97 
320 1 Y 1 E GLN 98 ? E GLN 98 
321 1 Y 1 F MET 1  ? F MET 1  
322 1 Y 1 F PRO 2  ? F PRO 2  
323 1 Y 1 F ARG 3  ? F ARG 3  
324 1 Y 1 F GLY 4  ? F GLY 4  
325 1 Y 1 F SER 5  ? F SER 5  
326 1 Y 1 F ARG 6  ? F ARG 6  
327 1 Y 1 F SER 7  ? F SER 7  
328 1 Y 1 F ALA 8  ? F ALA 8  
329 1 Y 1 F ALA 9  ? F ALA 9  
330 1 Y 1 F SER 10 ? F SER 10 
331 1 Y 1 F ARG 11 ? F ARG 11 
332 1 Y 1 F PRO 12 ? F PRO 12 
333 1 Y 1 F ALA 13 ? F ALA 13 
334 1 Y 1 F SER 14 ? F SER 14 
335 1 Y 1 F ARG 15 ? F ARG 15 
336 1 Y 1 F PRO 16 ? F PRO 16 
337 1 Y 1 F ALA 17 ? F ALA 17 
338 1 Y 1 F ALA 18 ? F ALA 18 
339 1 Y 1 F PRO 19 ? F PRO 19 
340 1 Y 1 F SER 20 ? F SER 20 
341 1 Y 1 F ALA 21 ? F ALA 21 
342 1 Y 1 F HIS 22 ? F HIS 22 
343 1 Y 1 F PRO 23 ? F PRO 23 
344 1 Y 1 F PRO 24 ? F PRO 24 
345 1 Y 1 F ALA 25 ? F ALA 25 
346 1 Y 1 F HIS 26 ? F HIS 26 
347 1 Y 1 F PRO 27 ? F PRO 27 
348 1 Y 1 F PRO 28 ? F PRO 28 
349 1 Y 1 F PRO 29 ? F PRO 29 
350 1 Y 1 F SER 30 ? F SER 30 
351 1 Y 1 F ALA 31 ? F ALA 31 
352 1 Y 1 F ALA 32 ? F ALA 32 
353 1 Y 1 F ALA 33 ? F ALA 33 
354 1 Y 1 F PRO 34 ? F PRO 34 
355 1 Y 1 F ALA 35 ? F ALA 35 
356 1 Y 1 F PRO 36 ? F PRO 36 
357 1 Y 1 F ALA 37 ? F ALA 37 
358 1 Y 1 F PRO 38 ? F PRO 38 
359 1 Y 1 F SER 39 ? F SER 39 
360 1 Y 1 F GLY 40 ? F GLY 40 
361 1 Y 1 F GLN 41 ? F GLN 41 
362 1 Y 1 F GLY 76 ? F GLY 76 
363 1 Y 1 F SER 77 ? F SER 77 
364 1 Y 1 F SER 78 ? F SER 78 
365 1 Y 1 F GLU 79 ? F GLU 79 
366 1 Y 1 F PRO 80 ? F PRO 80 
367 1 Y 1 F SER 81 ? F SER 81 
368 1 Y 1 F GLN 82 ? F GLN 82 
369 1 Y 1 F PRO 83 ? F PRO 83 
370 1 Y 1 F ALA 84 ? F ALA 84 
371 1 Y 1 F VAL 85 ? F VAL 85 
372 1 Y 1 F GLN 86 ? F GLN 86 
373 1 Y 1 F GLN 87 ? F GLN 87 
374 1 Y 1 F ALA 88 ? F ALA 88 
375 1 Y 1 F PRO 89 ? F PRO 89 
376 1 Y 1 F THR 90 ? F THR 90 
377 1 Y 1 F PRO 91 ? F PRO 91 
378 1 Y 1 F ALA 92 ? F ALA 92 
379 1 Y 1 F ALA 93 ? F ALA 93 
380 1 Y 1 F PRO 94 ? F PRO 94 
381 1 Y 1 F GLN 95 ? F GLN 95 
382 1 Y 1 F PRO 96 ? F PRO 96 
383 1 Y 1 F LEU 97 ? F LEU 97 
384 1 Y 1 F GLN 98 ? F GLN 98 
# 
loop_
_chem_comp_atom.comp_id 
_chem_comp_atom.atom_id 
_chem_comp_atom.type_symbol 
_chem_comp_atom.pdbx_aromatic_flag 
_chem_comp_atom.pdbx_stereo_config 
_chem_comp_atom.pdbx_ordinal 
ALA N    N N N 1   
ALA CA   C N S 2   
ALA C    C N N 3   
ALA O    O N N 4   
ALA CB   C N N 5   
ALA OXT  O N N 6   
ALA H    H N N 7   
ALA H2   H N N 8   
ALA HA   H N N 9   
ALA HB1  H N N 10  
ALA HB2  H N N 11  
ALA HB3  H N N 12  
ALA HXT  H N N 13  
ARG N    N N N 14  
ARG CA   C N S 15  
ARG C    C N N 16  
ARG O    O N N 17  
ARG CB   C N N 18  
ARG CG   C N N 19  
ARG CD   C N N 20  
ARG NE   N N N 21  
ARG CZ   C N N 22  
ARG NH1  N N N 23  
ARG NH2  N N N 24  
ARG OXT  O N N 25  
ARG H    H N N 26  
ARG H2   H N N 27  
ARG HA   H N N 28  
ARG HB2  H N N 29  
ARG HB3  H N N 30  
ARG HG2  H N N 31  
ARG HG3  H N N 32  
ARG HD2  H N N 33  
ARG HD3  H N N 34  
ARG HE   H N N 35  
ARG HH11 H N N 36  
ARG HH12 H N N 37  
ARG HH21 H N N 38  
ARG HH22 H N N 39  
ARG HXT  H N N 40  
GLN N    N N N 41  
GLN CA   C N S 42  
GLN C    C N N 43  
GLN O    O N N 44  
GLN CB   C N N 45  
GLN CG   C N N 46  
GLN CD   C N N 47  
GLN OE1  O N N 48  
GLN NE2  N N N 49  
GLN OXT  O N N 50  
GLN H    H N N 51  
GLN H2   H N N 52  
GLN HA   H N N 53  
GLN HB2  H N N 54  
GLN HB3  H N N 55  
GLN HG2  H N N 56  
GLN HG3  H N N 57  
GLN HE21 H N N 58  
GLN HE22 H N N 59  
GLN HXT  H N N 60  
GLU N    N N N 61  
GLU CA   C N S 62  
GLU C    C N N 63  
GLU O    O N N 64  
GLU CB   C N N 65  
GLU CG   C N N 66  
GLU CD   C N N 67  
GLU OE1  O N N 68  
GLU OE2  O N N 69  
GLU OXT  O N N 70  
GLU H    H N N 71  
GLU H2   H N N 72  
GLU HA   H N N 73  
GLU HB2  H N N 74  
GLU HB3  H N N 75  
GLU HG2  H N N 76  
GLU HG3  H N N 77  
GLU HE2  H N N 78  
GLU HXT  H N N 79  
GLY N    N N N 80  
GLY CA   C N N 81  
GLY C    C N N 82  
GLY O    O N N 83  
GLY OXT  O N N 84  
GLY H    H N N 85  
GLY H2   H N N 86  
GLY HA2  H N N 87  
GLY HA3  H N N 88  
GLY HXT  H N N 89  
HIS N    N N N 90  
HIS CA   C N S 91  
HIS C    C N N 92  
HIS O    O N N 93  
HIS CB   C N N 94  
HIS CG   C Y N 95  
HIS ND1  N Y N 96  
HIS CD2  C Y N 97  
HIS CE1  C Y N 98  
HIS NE2  N Y N 99  
HIS OXT  O N N 100 
HIS H    H N N 101 
HIS H2   H N N 102 
HIS HA   H N N 103 
HIS HB2  H N N 104 
HIS HB3  H N N 105 
HIS HD1  H N N 106 
HIS HD2  H N N 107 
HIS HE1  H N N 108 
HIS HE2  H N N 109 
HIS HXT  H N N 110 
LEU N    N N N 111 
LEU CA   C N S 112 
LEU C    C N N 113 
LEU O    O N N 114 
LEU CB   C N N 115 
LEU CG   C N N 116 
LEU CD1  C N N 117 
LEU CD2  C N N 118 
LEU OXT  O N N 119 
LEU H    H N N 120 
LEU H2   H N N 121 
LEU HA   H N N 122 
LEU HB2  H N N 123 
LEU HB3  H N N 124 
LEU HG   H N N 125 
LEU HD11 H N N 126 
LEU HD12 H N N 127 
LEU HD13 H N N 128 
LEU HD21 H N N 129 
LEU HD22 H N N 130 
LEU HD23 H N N 131 
LEU HXT  H N N 132 
MET N    N N N 133 
MET CA   C N S 134 
MET C    C N N 135 
MET O    O N N 136 
MET CB   C N N 137 
MET CG   C N N 138 
MET SD   S N N 139 
MET CE   C N N 140 
MET OXT  O N N 141 
MET H    H N N 142 
MET H2   H N N 143 
MET HA   H N N 144 
MET HB2  H N N 145 
MET HB3  H N N 146 
MET HG2  H N N 147 
MET HG3  H N N 148 
MET HE1  H N N 149 
MET HE2  H N N 150 
MET HE3  H N N 151 
MET HXT  H N N 152 
PHE N    N N N 153 
PHE CA   C N S 154 
PHE C    C N N 155 
PHE O    O N N 156 
PHE CB   C N N 157 
PHE CG   C Y N 158 
PHE CD1  C Y N 159 
PHE CD2  C Y N 160 
PHE CE1  C Y N 161 
PHE CE2  C Y N 162 
PHE CZ   C Y N 163 
PHE OXT  O N N 164 
PHE H    H N N 165 
PHE H2   H N N 166 
PHE HA   H N N 167 
PHE HB2  H N N 168 
PHE HB3  H N N 169 
PHE HD1  H N N 170 
PHE HD2  H N N 171 
PHE HE1  H N N 172 
PHE HE2  H N N 173 
PHE HZ   H N N 174 
PHE HXT  H N N 175 
PRO N    N N N 176 
PRO CA   C N S 177 
PRO C    C N N 178 
PRO O    O N N 179 
PRO CB   C N N 180 
PRO CG   C N N 181 
PRO CD   C N N 182 
PRO OXT  O N N 183 
PRO H    H N N 184 
PRO HA   H N N 185 
PRO HB2  H N N 186 
PRO HB3  H N N 187 
PRO HG2  H N N 188 
PRO HG3  H N N 189 
PRO HD2  H N N 190 
PRO HD3  H N N 191 
PRO HXT  H N N 192 
SER N    N N N 193 
SER CA   C N S 194 
SER C    C N N 195 
SER O    O N N 196 
SER CB   C N N 197 
SER OG   O N N 198 
SER OXT  O N N 199 
SER H    H N N 200 
SER H2   H N N 201 
SER HA   H N N 202 
SER HB2  H N N 203 
SER HB3  H N N 204 
SER HG   H N N 205 
SER HXT  H N N 206 
THR N    N N N 207 
THR CA   C N S 208 
THR C    C N N 209 
THR O    O N N 210 
THR CB   C N R 211 
THR OG1  O N N 212 
THR CG2  C N N 213 
THR OXT  O N N 214 
THR H    H N N 215 
THR H2   H N N 216 
THR HA   H N N 217 
THR HB   H N N 218 
THR HG1  H N N 219 
THR HG21 H N N 220 
THR HG22 H N N 221 
THR HG23 H N N 222 
THR HXT  H N N 223 
VAL N    N N N 224 
VAL CA   C N S 225 
VAL C    C N N 226 
VAL O    O N N 227 
VAL CB   C N N 228 
VAL CG1  C N N 229 
VAL CG2  C N N 230 
VAL OXT  O N N 231 
VAL H    H N N 232 
VAL H2   H N N 233 
VAL HA   H N N 234 
VAL HB   H N N 235 
VAL HG11 H N N 236 
VAL HG12 H N N 237 
VAL HG13 H N N 238 
VAL HG21 H N N 239 
VAL HG22 H N N 240 
VAL HG23 H N N 241 
VAL HXT  H N N 242 
# 
loop_
_chem_comp_bond.comp_id 
_chem_comp_bond.atom_id_1 
_chem_comp_bond.atom_id_2 
_chem_comp_bond.value_order 
_chem_comp_bond.pdbx_aromatic_flag 
_chem_comp_bond.pdbx_stereo_config 
_chem_comp_bond.pdbx_ordinal 
ALA N   CA   sing N N 1   
ALA N   H    sing N N 2   
ALA N   H2   sing N N 3   
ALA CA  C    sing N N 4   
ALA CA  CB   sing N N 5   
ALA CA  HA   sing N N 6   
ALA C   O    doub N N 7   
ALA C   OXT  sing N N 8   
ALA CB  HB1  sing N N 9   
ALA CB  HB2  sing N N 10  
ALA CB  HB3  sing N N 11  
ALA OXT HXT  sing N N 12  
ARG N   CA   sing N N 13  
ARG N   H    sing N N 14  
ARG N   H2   sing N N 15  
ARG CA  C    sing N N 16  
ARG CA  CB   sing N N 17  
ARG CA  HA   sing N N 18  
ARG C   O    doub N N 19  
ARG C   OXT  sing N N 20  
ARG CB  CG   sing N N 21  
ARG CB  HB2  sing N N 22  
ARG CB  HB3  sing N N 23  
ARG CG  CD   sing N N 24  
ARG CG  HG2  sing N N 25  
ARG CG  HG3  sing N N 26  
ARG CD  NE   sing N N 27  
ARG CD  HD2  sing N N 28  
ARG CD  HD3  sing N N 29  
ARG NE  CZ   sing N N 30  
ARG NE  HE   sing N N 31  
ARG CZ  NH1  sing N N 32  
ARG CZ  NH2  doub N N 33  
ARG NH1 HH11 sing N N 34  
ARG NH1 HH12 sing N N 35  
ARG NH2 HH21 sing N N 36  
ARG NH2 HH22 sing N N 37  
ARG OXT HXT  sing N N 38  
GLN N   CA   sing N N 39  
GLN N   H    sing N N 40  
GLN N   H2   sing N N 41  
GLN CA  C    sing N N 42  
GLN CA  CB   sing N N 43  
GLN CA  HA   sing N N 44  
GLN C   O    doub N N 45  
GLN C   OXT  sing N N 46  
GLN CB  CG   sing N N 47  
GLN CB  HB2  sing N N 48  
GLN CB  HB3  sing N N 49  
GLN CG  CD   sing N N 50  
GLN CG  HG2  sing N N 51  
GLN CG  HG3  sing N N 52  
GLN CD  OE1  doub N N 53  
GLN CD  NE2  sing N N 54  
GLN NE2 HE21 sing N N 55  
GLN NE2 HE22 sing N N 56  
GLN OXT HXT  sing N N 57  
GLU N   CA   sing N N 58  
GLU N   H    sing N N 59  
GLU N   H2   sing N N 60  
GLU CA  C    sing N N 61  
GLU CA  CB   sing N N 62  
GLU CA  HA   sing N N 63  
GLU C   O    doub N N 64  
GLU C   OXT  sing N N 65  
GLU CB  CG   sing N N 66  
GLU CB  HB2  sing N N 67  
GLU CB  HB3  sing N N 68  
GLU CG  CD   sing N N 69  
GLU CG  HG2  sing N N 70  
GLU CG  HG3  sing N N 71  
GLU CD  OE1  doub N N 72  
GLU CD  OE2  sing N N 73  
GLU OE2 HE2  sing N N 74  
GLU OXT HXT  sing N N 75  
GLY N   CA   sing N N 76  
GLY N   H    sing N N 77  
GLY N   H2   sing N N 78  
GLY CA  C    sing N N 79  
GLY CA  HA2  sing N N 80  
GLY CA  HA3  sing N N 81  
GLY C   O    doub N N 82  
GLY C   OXT  sing N N 83  
GLY OXT HXT  sing N N 84  
HIS N   CA   sing N N 85  
HIS N   H    sing N N 86  
HIS N   H2   sing N N 87  
HIS CA  C    sing N N 88  
HIS CA  CB   sing N N 89  
HIS CA  HA   sing N N 90  
HIS C   O    doub N N 91  
HIS C   OXT  sing N N 92  
HIS CB  CG   sing N N 93  
HIS CB  HB2  sing N N 94  
HIS CB  HB3  sing N N 95  
HIS CG  ND1  sing Y N 96  
HIS CG  CD2  doub Y N 97  
HIS ND1 CE1  doub Y N 98  
HIS ND1 HD1  sing N N 99  
HIS CD2 NE2  sing Y N 100 
HIS CD2 HD2  sing N N 101 
HIS CE1 NE2  sing Y N 102 
HIS CE1 HE1  sing N N 103 
HIS NE2 HE2  sing N N 104 
HIS OXT HXT  sing N N 105 
LEU N   CA   sing N N 106 
LEU N   H    sing N N 107 
LEU N   H2   sing N N 108 
LEU CA  C    sing N N 109 
LEU CA  CB   sing N N 110 
LEU CA  HA   sing N N 111 
LEU C   O    doub N N 112 
LEU C   OXT  sing N N 113 
LEU CB  CG   sing N N 114 
LEU CB  HB2  sing N N 115 
LEU CB  HB3  sing N N 116 
LEU CG  CD1  sing N N 117 
LEU CG  CD2  sing N N 118 
LEU CG  HG   sing N N 119 
LEU CD1 HD11 sing N N 120 
LEU CD1 HD12 sing N N 121 
LEU CD1 HD13 sing N N 122 
LEU CD2 HD21 sing N N 123 
LEU CD2 HD22 sing N N 124 
LEU CD2 HD23 sing N N 125 
LEU OXT HXT  sing N N 126 
MET N   CA   sing N N 127 
MET N   H    sing N N 128 
MET N   H2   sing N N 129 
MET CA  C    sing N N 130 
MET CA  CB   sing N N 131 
MET CA  HA   sing N N 132 
MET C   O    doub N N 133 
MET C   OXT  sing N N 134 
MET CB  CG   sing N N 135 
MET CB  HB2  sing N N 136 
MET CB  HB3  sing N N 137 
MET CG  SD   sing N N 138 
MET CG  HG2  sing N N 139 
MET CG  HG3  sing N N 140 
MET SD  CE   sing N N 141 
MET CE  HE1  sing N N 142 
MET CE  HE2  sing N N 143 
MET CE  HE3  sing N N 144 
MET OXT HXT  sing N N 145 
PHE N   CA   sing N N 146 
PHE N   H    sing N N 147 
PHE N   H2   sing N N 148 
PHE CA  C    sing N N 149 
PHE CA  CB   sing N N 150 
PHE CA  HA   sing N N 151 
PHE C   O    doub N N 152 
PHE C   OXT  sing N N 153 
PHE CB  CG   sing N N 154 
PHE CB  HB2  sing N N 155 
PHE CB  HB3  sing N N 156 
PHE CG  CD1  doub Y N 157 
PHE CG  CD2  sing Y N 158 
PHE CD1 CE1  sing Y N 159 
PHE CD1 HD1  sing N N 160 
PHE CD2 CE2  doub Y N 161 
PHE CD2 HD2  sing N N 162 
PHE CE1 CZ   doub Y N 163 
PHE CE1 HE1  sing N N 164 
PHE CE2 CZ   sing Y N 165 
PHE CE2 HE2  sing N N 166 
PHE CZ  HZ   sing N N 167 
PHE OXT HXT  sing N N 168 
PRO N   CA   sing N N 169 
PRO N   CD   sing N N 170 
PRO N   H    sing N N 171 
PRO CA  C    sing N N 172 
PRO CA  CB   sing N N 173 
PRO CA  HA   sing N N 174 
PRO C   O    doub N N 175 
PRO C   OXT  sing N N 176 
PRO CB  CG   sing N N 177 
PRO CB  HB2  sing N N 178 
PRO CB  HB3  sing N N 179 
PRO CG  CD   sing N N 180 
PRO CG  HG2  sing N N 181 
PRO CG  HG3  sing N N 182 
PRO CD  HD2  sing N N 183 
PRO CD  HD3  sing N N 184 
PRO OXT HXT  sing N N 185 
SER N   CA   sing N N 186 
SER N   H    sing N N 187 
SER N   H2   sing N N 188 
SER CA  C    sing N N 189 
SER CA  CB   sing N N 190 
SER CA  HA   sing N N 191 
SER C   O    doub N N 192 
SER C   OXT  sing N N 193 
SER CB  OG   sing N N 194 
SER CB  HB2  sing N N 195 
SER CB  HB3  sing N N 196 
SER OG  HG   sing N N 197 
SER OXT HXT  sing N N 198 
THR N   CA   sing N N 199 
THR N   H    sing N N 200 
THR N   H2   sing N N 201 
THR CA  C    sing N N 202 
THR CA  CB   sing N N 203 
THR CA  HA   sing N N 204 
THR C   O    doub N N 205 
THR C   OXT  sing N N 206 
THR CB  OG1  sing N N 207 
THR CB  CG2  sing N N 208 
THR CB  HB   sing N N 209 
THR OG1 HG1  sing N N 210 
THR CG2 HG21 sing N N 211 
THR CG2 HG22 sing N N 212 
THR CG2 HG23 sing N N 213 
THR OXT HXT  sing N N 214 
VAL N   CA   sing N N 215 
VAL N   H    sing N N 216 
VAL N   H2   sing N N 217 
VAL CA  C    sing N N 218 
VAL CA  CB   sing N N 219 
VAL CA  HA   sing N N 220 
VAL C   O    doub N N 221 
VAL C   OXT  sing N N 222 
VAL CB  CG1  sing N N 223 
VAL CB  CG2  sing N N 224 
VAL CB  HB   sing N N 225 
VAL CG1 HG11 sing N N 226 
VAL CG1 HG12 sing N N 227 
VAL CG1 HG13 sing N N 228 
VAL CG2 HG21 sing N N 229 
VAL CG2 HG22 sing N N 230 
VAL CG2 HG23 sing N N 231 
VAL OXT HXT  sing N N 232 
# 
_em_admin.current_status     REL 
_em_admin.deposition_date    2024-07-30 
_em_admin.deposition_site    RCSB 
_em_admin.entry_id           9CWW 
_em_admin.last_update        2025-08-13 
_em_admin.map_release_date   2025-07-30 
_em_admin.title              'Structure of D10-NT amyloid fibrils' 
# 
_em_ctf_correction.details                  ? 
_em_ctf_correction.em_image_processing_id   1 
_em_ctf_correction.id                       1 
_em_ctf_correction.type                     NONE 
# 
_em_entity_assembly_molwt.entity_assembly_id   1 
_em_entity_assembly_molwt.experimental_flag    NO 
_em_entity_assembly_molwt.id                   1 
_em_entity_assembly_molwt.units                ? 
_em_entity_assembly_molwt.value                ? 
# 
_em_entity_assembly_naturalsource.cell                 ? 
_em_entity_assembly_naturalsource.cellular_location    ? 
_em_entity_assembly_naturalsource.entity_assembly_id   1 
_em_entity_assembly_naturalsource.id                   2 
_em_entity_assembly_naturalsource.ncbi_tax_id          9606 
_em_entity_assembly_naturalsource.organism             'Homo sapiens' 
_em_entity_assembly_naturalsource.organelle            ? 
_em_entity_assembly_naturalsource.organ                ? 
_em_entity_assembly_naturalsource.strain               ? 
_em_entity_assembly_naturalsource.tissue               ? 
_em_entity_assembly_naturalsource.details              ? 
# 
_em_entity_assembly_recombinant.cell                 ? 
_em_entity_assembly_recombinant.entity_assembly_id   1 
_em_entity_assembly_recombinant.id                   2 
_em_entity_assembly_recombinant.ncbi_tax_id          562 
_em_entity_assembly_recombinant.organism             'Escherichia coli' 
_em_entity_assembly_recombinant.plasmid              ? 
_em_entity_assembly_recombinant.strain               ? 
# 
_em_helical_entity.id                             1 
_em_helical_entity.image_processing_id            1 
_em_helical_entity.details                        ? 
_em_helical_entity.axial_symmetry                 C21 
_em_helical_entity.angular_rotation_per_subunit   178.845 
_em_helical_entity.axial_rise_per_subunit         2.365 
# 
_em_image_processing.details              ? 
_em_image_processing.id                   1 
_em_image_processing.image_recording_id   1 
# 
_em_image_recording.average_exposure_time               ? 
_em_image_recording.avg_electron_dose_per_subtomogram   ? 
_em_image_recording.avg_electron_dose_per_image         51.82 
_em_image_recording.details                             ? 
_em_image_recording.detector_mode                       ? 
_em_image_recording.film_or_detector_model              'GATAN K3 BIOQUANTUM (6k x 4k)' 
_em_image_recording.id                                  1 
_em_image_recording.imaging_id                          1 
_em_image_recording.num_diffraction_images              ? 
_em_image_recording.num_grids_imaged                    ? 
_em_image_recording.num_real_images                     ? 
# 
_em_imaging_optics.chr_aberration_corrector   ? 
_em_imaging_optics.energyfilter_lower         ? 
_em_imaging_optics.energyfilter_slit_width    20 
_em_imaging_optics.energyfilter_name          'GIF Bioquantum' 
_em_imaging_optics.energyfilter_upper         ? 
_em_imaging_optics.id                         1 
_em_imaging_optics.imaging_id                 1 
_em_imaging_optics.phase_plate                ? 
_em_imaging_optics.sph_aberration_corrector   ? 
_em_imaging_optics.details                    ? 
# 
loop_
_em_software.category 
_em_software.details 
_em_software.id 
_em_software.image_processing_id 
_em_software.fitting_id 
_em_software.imaging_id 
_em_software.name 
_em_software.version 
'PARTICLE SELECTION'       ? 1  1 ? ? ?       ?     
'IMAGE ACQUISITION'        ? 2  ? ? 1 Leginon ?     
MASKING                    ? 3  ? ? ? ?       ?     
'CTF CORRECTION'           ? 4  1 ? ? CTFFIND 4.1   
'LAYERLINE INDEXING'       ? 5  ? ? ? ?       ?     
'DIFFRACTION INDEXING'     ? 6  ? ? ? ?       ?     
'MODEL FITTING'            ? 7  ? ? ? ?       ?     
'MODEL REFINEMENT'         ? 8  ? ? ? ?       ?     
OTHER                      ? 9  ? ? ? ?       ?     
'INITIAL EULER ASSIGNMENT' ? 10 1 ? ? RELION  4.0.0 
'FINAL EULER ASSIGNMENT'   ? 11 1 ? ? RELION  4.0.0 
CLASSIFICATION             ? 12 1 ? ? ?       ?     
RECONSTRUCTION             ? 13 1 ? ? RELION  4.0.0 
# 
_em_specimen.concentration           ? 
_em_specimen.details                 ? 
_em_specimen.embedding_applied       NO 
_em_specimen.experiment_id           1 
_em_specimen.id                      1 
_em_specimen.shadowing_applied       NO 
_em_specimen.staining_applied        NO 
_em_specimen.vitrification_applied   YES 
# 
_pdbx_audit_support.funding_organization   'National Institutes of Health/National Institute on Aging (NIH/NIA)' 
_pdbx_audit_support.country                'United States' 
_pdbx_audit_support.grant_number           RF1AG066493 
_pdbx_audit_support.ordinal                1 
# 
_space_group.crystal_system   triclinic 
_space_group.name_H-M_alt     'P 1' 
_space_group.IT_number        1 
_space_group.name_Hall        'P 1' 
_space_group.id               1 
# 
_atom_sites.entry_id                    9CWW 
_atom_sites.Cartn_transf_matrix[1][1]   ? 
_atom_sites.Cartn_transf_matrix[1][2]   ? 
_atom_sites.Cartn_transf_matrix[1][3]   ? 
_atom_sites.Cartn_transf_matrix[2][1]   ? 
_atom_sites.Cartn_transf_matrix[2][2]   ? 
_atom_sites.Cartn_transf_matrix[2][3]   ? 
_atom_sites.Cartn_transf_matrix[3][1]   ? 
_atom_sites.Cartn_transf_matrix[3][2]   ? 
_atom_sites.Cartn_transf_matrix[3][3]   ? 
_atom_sites.Cartn_transf_vector[1]      ? 
_atom_sites.Cartn_transf_vector[2]      ? 
_atom_sites.Cartn_transf_vector[3]      ? 
_atom_sites.Cartn_transform_axes        ? 
_atom_sites.fract_transf_matrix[1][1]   1.000000 
_atom_sites.fract_transf_matrix[1][2]   0.000000 
_atom_sites.fract_transf_matrix[1][3]   0.000000 
_atom_sites.fract_transf_matrix[2][1]   0.000000 
_atom_sites.fract_transf_matrix[2][2]   1.000000 
_atom_sites.fract_transf_matrix[2][3]   0.000000 
_atom_sites.fract_transf_matrix[3][1]   0.000000 
_atom_sites.fract_transf_matrix[3][2]   0.000000 
_atom_sites.fract_transf_matrix[3][3]   1.000000 
_atom_sites.fract_transf_vector[1]      0.00000 
_atom_sites.fract_transf_vector[2]      0.00000 
_atom_sites.fract_transf_vector[3]      0.00000 
_atom_sites.solution_primary            ? 
_atom_sites.solution_secondary          ? 
_atom_sites.solution_hydrogens          ? 
_atom_sites.special_details             ? 
# 
loop_
_atom_type.symbol 
C 
N 
O 
S 
# 
loop_
_atom_site.group_PDB 
_atom_site.id 
_atom_site.type_symbol 
_atom_site.label_atom_id 
_atom_site.label_alt_id 
_atom_site.label_comp_id 
_atom_site.label_asym_id 
_atom_site.label_entity_id 
_atom_site.label_seq_id 
_atom_site.pdbx_PDB_ins_code 
_atom_site.Cartn_x 
_atom_site.Cartn_y 
_atom_site.Cartn_z 
_atom_site.occupancy 
_atom_site.B_iso_or_equiv 
_atom_site.pdbx_formal_charge 
_atom_site.auth_seq_id 
_atom_site.auth_comp_id 
_atom_site.auth_asym_id 
_atom_site.auth_atom_id 
_atom_site.pdbx_PDB_model_num 
ATOM 1    N N   . PRO A 1 42 ? 29.07892  0.03368   -2.65191  1.000 62.93007 ? 42 PRO A N   1 
ATOM 2    C CA  . PRO A 1 42 ? 27.68109  -0.30866  -2.92567  1.000 61.42172 ? 42 PRO A CA  1 
ATOM 3    C C   . PRO A 1 42 ? 26.84652  0.90140   -3.33576  1.000 60.98150 ? 42 PRO A C   1 
ATOM 4    O O   . PRO A 1 42 ? 26.98059  1.97066   -2.74274  1.000 61.65579 ? 42 PRO A O   1 
ATOM 5    C CB  . PRO A 1 42 ? 27.20344  -0.87552  -1.59111  1.000 60.82371 ? 42 PRO A CB  1 
ATOM 6    C CG  . PRO A 1 42 ? 28.42209  -1.52730  -1.02621  1.000 61.88417 ? 42 PRO A CG  1 
ATOM 7    C CD  . PRO A 1 42 ? 29.61020  -0.71466  -1.49842  1.000 60.85382 ? 42 PRO A CD  1 
ATOM 8    N N   . GLY A 1 43 ? 25.99542  0.72608   -4.34715  1.000 52.82113 ? 43 GLY A N   1 
ATOM 9    C CA  . GLY A 1 43 ? 25.17406  1.83176   -4.81031  1.000 49.09445 ? 43 GLY A CA  1 
ATOM 10   C C   . GLY A 1 43 ? 24.15357  2.28067   -3.78295  1.000 48.04282 ? 43 GLY A C   1 
ATOM 11   O O   . GLY A 1 43 ? 23.92479  3.47937   -3.60416  1.000 47.97679 ? 43 GLY A O   1 
ATOM 12   N N   . LEU A 1 44 ? 23.52685  1.32815   -3.09525  1.000 42.58660 ? 44 LEU A N   1 
ATOM 13   C CA  . LEU A 1 44 ? 22.50424  1.62813   -2.09783  1.000 36.07968 ? 44 LEU A CA  1 
ATOM 14   C C   . LEU A 1 44 ? 22.47692  0.50061   -1.07653  1.000 37.93784 ? 44 LEU A C   1 
ATOM 15   O O   . LEU A 1 44 ? 22.18436  -0.64761  -1.42353  1.000 46.08012 ? 44 LEU A O   1 
ATOM 16   C CB  . LEU A 1 44 ? 21.13233  1.80415   -2.75136  1.000 36.78088 ? 44 LEU A CB  1 
ATOM 17   C CG  . LEU A 1 44 ? 20.07062  2.58492   -1.97281  1.000 38.73420 ? 44 LEU A CG  1 
ATOM 18   C CD1 . LEU A 1 44 ? 19.13962  3.30537   -2.93147  1.000 40.12217 ? 44 LEU A CD1 1 
ATOM 19   C CD2 . LEU A 1 44 ? 19.27890  1.67052   -1.05111  1.000 36.83084 ? 44 LEU A CD2 1 
ATOM 20   N N   . MET A 1 45 ? 22.78248  0.82800   0.17558   1.000 39.18995 ? 45 MET A N   1 
ATOM 21   C CA  . MET A 1 45 ? 22.69313  -0.10930  1.28790   1.000 37.97266 ? 45 MET A CA  1 
ATOM 22   C C   . MET A 1 45 ? 21.61688  0.38779   2.24150   1.000 38.49881 ? 45 MET A C   1 
ATOM 23   O O   . MET A 1 45 ? 21.66490  1.53851   2.68786   1.000 47.15036 ? 45 MET A O   1 
ATOM 24   C CB  . MET A 1 45 ? 24.03638  -0.24518  2.00547   1.000 36.87447 ? 45 MET A CB  1 
ATOM 25   C CG  . MET A 1 45 ? 23.99988  -1.15776  3.22023   1.000 41.61071 ? 45 MET A CG  1 
ATOM 26   S SD  . MET A 1 45 ? 25.63873  -1.66295  3.78083   1.000 55.43742 ? 45 MET A SD  1 
ATOM 27   C CE  . MET A 1 45 ? 26.60563  -1.42530  2.29160   1.000 43.45600 ? 45 MET A CE  1 
ATOM 28   N N   . ALA A 1 46 ? 20.64802  -0.47162  2.54909   1.000 31.56629 ? 46 ALA A N   1 
ATOM 29   C CA  . ALA A 1 46 ? 19.50801  -0.07520  3.36740   1.000 31.38103 ? 46 ALA A CA  1 
ATOM 30   C C   . ALA A 1 46 ? 19.14372  -1.20213  4.31934   1.000 31.76736 ? 46 ALA A C   1 
ATOM 31   O O   . ALA A 1 46 ? 18.88607  -2.32732  3.88280   1.000 36.72330 ? 46 ALA A O   1 
ATOM 32   C CB  . ALA A 1 46 ? 18.30627  0.29438   2.49330   1.000 28.75805 ? 46 ALA A CB  1 
ATOM 33   N N   . GLN A 1 47 ? 19.12572  -0.89822  5.61420   1.000 29.93596 ? 47 GLN A N   1 
ATOM 34   C CA  . GLN A 1 47 ? 18.59611  -1.79629  6.63392   1.000 26.63412 ? 47 GLN A CA  1 
ATOM 35   C C   . GLN A 1 47 ? 17.34113  -1.14869  7.20624   1.000 26.13233 ? 47 GLN A C   1 
ATOM 36   O O   . GLN A 1 47 ? 17.42711  -0.18321  7.97133   1.000 41.88031 ? 47 GLN A O   1 
ATOM 37   C CB  . GLN A 1 47 ? 19.63094  -2.06526  7.72348   1.000 28.24536 ? 47 GLN A CB  1 
ATOM 38   C CG  . GLN A 1 47 ? 21.01434  -2.39729  7.19555   1.000 27.36937 ? 47 GLN A CG  1 
ATOM 39   C CD  . GLN A 1 47 ? 21.95996  -2.84785  8.28937   1.000 32.61760 ? 47 GLN A CD  1 
ATOM 40   O OE1 . GLN A 1 47 ? 21.56686  -2.98655  9.44678   1.000 38.01460 ? 47 GLN A OE1 1 
ATOM 41   N NE2 . GLN A 1 47 ? 23.21523  -3.08132  7.92714   1.000 37.10146 ? 47 GLN A NE2 1 
ATOM 42   N N   . MET A 1 48 ? 16.17859  -1.67783  6.83683   1.000 21.51893 ? 48 MET A N   1 
ATOM 43   C CA  . MET A 1 48 ? 14.90068  -1.04697  7.13387   1.000 25.72602 ? 48 MET A CA  1 
ATOM 44   C C   . MET A 1 48 ? 14.04295  -1.97350  7.98187   1.000 26.38588 ? 48 MET A C   1 
ATOM 45   O O   . MET A 1 48 ? 13.93601  -3.16900  7.69074   1.000 30.91336 ? 48 MET A O   1 
ATOM 46   C CB  . MET A 1 48 ? 14.16454  -0.68148  5.84252   1.000 23.83926 ? 48 MET A CB  1 
ATOM 47   C CG  . MET A 1 48 ? 15.04763  -0.02063  4.79486   1.000 26.84335 ? 48 MET A CG  1 
ATOM 48   S SD  . MET A 1 48 ? 14.11920  0.69840   3.42686   1.000 40.80191 ? 48 MET A SD  1 
ATOM 49   C CE  . MET A 1 48 ? 12.50657  0.90238   4.17638   1.000 29.45081 ? 48 MET A CE  1 
ATOM 50   N N   . ALA A 1 49 ? 13.43780  -1.41744  9.02836   1.000 27.99495 ? 49 ALA A N   1 
ATOM 51   C CA  . ALA A 1 49 ? 12.47393  -2.12170  9.86697   1.000 25.11542 ? 49 ALA A CA  1 
ATOM 52   C C   . ALA A 1 49 ? 11.18027  -1.31777  9.85774   1.000 24.20202 ? 49 ALA A C   1 
ATOM 53   O O   . ALA A 1 49 ? 11.09177  -0.26765  10.50253  1.000 39.27626 ? 49 ALA A O   1 
ATOM 54   C CB  . ALA A 1 49 ? 13.00537  -2.30312  11.28693  1.000 22.71845 ? 49 ALA A CB  1 
ATOM 55   N N   . THR A 1 50 ? 10.18238  -1.80876  9.13026   1.000 29.12103 ? 50 THR A N   1 
ATOM 56   C CA  . THR A 1 50 ? 8.93039   -1.09702  8.92780   1.000 30.95687 ? 50 THR A CA  1 
ATOM 57   C C   . THR A 1 50 ? 7.78631   -1.83584  9.60938   1.000 28.07663 ? 50 THR A C   1 
ATOM 58   O O   . THR A 1 50 ? 7.66775   -3.06013  9.50680   1.000 35.30471 ? 50 THR A O   1 
ATOM 59   C CB  . THR A 1 50 ? 8.62769   -0.93387  7.43402   1.000 35.09143 ? 50 THR A CB  1 
ATOM 60   O OG1 . THR A 1 50 ? 9.74940   -0.32545  6.78210   1.000 33.48667 ? 50 THR A OG1 1 
ATOM 61   C CG2 . THR A 1 50 ? 7.39810   -0.06212  7.22780   1.000 34.44136 ? 50 THR A CG2 1 
ATOM 62   N N   . THR A 1 51 ? 6.94574   -1.07831  10.31105  1.000 27.00419 ? 51 THR A N   1 
ATOM 63   C CA  . THR A 1 51 ? 5.78584   -1.62990  11.00155  1.000 25.44271 ? 51 THR A CA  1 
ATOM 64   C C   . THR A 1 51 ? 4.56781   -0.79707  10.63866  1.000 23.31211 ? 51 THR A C   1 
ATOM 65   O O   . THR A 1 51 ? 4.59198   0.42949   10.77664  1.000 39.58347 ? 51 THR A O   1 
ATOM 66   C CB  . THR A 1 51 ? 5.99559   -1.63632  12.51707  1.000 28.72246 ? 51 THR A CB  1 
ATOM 67   O OG1 . THR A 1 51 ? 7.20345   -2.33838  12.82845  1.000 30.12762 ? 51 THR A OG1 1 
ATOM 68   C CG2 . THR A 1 51 ? 4.83338   -2.31890  13.21133  1.000 27.55184 ? 51 THR A CG2 1 
ATOM 69   N N   . ALA A 1 52 ? 3.50861   -1.45829  10.17914  1.000 23.14611 ? 52 ALA A N   1 
ATOM 70   C CA  . ALA A 1 52 ? 2.27471   -0.78828  9.79374   1.000 22.32371 ? 52 ALA A CA  1 
ATOM 71   C C   . ALA A 1 52 ? 1.09274   -1.51217  10.41783  1.000 24.16166 ? 52 ALA A C   1 
ATOM 72   O O   . ALA A 1 52 ? 1.01458   -2.74318  10.36128  1.000 32.29172 ? 52 ALA A O   1 
ATOM 73   C CB  . ALA A 1 52 ? 2.12318   -0.73753  8.27029   1.000 24.53373 ? 52 ALA A CB  1 
ATOM 74   N N   . ALA A 1 53 ? 0.17942   -0.74854  11.01207  1.000 20.53934 ? 53 ALA A N   1 
ATOM 75   C CA  . ALA A 1 53 ? -1.02947  -1.29792  11.60582  1.000 18.20115 ? 53 ALA A CA  1 
ATOM 76   C C   . ALA A 1 53 ? -2.19054  -0.35475  11.33650  1.000 16.38877 ? 53 ALA A C   1 
ATOM 77   O O   . ALA A 1 53 ? -2.04712  0.86445   11.45690  1.000 32.74079 ? 53 ALA A O   1 
ATOM 78   C CB  . ALA A 1 53 ? -0.86679  -1.51833  13.11448  1.000 22.10570 ? 53 ALA A CB  1 
ATOM 79   N N   . GLY A 1 54 ? -3.33935  -0.92283  10.97823  1.000 22.49716 ? 54 GLY A N   1 
ATOM 80   C CA  . GLY A 1 54 ? -4.51096  -0.12115  10.68492  1.000 24.39347 ? 54 GLY A CA  1 
ATOM 81   C C   . GLY A 1 54 ? -4.31924  0.81714   9.51126   1.000 21.35213 ? 54 GLY A C   1 
ATOM 82   O O   . GLY A 1 54 ? -4.60543  2.01332   9.61145   1.000 34.69719 ? 54 GLY A O   1 
ATOM 83   N N   . VAL A 1 55 ? -3.81884  0.29211   8.39793   1.000 25.18914 ? 55 VAL A N   1 
ATOM 84   C CA  . VAL A 1 55 ? -3.54326  1.08499   7.20600   1.000 22.11240 ? 55 VAL A CA  1 
ATOM 85   C C   . VAL A 1 55 ? -4.65073  0.83493   6.19169   1.000 25.95924 ? 55 VAL A C   1 
ATOM 86   O O   . VAL A 1 55 ? -4.94484  -0.31696  5.85109   1.000 33.36760 ? 55 VAL A O   1 
ATOM 87   C CB  . VAL A 1 55 ? -2.16643  0.74664   6.61441   1.000 25.30084 ? 55 VAL A CB  1 
ATOM 88   C CG1 . VAL A 1 55 ? -1.94140  1.51405   5.32119   1.000 26.11926 ? 55 VAL A CG1 1 
ATOM 89   C CG2 . VAL A 1 55 ? -1.06965  1.05140   7.62117   1.000 18.37593 ? 55 VAL A CG2 1 
ATOM 90   N N   . ALA A 1 56 ? -5.26649  1.91188   5.70972   1.000 29.46136 ? 56 ALA A N   1 
ATOM 91   C CA  . ALA A 1 56 ? -6.28821  1.84624   4.67213   1.000 23.89778 ? 56 ALA A CA  1 
ATOM 92   C C   . ALA A 1 56 ? -5.81460  2.66033   3.47772   1.000 23.00486 ? 56 ALA A C   1 
ATOM 93   O O   . ALA A 1 56 ? -5.56127  3.86279   3.60506   1.000 31.98566 ? 56 ALA A O   1 
ATOM 94   C CB  . ALA A 1 56 ? -7.63192  2.36745   5.18478   1.000 17.81727 ? 56 ALA A CB  1 
ATOM 95   N N   . VAL A 1 57 ? -5.69730  2.00960   2.32364   1.000 23.84963 ? 57 VAL A N   1 
ATOM 96   C CA  . VAL A 1 57 ? -5.20264  2.64085   1.10510   1.000 26.47968 ? 57 VAL A CA  1 
ATOM 97   C C   . VAL A 1 57 ? -6.27526  2.48333   0.03659   1.000 21.37865 ? 57 VAL A C   1 
ATOM 98   O O   . VAL A 1 57 ? -6.59080  1.35927   -0.37513  1.000 28.85697 ? 57 VAL A O   1 
ATOM 99   C CB  . VAL A 1 57 ? -3.86928  2.03655   0.64422   1.000 25.99760 ? 57 VAL A CB  1 
ATOM 100  C CG1 . VAL A 1 57 ? -3.59908  2.38317   -0.81332  1.000 22.89699 ? 57 VAL A CG1 1 
ATOM 101  C CG2 . VAL A 1 57 ? -2.73425  2.51599   1.53403   1.000 25.94051 ? 57 VAL A CG2 1 
ATOM 102  N N   . GLY A 1 58 ? -6.83378  3.60361   -0.41184  1.000 24.72847 ? 58 GLY A N   1 
ATOM 103  C CA  . GLY A 1 58 ? -7.86198  3.57411   -1.44141  1.000 17.34056 ? 58 GLY A CA  1 
ATOM 104  C C   . GLY A 1 58 ? -9.07709  2.75649   -1.06486  1.000 20.78259 ? 58 GLY A C   1 
ATOM 105  O O   . GLY A 1 58 ? -9.64270  2.06103   -1.91696  1.000 28.30038 ? 58 GLY A O   1 
ATOM 106  N N   . SER A 1 59 ? -9.50372  2.83627   0.19250   1.000 21.21957 ? 59 SER A N   1 
ATOM 107  C CA  . SER A 1 59 ? -10.52806 1.95246   0.72441   1.000 25.28946 ? 59 SER A CA  1 
ATOM 108  C C   . SER A 1 59 ? -11.64913 2.75841   1.36355   1.000 22.77780 ? 59 SER A C   1 
ATOM 109  O O   . SER A 1 59 ? -11.44955 3.89055   1.80802   1.000 31.25810 ? 59 SER A O   1 
ATOM 110  C CB  . SER A 1 59 ? -9.93438  0.98225   1.75454   1.000 29.64283 ? 59 SER A CB  1 
ATOM 111  O OG  . SER A 1 59 ? -8.62478  0.58816   1.38660   1.000 34.67437 ? 59 SER A OG  1 
ATOM 112  N N   . ALA A 1 60 ? -12.83742 2.16129   1.39872   1.000 27.05797 ? 60 ALA A N   1 
ATOM 113  C CA  . ALA A 1 60 ? -13.99417 2.73847   2.08187   1.000 26.47338 ? 60 ALA A CA  1 
ATOM 114  C C   . ALA A 1 60 ? -14.21372 1.92991   3.35610   1.000 26.47065 ? 60 ALA A C   1 
ATOM 115  O O   . ALA A 1 60 ? -14.87015 0.88831   3.34860   1.000 29.69620 ? 60 ALA A O   1 
ATOM 116  C CB  . ALA A 1 60 ? -15.22345 2.73077   1.18146   1.000 23.87737 ? 60 ALA A CB  1 
ATOM 117  N N   . VAL A 1 61 ? -13.65425 2.41610   4.46095   1.000 24.96515 ? 61 VAL A N   1 
ATOM 118  C CA  . VAL A 1 61 ? -13.66835 1.70010   5.73097   1.000 26.13081 ? 61 VAL A CA  1 
ATOM 119  C C   . VAL A 1 61 ? -14.51845 2.46380   6.73432   1.000 20.86860 ? 61 VAL A C   1 
ATOM 120  O O   . VAL A 1 61 ? -14.38744 3.68412   6.87989   1.000 32.17874 ? 61 VAL A O   1 
ATOM 121  C CB  . VAL A 1 61 ? -12.24218 1.48827   6.27259   1.000 22.62481 ? 61 VAL A CB  1 
ATOM 122  C CG1 . VAL A 1 61 ? -12.27189 0.54045   7.45552   1.000 28.23958 ? 61 VAL A CG1 1 
ATOM 123  C CG2 . VAL A 1 61 ? -11.33236 0.95682   5.17894   1.000 25.10947 ? 61 VAL A CG2 1 
ATOM 124  N N   . GLY A 1 62 ? -15.39831 1.74161   7.42651   1.000 21.03009 ? 62 GLY A N   1 
ATOM 125  C CA  . GLY A 1 62 ? -16.21788 2.36625   8.44913   1.000 22.45721 ? 62 GLY A CA  1 
ATOM 126  C C   . GLY A 1 62 ? -15.41776 2.81991   9.65499   1.000 24.92632 ? 62 GLY A C   1 
ATOM 127  O O   . GLY A 1 62 ? -15.65289 3.90475   10.19433  1.000 28.66368 ? 62 GLY A O   1 
ATOM 128  N N   . HIS A 1 63 ? -14.46338 2.00031   10.09139  1.000 26.00608 ? 63 HIS A N   1 
ATOM 129  C CA  . HIS A 1 63 ? -13.67931 2.29926   11.28050  1.000 19.04558 ? 63 HIS A CA  1 
ATOM 130  C C   . HIS A 1 63 ? -12.34314 1.57882   11.18237  1.000 21.53593 ? 63 HIS A C   1 
ATOM 131  O O   . HIS A 1 63 ? -12.28600 0.41920   10.76594  1.000 36.01250 ? 63 HIS A O   1 
ATOM 132  C CB  . HIS A 1 63 ? -14.43514 1.88585   12.55241  1.000 22.13443 ? 63 HIS A CB  1 
ATOM 133  C CG  . HIS A 1 63 ? -13.63679 2.01997   13.81294  1.000 29.64802 ? 63 HIS A CG  1 
ATOM 134  N ND1 . HIS A 1 63 ? -13.94114 2.94662   14.78662  1.000 33.26518 ? 63 HIS A ND1 1 
ATOM 135  C CD2 . HIS A 1 63 ? -12.56722 1.32886   14.27411  1.000 32.86698 ? 63 HIS A CD2 1 
ATOM 136  C CE1 . HIS A 1 63 ? -13.08252 2.83346   15.78396  1.000 32.62349 ? 63 HIS A CE1 1 
ATOM 137  N NE2 . HIS A 1 63 ? -12.23797 1.85945   15.49751  1.000 34.57043 ? 63 HIS A NE2 1 
ATOM 138  N N   . VAL A 1 64 ? -11.27374 2.27085   11.57018  1.000 22.21315 ? 64 VAL A N   1 
ATOM 139  C CA  . VAL A 1 64 ? -9.91921  1.73339   11.51790  1.000 22.61895 ? 64 VAL A CA  1 
ATOM 140  C C   . VAL A 1 64 ? -9.29227  1.84646   12.89981  1.000 26.03054 ? 64 VAL A C   1 
ATOM 141  O O   . VAL A 1 64 ? -9.33603  2.91391   13.52104  1.000 33.95914 ? 64 VAL A O   1 
ATOM 142  C CB  . VAL A 1 64 ? -9.04941  2.46335   10.47636  1.000 25.88156 ? 64 VAL A CB  1 
ATOM 143  C CG1 . VAL A 1 64 ? -7.63154  1.93110   10.51033  1.000 25.00932 ? 64 VAL A CG1 1 
ATOM 144  C CG2 . VAL A 1 64 ? -9.63483  2.30509   9.08960   1.000 26.23542 ? 64 VAL A CG2 1 
ATOM 145  N N   . MET A 1 65 ? -8.71018  0.74804   13.37605  1.000 33.19581 ? 65 MET A N   1 
ATOM 146  C CA  . MET A 1 65 ? -7.95069  0.72372   14.61867  1.000 30.46561 ? 65 MET A CA  1 
ATOM 147  C C   . MET A 1 65 ? -6.55748  0.19285   14.32361  1.000 30.32454 ? 65 MET A C   1 
ATOM 148  O O   . MET A 1 65 ? -6.40797  -0.78135  13.57959  1.000 39.76101 ? 65 MET A O   1 
ATOM 149  C CB  . MET A 1 65 ? -8.63357  -0.14515  15.67975  1.000 33.82473 ? 65 MET A CB  1 
ATOM 150  C CG  . MET A 1 65 ? -9.36483  0.63728   16.75645  1.000 36.45287 ? 65 MET A CG  1 
ATOM 151  S SD  . MET A 1 65 ? -10.59025 -0.36302  17.62208  1.000 54.50299 ? 65 MET A SD  1 
ATOM 152  C CE  . MET A 1 65 ? -11.44065 0.88777   18.58124  1.000 37.78346 ? 65 MET A CE  1 
ATOM 153  N N   . GLY A 1 66 ? -5.54361  0.83058   14.90109  1.000 24.34736 ? 66 GLY A N   1 
ATOM 154  C CA  . GLY A 1 66 ? -4.17612  0.41640   14.66152  1.000 21.80361 ? 66 GLY A CA  1 
ATOM 155  C C   . GLY A 1 66 ? -3.25459  0.61270   15.84653  1.000 23.94622 ? 66 GLY A C   1 
ATOM 156  O O   . GLY A 1 66 ? -3.25289  1.67534   16.47442  1.000 39.96711 ? 66 GLY A O   1 
ATOM 157  N N   . SER A 1 67 ? -2.46616  -0.41237  16.16227  1.000 24.89597 ? 67 SER A N   1 
ATOM 158  C CA  . SER A 1 67 ? -1.47209  -0.35064  17.22669  1.000 25.64293 ? 67 SER A CA  1 
ATOM 159  C C   . SER A 1 67 ? -0.18636  -0.97866  16.71448  1.000 24.25592 ? 67 SER A C   1 
ATOM 160  O O   . SER A 1 67 ? -0.16913  -2.16356  16.36689  1.000 35.55635 ? 67 SER A O   1 
ATOM 161  C CB  . SER A 1 67 ? -1.96096  -1.06901  18.48706  1.000 27.07335 ? 67 SER A CB  1 
ATOM 162  O OG  . SER A 1 67 ? -0.97683  -1.03488  19.50531  1.000 33.35217 ? 67 SER A OG  1 
ATOM 163  N N   . ALA A 1 68 ? 0.88403   -0.19072  16.66766  1.000 27.90683 ? 68 ALA A N   1 
ATOM 164  C CA  . ALA A 1 68 ? 2.15508   -0.63874  16.12003  1.000 26.61254 ? 68 ALA A CA  1 
ATOM 165  C C   . ALA A 1 68 ? 3.28603   -0.30532  17.08072  1.000 28.74594 ? 68 ALA A C   1 
ATOM 166  O O   . ALA A 1 68 ? 3.30388   0.77054   17.68526  1.000 38.75587 ? 68 ALA A O   1 
ATOM 167  C CB  . ALA A 1 68 ? 2.42226   -0.00121  14.75296  1.000 27.15006 ? 68 ALA A CB  1 
ATOM 168  N N   . LEU A 1 69 ? 4.22669   -1.23688  17.21737  1.000 26.92737 ? 69 LEU A N   1 
ATOM 169  C CA  . LEU A 1 69 ? 5.40462   -1.06108  18.05358  1.000 29.56364 ? 69 LEU A CA  1 
ATOM 170  C C   . LEU A 1 69 ? 6.62080   -1.58046  17.30263  1.000 29.98733 ? 69 LEU A C   1 
ATOM 171  O O   . LEU A 1 69 ? 6.55254   -2.62063  16.64173  1.000 35.96075 ? 69 LEU A O   1 
ATOM 172  C CB  . LEU A 1 69 ? 5.24703   -1.79174  19.39656  1.000 26.67008 ? 69 LEU A CB  1 
ATOM 173  C CG  . LEU A 1 69 ? 6.20758   -1.44993  20.53958  1.000 33.89987 ? 69 LEU A CG  1 
ATOM 174  C CD1 . LEU A 1 69 ? 5.52685   -1.68676  21.87648  1.000 34.25386 ? 69 LEU A CD1 1 
ATOM 175  C CD2 . LEU A 1 69 ? 7.49158   -2.26241  20.45544  1.000 30.69212 ? 69 LEU A CD2 1 
ATOM 176  N N   . THR A 1 70 ? 7.73207   -0.85410  17.40266  1.000 38.19387 ? 70 THR A N   1 
ATOM 177  C CA  . THR A 1 70 ? 8.95713   -1.21201  16.70066  1.000 37.03846 ? 70 THR A CA  1 
ATOM 178  C C   . THR A 1 70 ? 10.15055  -1.07212  17.63125  1.000 35.18400 ? 70 THR A C   1 
ATOM 179  O O   . THR A 1 70 ? 10.31717  -0.03687  18.28361  1.000 43.04477 ? 70 THR A O   1 
ATOM 180  C CB  . THR A 1 70 ? 9.16709   -0.33511  15.46269  1.000 39.99095 ? 70 THR A CB  1 
ATOM 181  O OG1 . THR A 1 70 ? 7.96755   -0.31241  14.68078  1.000 45.52116 ? 70 THR A OG1 1 
ATOM 182  C CG2 . THR A 1 70 ? 10.30951  -0.87244  14.61443  1.000 36.59225 ? 70 THR A CG2 1 
ATOM 183  N N   . GLY A 1 71 ? 10.97315  -2.11475  17.68878  1.000 34.78290 ? 71 GLY A N   1 
ATOM 184  C CA  . GLY A 1 71 ? 12.26315  -2.03902  18.34237  1.000 32.24621 ? 71 GLY A CA  1 
ATOM 185  C C   . GLY A 1 71 ? 13.35588  -2.49648  17.40051  1.000 33.45397 ? 71 GLY A C   1 
ATOM 186  O O   . GLY A 1 71 ? 13.39539  -3.66978  17.02066  1.000 46.44338 ? 71 GLY A O   1 
ATOM 187  N N   . ALA A 1 72 ? 14.25043  -1.59084  17.01314  1.000 35.18436 ? 72 ALA A N   1 
ATOM 188  C CA  . ALA A 1 72 ? 15.23884  -1.89832  15.99206  1.000 35.59326 ? 72 ALA A CA  1 
ATOM 189  C C   . ALA A 1 72 ? 16.59034  -1.31557  16.37628  1.000 40.08948 ? 72 ALA A C   1 
ATOM 190  O O   . ALA A 1 72 ? 16.68198  -0.34604  17.13229  1.000 43.08838 ? 72 ALA A O   1 
ATOM 191  C CB  . ALA A 1 72 ? 14.80701  -1.36959  14.61803  1.000 32.75430 ? 72 ALA A CB  1 
ATOM 192  N N   . PHE A 1 73 ? 17.64298  -1.93129  15.83478  1.000 40.50313 ? 73 PHE A N   1 
ATOM 193  C CA  . PHE A 1 73 ? 19.01981  -1.46247  16.00159  1.000 41.02529 ? 73 PHE A CA  1 
ATOM 194  C C   . PHE A 1 73 ? 19.39313  -1.32752  17.47585  1.000 41.66877 ? 73 PHE A C   1 
ATOM 195  O O   . PHE A 1 73 ? 20.03783  -0.36311  17.89225  1.000 42.13938 ? 73 PHE A O   1 
ATOM 196  C CB  . PHE A 1 73 ? 19.23999  -0.14581  15.25560  1.000 36.11518 ? 73 PHE A CB  1 
ATOM 197  C CG  . PHE A 1 73 ? 18.85929  -0.20564  13.80455  1.000 39.13020 ? 73 PHE A CG  1 
ATOM 198  C CD1 . PHE A 1 73 ? 19.70262  -0.79215  12.87643  1.000 39.51517 ? 73 PHE A CD1 1 
ATOM 199  C CD2 . PHE A 1 73 ? 17.65580  0.32167   13.36915  1.000 37.59143 ? 73 PHE A CD2 1 
ATOM 200  C CE1 . PHE A 1 73 ? 19.35226  -0.85147  11.54146  1.000 35.82658 ? 73 PHE A CE1 1 
ATOM 201  C CE2 . PHE A 1 73 ? 17.29998  0.26576   12.03579  1.000 37.46359 ? 73 PHE A CE2 1 
ATOM 202  C CZ  . PHE A 1 73 ? 18.14926  -0.32158  11.12103  1.000 36.12241 ? 73 PHE A CZ  1 
ATOM 203  N N   . SER A 1 74 ? 18.98325  -2.30921  18.27391  1.000 49.40444 ? 74 SER A N   1 
ATOM 204  C CA  . SER A 1 74 ? 19.29766  -2.33484  19.69521  1.000 50.75145 ? 74 SER A CA  1 
ATOM 205  C C   . SER A 1 74 ? 20.69657  -2.90082  19.90037  1.000 49.76525 ? 74 SER A C   1 
ATOM 206  O O   . SER A 1 74 ? 21.03703  -3.94933  19.34352  1.000 50.82481 ? 74 SER A O   1 
ATOM 207  C CB  . SER A 1 74 ? 18.27009  -3.16854  20.46109  1.000 48.84993 ? 74 SER A CB  1 
ATOM 208  O OG  . SER A 1 74 ? 16.96040  -2.66174  20.27367  1.000 52.09848 ? 74 SER A OG  1 
ATOM 209  N N   . GLY A 1 75 ? 21.50130  -2.20486  20.69625  1.000 52.67279 ? 75 GLY A N   1 
ATOM 210  C CA  . GLY A 1 75 ? 22.86030  -2.63411  20.96868  1.000 52.34434 ? 75 GLY A CA  1 
ATOM 211  C C   . GLY A 1 75 ? 22.93665  -3.85665  21.86172  1.000 53.90312 ? 75 GLY A C   1 
ATOM 212  O O   . GLY A 1 75 ? 21.97606  -4.19214  22.55430  1.000 55.30507 ? 75 GLY A O   1 
ATOM 213  N N   . PRO B 1 42 ? 28.01007  -3.79931  -5.05417  1.000 62.93007 ? 42 PRO B N   1 
ATOM 214  C CA  . PRO B 1 42 ? 26.60766  -4.15798  -5.27919  1.000 61.42172 ? 42 PRO B CA  1 
ATOM 215  C C   . PRO B 1 42 ? 25.74122  -2.95459  -5.63984  1.000 60.98150 ? 42 PRO B C   1 
ATOM 216  O O   . PRO B 1 42 ? 25.88309  -1.89173  -5.03720  1.000 61.65579 ? 42 PRO B O   1 
ATOM 217  C CB  . PRO B 1 42 ? 26.18952  -4.74991  -3.93557  1.000 60.82371 ? 42 PRO B CB  1 
ATOM 218  C CG  . PRO B 1 42 ? 27.43789  -5.39172  -3.42698  1.000 61.88417 ? 42 PRO B CG  1 
ATOM 219  C CD  . PRO B 1 42 ? 28.59560  -4.55563  -3.93260  1.000 60.85382 ? 42 PRO B CD  1 
ATOM 220  N N   . GLY B 1 43 ? 24.85444  -3.12830  -6.62038  1.000 52.82113 ? 43 GLY B N   1 
ATOM 221  C CA  . GLY B 1 43 ? 24.00061  -2.02835  -7.03602  1.000 49.09445 ? 43 GLY B CA  1 
ATOM 222  C C   . GLY B 1 43 ? 23.01419  -1.60831  -5.96415  1.000 48.04282 ? 43 GLY B C   1 
ATOM 223  O O   . GLY B 1 43 ? 22.77581  -0.41561  -5.75969  1.000 47.97679 ? 43 GLY B O   1 
ATOM 224  N N   . LEU B 1 44 ? 22.42762  -2.57912  -5.26664  1.000 42.58660 ? 44 LEU B N   1 
ATOM 225  C CA  . LEU B 1 44 ? 21.44000  -2.30761  -4.22672  1.000 36.07968 ? 44 LEU B CA  1 
ATOM 226  C C   . LEU B 1 44 ? 21.46758  -3.44931  -3.22129  1.000 37.93784 ? 44 LEU B C   1 
ATOM 227  O O   . LEU B 1 44 ? 21.17789  -4.59675  -3.57317  1.000 46.08012 ? 44 LEU B O   1 
ATOM 228  C CB  . LEU B 1 44 ? 20.04170  -2.14247  -4.82480  1.000 36.78088 ? 44 LEU B CB  1 
ATOM 229  C CG  . LEU B 1 44 ? 18.99991  -1.38784  -3.99522  1.000 38.73420 ? 44 LEU B CG  1 
ATOM 230  C CD1 . LEU B 1 44 ? 18.02288  -0.66783  -4.90726  1.000 40.12217 ? 44 LEU B CD1 1 
ATOM 231  C CD2 . LEU B 1 44 ? 18.25695  -2.32610  -3.05706  1.000 36.83084 ? 44 LEU B CD2 1 
ATOM 232  N N   . MET B 1 45 ? 21.81641  -3.13471  -1.97722  1.000 39.18995 ? 45 MET B N   1 
ATOM 233  C CA  . MET B 1 45 ? 21.78286  -4.08835  -0.87577  1.000 37.97266 ? 45 MET B CA  1 
ATOM 234  C C   . MET B 1 45 ? 20.73722  -3.61996  0.12524   1.000 38.49881 ? 45 MET B C   1 
ATOM 235  O O   . MET B 1 45 ? 20.78635  -2.47488  0.58578   1.000 47.15036 ? 45 MET B O   1 
ATOM 236  C CB  . MET B 1 45 ? 23.15443  -4.21466  -0.21203  1.000 36.87447 ? 45 MET B CB  1 
ATOM 237  C CG  . MET B 1 45 ? 23.17729  -5.14422  0.99012   1.000 41.61071 ? 45 MET B CG  1 
ATOM 238  S SD  . MET B 1 45 ? 24.84331  -5.63335  1.48045   1.000 55.43742 ? 45 MET B SD  1 
ATOM 239  C CE  . MET B 1 45 ? 25.74892  -5.36140  -0.04109  1.000 43.45600 ? 45 MET B CE  1 
ATOM 240  N N   . ALA B 1 46 ? 19.79290  -4.49738  0.45734   1.000 31.56629 ? 46 ALA B N   1 
ATOM 241  C CA  . ALA B 1 46 ? 18.67976  -4.12870  1.32414   1.000 31.38103 ? 46 ALA B CA  1 
ATOM 242  C C   . ALA B 1 46 ? 18.36799  -5.27371  2.27316   1.000 31.76736 ? 46 ALA B C   1 
ATOM 243  O O   . ALA B 1 46 ? 18.10941  -6.39641  1.83081   1.000 36.72330 ? 46 ALA B O   1 
ATOM 244  C CB  . ALA B 1 46 ? 17.44033  -3.76456  0.50195   1.000 28.75805 ? 46 ALA B CB  1 
ATOM 245  N N   . GLN B 1 47 ? 18.39549  -4.98785  3.57196   1.000 29.93596 ? 47 GLN B N   1 
ATOM 246  C CA  . GLN B 1 47 ? 17.91795  -5.90736  4.59828   1.000 26.63412 ? 47 GLN B CA  1 
ATOM 247  C C   . GLN B 1 47 ? 16.67700  -5.28584  5.22728   1.000 26.13233 ? 47 GLN B C   1 
ATOM 248  O O   . GLN B 1 47 ? 16.77886  -4.32979  6.00220   1.000 41.88031 ? 47 GLN B O   1 
ATOM 249  C CB  . GLN B 1 47 ? 18.99749  -6.17628  5.64358   1.000 28.24536 ? 47 GLN B CB  1 
ATOM 250  C CG  . GLN B 1 47 ? 20.36409  -6.48105  5.05852   1.000 27.36937 ? 47 GLN B CG  1 
ATOM 251  C CD  . GLN B 1 47 ? 21.35717  -6.93286  6.10889   1.000 32.61760 ? 47 GLN B CD  1 
ATOM 252  O OE1 . GLN B 1 47 ? 21.01076  -7.09307  7.27838   1.000 38.01460 ? 47 GLN B OE1 1 
ATOM 253  N NE2 . GLN B 1 47 ? 22.60072  -7.14321  5.69569   1.000 37.10146 ? 47 GLN B NE2 1 
ATOM 254  N N   . MET B 1 48 ? 15.50859  -5.82658  4.89505   1.000 21.51893 ? 48 MET B N   1 
ATOM 255  C CA  . MET B 1 48 ? 14.23439  -5.21835  5.24964   1.000 25.72602 ? 48 MET B CA  1 
ATOM 256  C C   . MET B 1 48 ? 13.42281  -6.16870  6.11650   1.000 26.38588 ? 48 MET B C   1 
ATOM 257  O O   . MET B 1 48 ? 13.32139  -7.36151  5.81268   1.000 30.91336 ? 48 MET B O   1 
ATOM 258  C CB  . MET B 1 48 ? 13.44421  -4.84586  3.99269   1.000 23.83926 ? 48 MET B CB  1 
ATOM 259  C CG  . MET B 1 48 ? 14.27716  -4.15805  2.92157   1.000 26.84335 ? 48 MET B CG  1 
ATOM 260  S SD  . MET B 1 48 ? 13.28698  -3.43382  1.60041   1.000 40.80191 ? 48 MET B SD  1 
ATOM 261  C CE  . MET B 1 48 ? 11.70164  -3.26342  2.41382   1.000 29.45081 ? 48 MET B CE  1 
ATOM 262  N N   . ALA B 1 49 ? 12.85061  -5.63581  7.19315   1.000 27.99495 ? 49 ALA B N   1 
ATOM 263  C CA  . ALA B 1 49 ? 11.92953  -6.36532  8.05785   1.000 25.11542 ? 49 ALA B CA  1 
ATOM 264  C C   . ALA B 1 49 ? 10.62542  -5.58010  8.10949   1.000 24.20202 ? 49 ALA B C   1 
ATOM 265  O O   . ALA B 1 49 ? 10.54716  -4.54029  8.77208   1.000 39.27626 ? 49 ALA B O   1 
ATOM 266  C CB  . ALA B 1 49 ? 12.51756  -6.55849  9.45375   1.000 22.71845 ? 49 ALA B CB  1 
ATOM 267  N N   . THR B 1 50 ? 9.60725   -6.07541  7.41375   1.000 29.12103 ? 50 THR B N   1 
ATOM 268  C CA  . THR B 1 50 ? 8.33866   -5.37910  7.26940   1.000 30.95687 ? 50 THR B CA  1 
ATOM 269  C C   . THR B 1 50 ? 7.23196   -6.14362  7.98361   1.000 28.07663 ? 50 THR B C   1 
ATOM 270  O O   . THR B 1 50 ? 7.12657   -7.36798  7.86819   1.000 35.30471 ? 50 THR B O   1 
ATOM 271  C CB  . THR B 1 50 ? 7.97658   -5.19989  5.79077   1.000 35.09143 ? 50 THR B CB  1 
ATOM 272  O OG1 . THR B 1 50 ? 9.06388   -4.56647  5.10520   1.000 33.48667 ? 50 THR B OG1 1 
ATOM 273  C CG2 . THR B 1 50 ? 6.72798   -4.34322  5.64409   1.000 34.44136 ? 50 THR B CG2 1 
ATOM 274  N N   . THR B 1 51 ? 6.40851   -5.40798  8.72759   1.000 27.00419 ? 51 THR B N   1 
ATOM 275  C CA  . THR B 1 51 ? 5.28374   -5.98565  9.45396   1.000 25.44271 ? 51 THR B CA  1 
ATOM 276  C C   . THR B 1 51 ? 4.04124   -5.16558  9.14976   1.000 23.31211 ? 51 THR B C   1 
ATOM 277  O O   . THR B 1 51 ? 4.05365   -3.94081  9.30417   1.000 39.58347 ? 51 THR B O   1 
ATOM 278  C CB  . THR B 1 51 ? 5.55160   -6.00981  10.96012  1.000 28.72246 ? 51 THR B CB  1 
ATOM 279  O OG1 . THR B 1 51 ? 6.78016   -6.69857  11.21511  1.000 30.12762 ? 51 THR B OG1 1 
ATOM 280  C CG2 . THR B 1 51 ? 4.42650   -6.71853  11.68847  1.000 27.55184 ? 51 THR B CG2 1 
ATOM 281  N N   . ALA B 1 52 ? 2.97445   -5.83567  8.72165   1.000 23.14611 ? 52 ALA B N   1 
ATOM 282  C CA  . ALA B 1 52 ? 1.71749   -5.17832  8.39325   1.000 22.32371 ? 52 ALA B CA  1 
ATOM 283  C C   . ALA B 1 52 ? 0.57052   -5.92766  9.05166   1.000 24.16166 ? 52 ALA B C   1 
ATOM 284  O O   . ALA B 1 52 ? 0.50734   -7.15879  8.98061   1.000 32.29172 ? 52 ALA B O   1 
ATOM 285  C CB  . ALA B 1 52 ? 1.50688   -5.10888  6.87758   1.000 24.53373 ? 52 ALA B CB  1 
ATOM 286  N N   . ALA B 1 53 ? -0.32984  -5.18551  9.69117   1.000 20.53934 ? 53 ALA B N   1 
ATOM 287  C CA  . ALA B 1 53 ? -1.50729  -5.76035  10.32278  1.000 18.20115 ? 53 ALA B CA  1 
ATOM 288  C C   . ALA B 1 53 ? -2.69084  -4.83043  10.11148  1.000 16.38877 ? 53 ALA B C   1 
ATOM 289  O O   . ALA B 1 53 ? -2.55986  -3.61106  10.24364  1.000 32.74079 ? 53 ALA B O   1 
ATOM 290  C CB  . ALA B 1 53 ? -1.28376  -5.99903  11.82084  1.000 22.10570 ? 53 ALA B CB  1 
ATOM 291  N N   . GLY B 1 54 ? -3.84455  -5.41007  9.78928   1.000 22.49716 ? 54 GLY B N   1 
ATOM 292  C CA  . GLY B 1 54 ? -5.03759  -4.62143  9.55239   1.000 24.39347 ? 54 GLY B CA  1 
ATOM 293  C C   . GLY B 1 54 ? -4.90412  -3.66448  8.38574   1.000 21.35213 ? 54 GLY B C   1 
ATOM 294  O O   . GLY B 1 54 ? -5.20286  -2.47404  8.51381   1.000 34.69719 ? 54 GLY B O   1 
ATOM 295  N N   . VAL B 1 55 ? -4.43959  -4.16693  7.24675   1.000 25.18914 ? 55 VAL B N   1 
ATOM 296  C CA  . VAL B 1 55 ? -4.22102  -3.35390  6.05657   1.000 22.11240 ? 55 VAL B CA  1 
ATOM 297  C C   . VAL B 1 55 ? -5.36303  -3.60599  5.08185   1.000 25.95924 ? 55 VAL B C   1 
ATOM 298  O O   . VAL B 1 55 ? -5.65398  -4.75724  4.73636   1.000 33.36760 ? 55 VAL B O   1 
ATOM 299  C CB  . VAL B 1 55 ? -2.86335  -3.66422  5.40806   1.000 25.30084 ? 55 VAL B CB  1 
ATOM 300  C CG1 . VAL B 1 55 ? -2.69882  -2.87600  4.11824   1.000 26.11926 ? 55 VAL B CG1 1 
ATOM 301  C CG2 . VAL B 1 55 ? -1.73307  -3.35748  6.37644   1.000 18.37593 ? 55 VAL B CG2 1 
ATOM 302  N N   . ALA B 1 56 ? -6.01175  -2.53154  4.63913   1.000 29.46136 ? 56 ALA B N   1 
ATOM 303  C CA  . ALA B 1 56 ? -7.07154  -2.59770  3.64049   1.000 23.89778 ? 56 ALA B CA  1 
ATOM 304  C C   . ALA B 1 56 ? -6.65550  -1.76057  2.44058   1.000 23.00486 ? 56 ALA B C   1 
ATOM 305  O O   . ALA B 1 56 ? -6.41420  -0.55644  2.57526   1.000 31.98566 ? 56 ALA B O   1 
ATOM 306  C CB  . ALA B 1 56 ? -8.40169  -2.10300  4.21146   1.000 17.81727 ? 56 ALA B CB  1 
ATOM 307  N N   . VAL B 1 57 ? -6.57356  -2.39367  1.27372   1.000 23.84963 ? 57 VAL B N   1 
ATOM 308  C CA  . VAL B 1 57 ? -6.13487  -1.73871  0.04628   1.000 26.47968 ? 57 VAL B CA  1 
ATOM 309  C C   . VAL B 1 57 ? -7.24542  -1.89704  -0.98261  1.000 21.37865 ? 57 VAL B C   1 
ATOM 310  O O   . VAL B 1 57 ? -7.56091  -3.01979  -1.39795  1.000 28.85697 ? 57 VAL B O   1 
ATOM 311  C CB  . VAL B 1 57 ? -4.81192  -2.31734  -0.47376  1.000 25.99760 ? 57 VAL B CB  1 
ATOM 312  C CG1 . VAL B 1 57 ? -4.60272  -1.94694  -1.93546  1.000 22.89699 ? 57 VAL B CG1 1 
ATOM 313  C CG2 . VAL B 1 57 ? -3.65033  -1.83381  0.37879   1.000 25.94051 ? 57 VAL B CG2 1 
ATOM 314  N N   . GLY B 1 58 ? -7.83627  -0.77890  -1.39339  1.000 24.72847 ? 58 GLY B N   1 
ATOM 315  C CA  . GLY B 1 58 ? -8.90273  -0.80912  -2.38325  1.000 17.34056 ? 58 GLY B CA  1 
ATOM 316  C C   . GLY B 1 58 ? -10.09101 -1.64927  -1.97223  1.000 20.78259 ? 58 GLY B C   1 
ATOM 317  O O   . GLY B 1 58 ? -10.67920 -2.34108  -2.81193  1.000 28.30038 ? 58 GLY B O   1 
ATOM 318  N N   . SER B 1 59 ? -10.47012 -1.59289  -0.69848  1.000 21.21957 ? 59 SER B N   1 
ATOM 319  C CA  . SER B 1 59 ? -11.46089 -2.49858  -0.14048  1.000 25.28946 ? 59 SER B CA  1 
ATOM 320  C C   . SER B 1 59 ? -12.56769 -1.71774  0.55243   1.000 22.77780 ? 59 SER B C   1 
ATOM 321  O O   . SER B 1 59 ? -12.36694 -0.58903  1.00503   1.000 31.25810 ? 59 SER B O   1 
ATOM 322  C CB  . SER B 1 59 ? -10.81469 -3.47415  0.85230   1.000 29.64283 ? 59 SER B CB  1 
ATOM 323  O OG  . SER B 1 59 ? -9.51484  -3.84424  0.42904   1.000 34.67437 ? 59 SER B OG  1 
ATOM 324  N N   . ALA B 1 60 ? -13.74535 -2.33236  0.62445   1.000 27.05797 ? 60 ALA B N   1 
ATOM 325  C CA  . ALA B 1 60 ? -14.88292 -1.78134  1.35944   1.000 26.47338 ? 60 ALA B CA  1 
ATOM 326  C C   . ALA B 1 60 ? -15.04212 -2.61036  2.62949   1.000 26.47065 ? 60 ALA B C   1 
ATOM 327  O O   . ALA B 1 60 ? -15.68383 -3.66113  2.63223   1.000 29.69620 ? 60 ALA B O   1 
ATOM 328  C CB  . ALA B 1 60 ? -16.14564 -1.79444  0.50663   1.000 23.87737 ? 60 ALA B CB  1 
ATOM 329  N N   . VAL B 1 61 ? -14.44746 -2.13133  3.71896   1.000 24.96515 ? 61 VAL B N   1 
ATOM 330  C CA  . VAL B 1 61 ? -14.40284 -2.86479  4.97827   1.000 26.13081 ? 61 VAL B CA  1 
ATOM 331  C C   . VAL B 1 61 ? -15.22431 -2.12726  6.02414   1.000 20.86860 ? 61 VAL B C   1 
ATOM 332  O O   . VAL B 1 61 ? -15.10478 -0.90728  6.18196   1.000 32.17874 ? 61 VAL B O   1 
ATOM 333  C CB  . VAL B 1 61 ? -12.95412 -3.06343  5.46195   1.000 22.62481 ? 61 VAL B CB  1 
ATOM 334  C CG1 . VAL B 1 61 ? -12.92522 -4.02769  6.63153   1.000 28.23958 ? 61 VAL B CG1 1 
ATOM 335  C CG2 . VAL B 1 61 ? -12.07966 -3.56665  4.32689   1.000 25.10947 ? 61 VAL B CG2 1 
ATOM 336  N N   . GLY B 1 62 ? -16.06684 -2.87148  6.73907   1.000 21.03009 ? 62 GLY B N   1 
ATOM 337  C CA  . GLY B 1 62 ? -16.85514 -2.27280  7.80104   1.000 22.45721 ? 62 GLY B CA  1 
ATOM 338  C C   . GLY B 1 62 ? -16.01569 -1.82421  8.98180   1.000 24.92632 ? 62 GLY B C   1 
ATOM 339  O O   . GLY B 1 62 ? -16.24499 -0.75035  9.54511   1.000 28.66368 ? 62 GLY B O   1 
ATOM 340  N N   . HIS B 1 63 ? -15.03396 -2.63585  9.36971   1.000 26.00608 ? 63 HIS B N   1 
ATOM 341  C CA  . HIS B 1 63 ? -14.20904 -2.34194  10.53213  1.000 19.04558 ? 63 HIS B CA  1 
ATOM 342  C C   . HIS B 1 63 ? -12.86775 -3.04161  10.37281  1.000 21.53593 ? 63 HIS B C   1 
ATOM 343  O O   . HIS B 1 63 ? -12.81054 -4.19447  9.93802   1.000 36.01250 ? 63 HIS B O   1 
ATOM 344  C CB  . HIS B 1 63 ? -14.90967 -2.78358  11.82598  1.000 22.13443 ? 63 HIS B CB  1 
ATOM 345  C CG  . HIS B 1 63 ? -14.06545 -2.65524  13.05686  1.000 29.64802 ? 63 HIS B CG  1 
ATOM 346  N ND1 . HIS B 1 63 ? -14.34503 -1.74650  14.05457  1.000 33.26518 ? 63 HIS B ND1 1 
ATOM 347  C CD2 . HIS B 1 63 ? -12.96945 -3.33710  13.46696  1.000 32.86698 ? 63 HIS B CD2 1 
ATOM 348  C CE1 . HIS B 1 63 ? -13.44727 -1.86092  15.01667  1.000 32.62349 ? 63 HIS B CE1 1 
ATOM 349  N NE2 . HIS B 1 63 ? -12.60088 -2.81863  14.68434  1.000 34.57043 ? 63 HIS B NE2 1 
ATOM 350  N N   . VAL B 1 64 ? -11.79397 -2.33959  10.72929  1.000 22.21315 ? 64 VAL B N   1 
ATOM 351  C CA  . VAL B 1 64 ? -10.43510 -2.85669  10.61766  1.000 22.61895 ? 64 VAL B CA  1 
ATOM 352  C C   . VAL B 1 64 ? -9.75720  -2.75353  11.97608  1.000 26.03054 ? 64 VAL B C   1 
ATOM 353  O O   . VAL B 1 64 ? -9.79190  -1.69543  12.61367  1.000 33.95914 ? 64 VAL B O   1 
ATOM 354  C CB  . VAL B 1 64 ? -9.61616  -2.10006  9.55416   1.000 25.88156 ? 64 VAL B CB  1 
ATOM 355  C CG1 . VAL B 1 64 ? -8.19076  -2.61221  9.52636   1.000 25.00932 ? 64 VAL B CG1 1 
ATOM 356  C CG2 . VAL B 1 64 ? -10.25213 -2.24774  8.18865   1.000 26.23542 ? 64 VAL B CG2 1 
ATOM 357  N N   . MET B 1 65 ? -9.14204  -3.84986  12.41406  1.000 33.19581 ? 65 MET B N   1 
ATOM 358  C CA  . MET B 1 65 ? -8.33515  -3.88024  13.62628  1.000 30.46561 ? 65 MET B CA  1 
ATOM 359  C C   . MET B 1 65 ? -6.94705  -4.38687  13.27069  1.000 30.32454 ? 65 MET B C   1 
ATOM 360  O O   . MET B 1 65 ? -6.81270  -5.34852  12.50770  1.000 39.76101 ? 65 MET B O   1 
ATOM 361  C CB  . MET B 1 65 ? -8.96464  -4.77332  14.70019  1.000 33.82473 ? 65 MET B CB  1 
ATOM 362  C CG  . MET B 1 65 ? -9.66483  -4.01635  15.81508  1.000 36.45287 ? 65 MET B CG  1 
ATOM 363  S SD  . MET B 1 65 ? -10.84209 -5.04601  16.71254  1.000 54.50299 ? 65 MET B SD  1 
ATOM 364  C CE  . MET B 1 65 ? -11.67233 -3.82086  17.72119  1.000 37.78346 ? 65 MET B CE  1 
ATOM 365  N N   . GLY B 1 66 ? -5.92071  -3.74255  13.81805  1.000 24.34736 ? 66 GLY B N   1 
ATOM 366  C CA  . GLY B 1 66 ? -4.55781  -4.13364  13.52056  1.000 21.80361 ? 66 GLY B CA  1 
ATOM 367  C C   . GLY B 1 66 ? -3.59428  -3.94030  14.67216  1.000 23.94622 ? 66 GLY B C   1 
ATOM 368  O O   . GLY B 1 66 ? -3.58324  -2.88645  15.31460  1.000 39.96711 ? 66 GLY B O   1 
ATOM 369  N N   . SER B 1 67 ? -2.78015  -4.95812  14.94293  1.000 24.89597 ? 67 SER B N   1 
ATOM 370  C CA  . SER B 1 67 ? -1.74689  -4.89665  15.96937  1.000 25.64293 ? 67 SER B CA  1 
ATOM 371  C C   . SER B 1 67 ? -0.47317  -5.49897  15.39954  1.000 24.25592 ? 67 SER B C   1 
ATOM 372  O O   . SER B 1 67 ? -0.45284  -6.67863  15.03470  1.000 35.55635 ? 67 SER B O   1 
ATOM 373  C CB  . SER B 1 67 ? -2.17697  -5.63919  17.23714  1.000 27.07335 ? 67 SER B CB  1 
ATOM 374  O OG  . SER B 1 67 ? -1.15504  -5.60481  18.21744  1.000 33.35217 ? 67 SER B OG  1 
ATOM 375  N N   . ALA B 1 68 ? 0.58358   -4.69510  15.32309  1.000 27.90683 ? 68 ALA B N   1 
ATOM 376  C CA  . ALA B 1 68 ? 1.83877   -5.11720  14.72099  1.000 26.61254 ? 68 ALA B CA  1 
ATOM 377  C C   . ALA B 1 68 ? 3.00103   -4.78069  15.64242  1.000 28.74594 ? 68 ALA B C   1 
ATOM 378  O O   . ALA B 1 68 ? 3.02713   -3.71306  16.26110  1.000 38.75587 ? 68 ALA B O   1 
ATOM 379  C CB  . ALA B 1 68 ? 2.04438   -4.45721  13.35393  1.000 27.15006 ? 68 ALA B CB  1 
ATOM 380  N N   . LEU B 1 69 ? 3.95910   -5.70036  15.72976  1.000 26.92737 ? 69 LEU B N   1 
ATOM 381  C CA  . LEU B 1 69 ? 5.16571   -5.51905  16.52280  1.000 29.56364 ? 69 LEU B CA  1 
ATOM 382  C C   . LEU B 1 69 ? 6.35925   -6.01050  15.71862  1.000 29.98733 ? 69 LEU B C   1 
ATOM 383  O O   . LEU B 1 69 ? 6.28013   -7.04241  15.04606  1.000 35.96075 ? 69 LEU B O   1 
ATOM 384  C CB  . LEU B 1 69 ? 5.06996   -6.27025  17.86026  1.000 26.67008 ? 69 LEU B CB  1 
ATOM 385  C CG  . LEU B 1 69 ? 6.06885   -5.93030  18.97052  1.000 33.89987 ? 69 LEU B CG  1 
ATOM 386  C CD1 . LEU B 1 69 ? 5.44331   -6.19523  20.32893  1.000 34.25386 ? 69 LEU B CD1 1 
ATOM 387  C CD2 . LEU B 1 69 ? 7.35984   -6.72295  18.82582  1.000 30.69212 ? 69 LEU B CD2 1 
ATOM 388  N N   . THR B 1 70 ? 7.46335   -5.26962  15.78646  1.000 38.19387 ? 70 THR B N   1 
ATOM 389  C CA  . THR B 1 70 ? 8.66542   -5.60017  15.03315  1.000 37.03846 ? 70 THR B CA  1 
ATOM 390  C C   . THR B 1 70 ? 9.89161   -5.45583  15.91938  1.000 35.18400 ? 70 THR B C   1 
ATOM 391  O O   . THR B 1 70 ? 10.06876  -4.42732  16.57957  1.000 43.04477 ? 70 THR B O   1 
ATOM 392  C CB  . THR B 1 70 ? 8.81548   -4.70344  13.80068  1.000 39.99095 ? 70 THR B CB  1 
ATOM 393  O OG1 . THR B 1 70 ? 7.58660   -4.68736  13.06556  1.000 45.52116 ? 70 THR B OG1 1 
ATOM 394  C CG2 . THR B 1 70 ? 9.93184   -5.21258  12.90183  1.000 36.59225 ? 70 THR B CG2 1 
ATOM 395  N N   . GLY B 1 71 ? 10.73022  -6.48719  15.93059  1.000 34.78290 ? 71 GLY B N   1 
ATOM 396  C CA  . GLY B 1 71 ? 12.04318  -6.40180  16.53544  1.000 32.24621 ? 71 GLY B CA  1 
ATOM 397  C C   . GLY B 1 71 ? 13.10520  -6.83051  15.54611  1.000 33.45397 ? 71 GLY B C   1 
ATOM 398  O O   . GLY B 1 71 ? 13.14640  -7.99780  15.14835  1.000 46.44338 ? 71 GLY B O   1 
ATOM 399  N N   . ALA B 1 72 ? 13.97155  -5.90683  15.13779  1.000 35.18436 ? 72 ALA B N   1 
ATOM 400  C CA  . ALA B 1 72 ? 14.92421  -6.18601  14.07542  1.000 35.59326 ? 72 ALA B CA  1 
ATOM 401  C C   . ALA B 1 72 ? 16.28123  -5.58913  14.41600  1.000 40.08948 ? 72 ALA B C   1 
ATOM 402  O O   . ALA B 1 72 ? 16.38836  -4.62883  15.18169  1.000 43.08838 ? 72 ALA B O   1 
ATOM 403  C CB  . ALA B 1 72 ? 14.43262  -5.64479  12.72657  1.000 32.75430 ? 72 ALA B CB  1 
ATOM 404  N N   . PHE B 1 73 ? 17.32076  -6.18213  13.82598  1.000 40.50313 ? 73 PHE B N   1 
ATOM 405  C CA  . PHE B 1 73 ? 18.69633  -5.69582  13.94673  1.000 41.02529 ? 73 PHE B CA  1 
ATOM 406  C C   . PHE B 1 73 ? 19.12407  -5.57572  15.40744  1.000 41.66877 ? 73 PHE B C   1 
ATOM 407  O O   . PHE B 1 73 ? 19.77082  -4.60789  15.81259  1.000 42.13938 ? 73 PHE B O   1 
ATOM 408  C CB  . PHE B 1 73 ? 18.86940  -4.36603  13.21171  1.000 36.11518 ? 73 PHE B CB  1 
ATOM 409  C CG  . PHE B 1 73 ? 18.43413  -4.41146  11.77555  1.000 39.13020 ? 73 PHE B CG  1 
ATOM 410  C CD1 . PHE B 1 73 ? 19.24927  -4.97297  10.80763  1.000 39.51517 ? 73 PHE B CD1 1 
ATOM 411  C CD2 . PHE B 1 73 ? 17.20760  -3.89565  11.39400  1.000 37.59143 ? 73 PHE B CD2 1 
ATOM 412  C CE1 . PHE B 1 73 ? 18.84877  -5.01905  9.48631   1.000 35.82658 ? 73 PHE B CE1 1 
ATOM 413  C CE2 . PHE B 1 73 ? 16.80166  -3.93842  10.07454  1.000 37.46359 ? 73 PHE B CE2 1 
ATOM 414  C CZ  . PHE B 1 73 ? 17.62326  -4.50085  9.11973   1.000 36.12241 ? 73 PHE B CZ  1 
ATOM 415  N N   . SER B 1 74 ? 18.75881  -6.57406  16.20651  1.000 49.40444 ? 74 SER B N   1 
ATOM 416  C CA  . SER B 1 74 ? 19.12789  -6.61461  17.61425  1.000 50.75145 ? 74 SER B CA  1 
ATOM 417  C C   . SER B 1 74 ? 20.54136  -7.16310  17.75774  1.000 49.76525 ? 74 SER B C   1 
ATOM 418  O O   . SER B 1 74 ? 20.87473  -8.19886  17.17341  1.000 50.82481 ? 74 SER B O   1 
ATOM 419  C CB  . SER B 1 74 ? 18.14216  -7.47346  18.40687  1.000 48.84993 ? 74 SER B CB  1 
ATOM 420  O OG  . SER B 1 74 ? 16.81933  -6.98309  18.27685  1.000 52.09848 ? 74 SER B OG  1 
ATOM 421  N N   . GLY B 1 75 ? 21.36631  -6.46658  18.53213  1.000 52.67279 ? 75 GLY B N   1 
ATOM 422  C CA  . GLY B 1 75 ? 22.74061  -6.87987  18.74632  1.000 52.34434 ? 75 GLY B CA  1 
ATOM 423  C C   . GLY B 1 75 ? 22.86816  -8.11330  19.61828  1.000 53.90312 ? 75 GLY B C   1 
ATOM 424  O O   . GLY B 1 75 ? 21.93962  -8.47207  20.34220  1.000 55.30507 ? 75 GLY B O   1 
ATOM 425  N N   . PRO C 1 42 ? 26.98832  -7.99027  -7.30366  1.000 62.93007 ? 42 PRO C N   1 
ATOM 426  C CA  . PRO C 1 42 ? 25.58410  -8.36688  -7.48360  1.000 61.42172 ? 42 PRO C CA  1 
ATOM 427  C C   . PRO C 1 42 ? 24.69079  -7.17435  -7.81342  1.000 60.98150 ? 42 PRO C C   1 
ATOM 428  O O   . PRO C 1 42 ? 24.83840  -6.11068  -7.21362  1.000 61.65579 ? 42 PRO C O   1 
ATOM 429  C CB  . PRO C 1 42 ? 25.21772  -8.96633  -6.12824  1.000 60.82371 ? 42 PRO C CB  1 
ATOM 430  C CG  . PRO C 1 42 ? 26.49025  -9.59257  -5.66187  1.000 61.88417 ? 42 PRO C CG  1 
ATOM 431  C CD  . PRO C 1 42 ? 27.61988  -8.74065  -6.20327  1.000 60.85382 ? 42 PRO C CD  1 
ATOM 432  N N   . GLY C 1 43 ? 23.77484  -7.35810  -8.76489  1.000 52.82113 ? 43 GLY C N   1 
ATOM 433  C CA  . GLY C 1 43 ? 22.89369  -6.26874  -9.15030  1.000 49.09445 ? 43 GLY C CA  1 
ATOM 434  C C   . GLY C 1 43 ? 21.93736  -5.86331  -8.04603  1.000 48.04282 ? 43 GLY C C   1 
ATOM 435  O O   . GLY C 1 43 ? 21.69027  -4.67414  -7.83154  1.000 47.97679 ? 43 GLY C O   1 
ATOM 436  N N   . LEU C 1 44 ? 21.38652  -6.84278  -7.33172  1.000 42.58660 ? 44 LEU C N   1 
ATOM 437  C CA  . LEU C 1 44 ? 20.42987  -6.58584  -6.25963  1.000 36.07968 ? 44 LEU C CA  1 
ATOM 438  C C   . LEU C 1 44 ? 20.50506  -7.72864  -5.25791  1.000 37.93784 ? 44 LEU C C   1 
ATOM 439  O O   . LEU C 1 44 ? 20.21900  -8.87922  -5.60246  1.000 46.08012 ? 44 LEU C O   1 
ATOM 440  C CB  . LEU C 1 44 ? 19.01079  -6.43803  -6.81152  1.000 36.78088 ? 44 LEU C CB  1 
ATOM 441  C CG  . LEU C 1 44 ? 17.98688  -5.69838  -5.94693  1.000 38.73420 ? 44 LEU C CG  1 
ATOM 442  C CD1 . LEU C 1 44 ? 16.97134  -4.98975  -6.82523  1.000 40.12217 ? 44 LEU C CD1 1 
ATOM 443  C CD2 . LEU C 1 44 ? 17.28716  -6.64773  -4.98694  1.000 36.83084 ? 44 LEU C CD2 1 
ATOM 444  N N   . MET C 1 45 ? 20.89014  -7.41147  -4.02525  1.000 39.18995 ? 45 MET C N   1 
ATOM 445  C CA  . MET C 1 45 ? 20.90492  -8.36718  -2.92520  1.000 37.97266 ? 45 MET C CA  1 
ATOM 446  C C   . MET C 1 45 ? 19.88648  -7.91406  -1.88971  1.000 38.49881 ? 45 MET C C   1 
ATOM 447  O O   . MET C 1 45 ? 19.93570  -6.76916  -1.42874  1.000 47.15036 ? 45 MET C O   1 
ATOM 448  C CB  . MET C 1 45 ? 22.29894  -8.47661  -2.30674  1.000 36.87447 ? 45 MET C CB  1 
ATOM 449  C CG  . MET C 1 45 ? 22.37306  -9.40768  -1.10783  1.000 41.61071 ? 45 MET C CG  1 
ATOM 450  S SD  . MET C 1 45 ? 24.06040  -9.87577  -0.67301  1.000 55.43742 ? 45 MET C SD  1 
ATOM 451  C CE  . MET C 1 45 ? 24.91231  -9.58963  -2.22269  1.000 43.45600 ? 45 MET C CE  1 
ATOM 452  N N   . ALA C 1 46 ? 18.96498  -8.80427  -1.52879  1.000 31.56629 ? 46 ALA C N   1 
ATOM 453  C CA  . ALA C 1 46 ? 17.87599  -8.45151  -0.62543  1.000 31.38103 ? 46 ALA C CA  1 
ATOM 454  C C   . ALA C 1 46 ? 17.61023  -9.60199  0.33096   1.000 31.76736 ? 46 ALA C C   1 
ATOM 455  O O   . ALA C 1 46 ? 17.35200  -10.72728 -0.10498  1.000 36.72330 ? 46 ALA C O   1 
ATOM 456  C CB  . ALA C 1 46 ? 16.60578  -8.10231  -1.40609  1.000 28.75805 ? 46 ALA C CB  1 
ATOM 457  N N   . GLN C 1 47 ? 17.67636  -9.31783  1.62873   1.000 29.93596 ? 47 GLN C N   1 
ATOM 458  C CA  . GLN C 1 47 ? 17.24453  -10.24510 2.66823   1.000 26.63412 ? 47 GLN C CA  1 
ATOM 459  C C   . GLN C 1 47 ? 16.01675  -9.64082  3.33857   1.000 26.13233 ? 47 GLN C C   1 
ATOM 460  O O   . GLN C 1 47 ? 16.13139  -8.68475  4.11166   1.000 41.88031 ? 47 GLN C O   1 
ATOM 461  C CB  . GLN C 1 47 ? 18.36097  -10.50153 3.67727   1.000 28.24536 ? 47 GLN C CB  1 
ATOM 462  C CG  . GLN C 1 47 ? 19.71161  -10.78751 3.04738   1.000 27.36937 ? 47 GLN C CG  1 
ATOM 463  C CD  . GLN C 1 47 ? 20.74421  -11.22795 4.06395   1.000 32.61760 ? 47 GLN C CD  1 
ATOM 464  O OE1 . GLN C 1 47 ? 20.43822  -11.39451 5.24378   1.000 38.01460 ? 47 GLN C OE1 1 
ATOM 465  N NE2 . GLN C 1 47 ? 21.97625  -11.42139 3.61004   1.000 37.10146 ? 47 GLN C NE2 1 
ATOM 466  N N   . MET C 1 48 ? 14.84528  -10.19628 3.04349   1.000 21.51893 ? 48 MET C N   1 
ATOM 467  C CA  . MET C 1 48 ? 13.57550  -9.60529  3.44062   1.000 25.72602 ? 48 MET C CA  1 
ATOM 468  C C   . MET C 1 48 ? 12.80505  -10.56752 4.33157   1.000 26.38588 ? 48 MET C C   1 
ATOM 469  O O   . MET C 1 48 ? 12.70930  -11.76107 4.02883   1.000 30.91336 ? 48 MET C O   1 
ATOM 470  C CB  . MET C 1 48 ? 12.73998  -9.24119  2.21082   1.000 23.83926 ? 48 MET C CB  1 
ATOM 471  C CG  . MET C 1 48 ? 13.52856  -8.54087  1.11452   1.000 26.84335 ? 48 MET C CG  1 
ATOM 472  S SD  . MET C 1 48 ? 12.48650  -7.82758  -0.17224  1.000 40.80191 ? 48 MET C SD  1 
ATOM 473  C CE  . MET C 1 48 ? 10.92643  -7.67917  0.69272   1.000 29.45081 ? 48 MET C CE  1 
ATOM 474  N N   . ALA C 1 49 ? 12.26137  -10.04384 5.42734   1.000 27.99495 ? 49 ALA C N   1 
ATOM 475  C CA  . ALA C 1 49 ? 11.37854  -10.78668 6.32014   1.000 25.11542 ? 49 ALA C CA  1 
ATOM 476  C C   . ALA C 1 49 ? 10.06670  -10.01863 6.41581   1.000 24.20202 ? 49 ALA C C   1 
ATOM 477  O O   . ALA C 1 49 ? 9.99657   -8.98098  7.08266   1.000 39.27626 ? 49 ALA C O   1 
ATOM 478  C CB  . ALA C 1 49 ? 12.01422  -10.97433 7.69575   1.000 22.71845 ? 49 ALA C CB  1 
ATOM 479  N N   . THR C 1 50 ? 9.03292   -10.52611 5.75261   1.000 29.12103 ? 50 THR C N   1 
ATOM 480  C CA  . THR C 1 50 ? 7.75134   -9.84622  5.65106   1.000 30.95687 ? 50 THR C CA  1 
ATOM 481  C C   . THR C 1 50 ? 6.67855   -10.62624 6.39942   1.000 28.07663 ? 50 THR C C   1 
ATOM 482  O O   . THR C 1 50 ? 6.58539   -11.85169 6.28506   1.000 35.30471 ? 50 THR C O   1 
ATOM 483  C CB  . THR C 1 50 ? 7.33896   -9.66944  4.18536   1.000 35.09143 ? 50 THR C CB  1 
ATOM 484  O OG1 . THR C 1 50 ? 8.39499   -9.02079  3.46601   1.000 33.48667 ? 50 THR C OG1 1 
ATOM 485  C CG2 . THR C 1 50 ? 6.07521   -8.82892  4.08115   1.000 34.44136 ? 50 THR C CG2 1 
ATOM 486  N N   . THR C 1 51 ? 5.87030   -9.90259  7.17130   1.000 27.00419 ? 51 THR C N   1 
ATOM 487  C CA  . THR C 1 51 ? 4.77742   -10.49604 7.93277   1.000 25.44271 ? 51 THR C CA  1 
ATOM 488  C C   . THR C 1 51 ? 3.51509   -9.69180  7.67085   1.000 23.31211 ? 51 THR C C   1 
ATOM 489  O O   . THR C 1 51 ? 3.51660   -8.46722  7.82721   1.000 39.58347 ? 51 THR C O   1 
ATOM 490  C CB  . THR C 1 51 ? 5.09453   -10.51906 9.42935   1.000 28.72246 ? 51 THR C CB  1 
ATOM 491  O OG1 . THR C 1 51 ? 6.33960   -11.19211 9.64281   1.000 30.12762 ? 51 THR C OG1 1 
ATOM 492  C CG2 . THR C 1 51 ? 4.00308   -11.24356 10.19255  1.000 27.55184 ? 51 THR C CG2 1 
ATOM 493  N N   . ALA C 1 52 ? 2.44373   -10.37509 7.27639   1.000 23.14611 ? 52 ALA C N   1 
ATOM 494  C CA  . ALA C 1 52 ? 1.16827   -9.73371  6.99041   1.000 22.32371 ? 52 ALA C CA  1 
ATOM 495  C C   . ALA C 1 52 ? 0.05323   -10.49900 7.68435   1.000 24.16166 ? 52 ALA C C   1 
ATOM 496  O O   . ALA C 1 52 ? 0.00379   -11.73072 7.61294   1.000 32.29172 ? 52 ALA C O   1 
ATOM 497  C CB  . ALA C 1 52 ? 0.90748   -9.66466  5.48255   1.000 24.53373 ? 52 ALA C CB  1 
ATOM 498  N N   . ALA C 1 53 ? -0.83538  -9.76967  8.35433   1.000 20.53934 ? 53 ALA C N   1 
ATOM 499  C CA  . ALA C 1 53 ? -1.98404  -10.36083 9.02282   1.000 18.20115 ? 53 ALA C CA  1 
ATOM 500  C C   . ALA C 1 53 ? -3.18584  -9.44613  8.85203   1.000 16.38877 ? 53 ALA C C   1 
ATOM 501  O O   . ALA C 1 53 ? -3.06648  -8.22534  8.98229   1.000 32.74079 ? 53 ALA C O   1 
ATOM 502  C CB  . ALA C 1 53 ? -1.70870  -10.59892 10.51231  1.000 22.10570 ? 53 ALA C CB  1 
ATOM 503  N N   . GLY C 1 54 ? -4.34180  -10.04028 8.56644   1.000 22.49716 ? 54 GLY C N   1 
ATOM 504  C CA  . GLY C 1 54 ? -5.55209  -9.26692  8.37011   1.000 24.39347 ? 54 GLY C CA  1 
ATOM 505  C C   . GLY C 1 54 ? -5.46918  -8.30648  7.20165   1.000 21.35213 ? 54 GLY C C   1 
ATOM 506  O O   . GLY C 1 54 ? -5.77903  -7.12025  7.34175   1.000 34.69719 ? 54 GLY C O   1 
ATOM 507  N N   . VAL C 1 55 ? -5.03553  -8.80105  6.04713   1.000 25.18914 ? 55 VAL C N   1 
ATOM 508  C CA  . VAL C 1 55 ? -4.86647  -7.98337  4.85209   1.000 22.11240 ? 55 VAL C CA  1 
ATOM 509  C C   . VAL C 1 55 ? -6.03628  -8.24882  3.91458   1.000 25.95924 ? 55 VAL C C   1 
ATOM 510  O O   . VAL C 1 55 ? -6.32333  -9.40323  3.57646   1.000 33.36760 ? 55 VAL C O   1 
ATOM 511  C CB  . VAL C 1 55 ? -3.52675  -8.27489  4.15907   1.000 25.30084 ? 55 VAL C CB  1 
ATOM 512  C CG1 . VAL C 1 55 ? -3.41462  -7.48258  2.86615   1.000 26.11926 ? 55 VAL C CG1 1 
ATOM 513  C CG2 . VAL C 1 55 ? -2.36958  -7.95495  5.09072   1.000 18.37593 ? 55 VAL C CG2 1 
ATOM 514  N N   . ALA C 1 56 ? -6.71301  -7.18225  3.49537   1.000 29.46136 ? 56 ALA C N   1 
ATOM 515  C CA  . ALA C 1 56 ? -7.80385  -7.26067  2.53166   1.000 23.89778 ? 56 ALA C CA  1 
ATOM 516  C C   . ALA C 1 56 ? -7.43806  -6.41631  1.32051   1.000 23.00486 ? 56 ALA C C   1 
ATOM 517  O O   . ALA C 1 56 ? -7.20818  -5.20934  1.44965   1.000 31.98566 ? 56 ALA C O   1 
ATOM 518  C CB  . ALA C 1 56 ? -9.12099  -6.78429  3.14665   1.000 17.81727 ? 56 ALA C CB  1 
ATOM 519  N N   . VAL C 1 57 ? -7.38599  -7.04645  0.15033   1.000 23.84963 ? 57 VAL C N   1 
ATOM 520  C CA  . VAL C 1 57 ? -6.99610  -6.38390  -1.08944  1.000 26.47968 ? 57 VAL C CA  1 
ATOM 521  C C   . VAL C 1 57 ? -8.13745  -6.55510  -2.08191  1.000 21.37865 ? 57 VAL C C   1 
ATOM 522  O O   . VAL C 1 57 ? -8.45168  -7.68123  -2.48899  1.000 28.85697 ? 57 VAL C O   1 
ATOM 523  C CB  . VAL C 1 57 ? -5.68339  -6.94438  -1.65344  1.000 25.99760 ? 57 VAL C CB  1 
ATOM 524  C CG1 . VAL C 1 57 ? -5.52679  -6.56898  -3.12045  1.000 22.89699 ? 57 VAL C CG1 1 
ATOM 525  C CG2 . VAL C 1 57 ? -4.50101  -6.44705  -0.83823  1.000 25.94051 ? 57 VAL C CG2 1 
ATOM 526  N N   . GLY C 1 58 ? -8.75587  -5.44414  -2.47100  1.000 24.72847 ? 58 GLY C N   1 
ATOM 527  C CA  . GLY C 1 58 ? -9.85355  -5.48673  -3.42565  1.000 17.34056 ? 58 GLY C CA  1 
ATOM 528  C C   . GLY C 1 58 ? -11.01677 -6.34298  -2.97781  1.000 20.78259 ? 58 GLY C C   1 
ATOM 529  O O   . GLY C 1 58 ? -11.62298 -7.04110  -3.79927  1.000 28.30038 ? 58 GLY C O   1 
ATOM 530  N N   . SER C 1 59 ? -11.35485 -6.29355  -1.69228  1.000 21.21957 ? 59 SER C N   1 
ATOM 531  C CA  . SER C 1 59 ? -12.31505 -7.21299  -1.10410  1.000 25.28946 ? 59 SER C CA  1 
ATOM 532  C C   . SER C 1 59 ? -13.40872 -6.44774  -0.37394  1.000 22.77780 ? 59 SER C C   1 
ATOM 533  O O   . SER C 1 59 ? -13.20803 -5.31722  0.07412   1.000 31.25810 ? 59 SER C O   1 
ATOM 534  C CB  . SER C 1 59 ? -11.62418 -8.18158  -0.13485  1.000 29.64283 ? 59 SER C CB  1 
ATOM 535  O OG  . SER C 1 59 ? -10.33412 -8.53399  -0.60097  1.000 34.67437 ? 59 SER C OG  1 
ATOM 536  N N   . ALA C 1 60 ? -14.57532 -7.07782  -0.26482  1.000 27.05797 ? 60 ALA C N   1 
ATOM 537  C CA  . ALA C 1 60 ? -15.69540 -6.54286  0.50793   1.000 26.47338 ? 60 ALA C CA  1 
ATOM 538  C C   . ALA C 1 60 ? -15.80231 -7.37588  1.78084   1.000 26.47065 ? 60 ALA C C   1 
ATOM 539  O O   . ALA C 1 60 ? -16.42986 -8.43494  1.80239   1.000 29.69620 ? 60 ALA C O   1 
ATOM 540  C CB  . ALA C 1 60 ? -16.98497 -6.57111  -0.30332  1.000 23.87737 ? 60 ALA C CB  1 
ATOM 541  N N   . VAL C 1 61 ? -15.17873 -6.89082  2.85131   1.000 24.96515 ? 61 VAL C N   1 
ATOM 542  C CA  . VAL C 1 61 ? -15.08354 -7.62561  4.10704   1.000 26.13081 ? 61 VAL C CA  1 
ATOM 543  C C   . VAL C 1 61 ? -15.88001 -6.90051  5.18058   1.000 20.86860 ? 61 VAL C C   1 
ATOM 544  O O   . VAL C 1 61 ? -15.77126 -5.67932  5.33685   1.000 32.17874 ? 61 VAL C O   1 
ATOM 545  C CB  . VAL C 1 61 ? -13.61736 -7.80606  4.54286   1.000 22.62481 ? 61 VAL C CB  1 
ATOM 546  C CG1 . VAL C 1 61 ? -13.53780 -8.77170  5.70896   1.000 28.23958 ? 61 VAL C CG1 1 
ATOM 547  C CG2 . VAL C 1 61 ? -12.77390 -8.29605  3.37892   1.000 25.10947 ? 61 VAL C CG2 1 
ATOM 548  N N   . GLY C 1 62 ? -16.68902 -7.65680  5.92110   1.000 21.03009 ? 62 GLY C N   1 
ATOM 549  C CA  . GLY C 1 62 ? -17.44999 -7.07013  7.00937   1.000 22.45721 ? 62 GLY C CA  1 
ATOM 550  C C   . GLY C 1 62 ? -16.57840 -6.61246  8.16306   1.000 24.92632 ? 62 GLY C C   1 
ATOM 551  O O   . GLY C 1 62 ? -16.80316 -5.54258  8.73568   1.000 28.66368 ? 62 GLY C O   1 
ATOM 552  N N   . HIS C 1 63 ? -15.57408 -7.41181  8.51715   1.000 26.00608 ? 63 HIS C N   1 
ATOM 553  C CA  . HIS C 1 63 ? -14.71559 -7.10897  9.65268   1.000 19.04558 ? 63 HIS C CA  1 
ATOM 554  C C   . HIS C 1 63 ? -13.37122 -7.79082  9.44833   1.000 21.53593 ? 63 HIS C C   1 
ATOM 555  O O   . HIS C 1 63 ? -13.31323 -8.94214  9.00962   1.000 36.01250 ? 63 HIS C O   1 
ATOM 556  C CB  . HIS C 1 63 ? -15.36787 -7.56176  10.96778  1.000 22.13443 ? 63 HIS C CB  1 
ATOM 557  C CG  . HIS C 1 63 ? -14.48570 -7.42433  12.17076  1.000 29.64802 ? 63 HIS C CG  1 
ATOM 558  N ND1 . HIS C 1 63 ? -14.74440 -6.52090  13.17884  1.000 33.26518 ? 63 HIS C ND1 1 
ATOM 559  C CD2 . HIS C 1 63 ? -13.36816 -8.09246  12.54357  1.000 32.86698 ? 63 HIS C CD2 1 
ATOM 560  C CE1 . HIS C 1 63 ? -13.81435 -6.62507  14.11096  1.000 32.62349 ? 63 HIS C CE1 1 
ATOM 561  N NE2 . HIS C 1 63 ? -12.96686 -7.57113  13.74932  1.000 34.57043 ? 63 HIS C NE2 1 
ATOM 562  N N   . VAL C 1 64 ? -12.29561 -7.07539  9.77105   1.000 22.21315 ? 64 VAL C N   1 
ATOM 563  C CA  . VAL C 1 64 ? -10.93449 -7.57452  9.61417   1.000 22.61895 ? 64 VAL C CA  1 
ATOM 564  C C   . VAL C 1 64 ? -10.21407 -7.46464  10.94999  1.000 26.03054 ? 64 VAL C C   1 
ATOM 565  O O   . VAL C 1 64 ? -10.24172 -6.40808  11.59048  1.000 33.95914 ? 64 VAL C O   1 
ATOM 566  C CB  . VAL C 1 64 ? -10.16057 -6.80558  8.52607   1.000 25.88156 ? 64 VAL C CB  1 
ATOM 567  C CG1 . VAL C 1 64 ? -8.73030  -7.29903  8.45084   1.000 25.00932 ? 64 VAL C CG1 1 
ATOM 568  C CG2 . VAL C 1 64 ? -10.83875 -6.95942  7.18172   1.000 26.23542 ? 64 VAL C CG2 1 
ATOM 569  N N   . MET C 1 65 ? -9.57075  -8.55352  11.36551  1.000 33.19581 ? 65 MET C N   1 
ATOM 570  C CA  . MET C 1 65 ? -8.72444  -8.57526  12.55074  1.000 30.46561 ? 65 MET C CA  1 
ATOM 571  C C   . MET C 1 65 ? -7.34219  -9.06315  12.14912  1.000 30.32454 ? 65 MET C C   1 
ATOM 572  O O   . MET C 1 65 ? -7.22030  -10.02177 11.38024  1.000 39.76101 ? 65 MET C O   1 
ATOM 573  C CB  . MET C 1 65 ? -9.30692  -9.47817  13.64281  1.000 33.82473 ? 65 MET C CB  1 
ATOM 574  C CG  . MET C 1 65 ? -9.98017  -8.73216  14.78143  1.000 36.45287 ? 65 MET C CG  1 
ATOM 575  S SD  . MET C 1 65 ? -11.11406 -9.77850  15.71471  1.000 54.50299 ? 65 MET C SD  1 
ATOM 576  C CE  . MET C 1 65 ? -11.92684 -8.56589  16.75231  1.000 37.78346 ? 65 MET C CE  1 
ATOM 577  N N   . GLY C 1 66 ? -6.30703  -8.40634  12.66403  1.000 24.34736 ? 66 GLY C N   1 
ATOM 578  C CA  . GLY C 1 66 ? -4.94958  -8.77913  12.32150  1.000 21.80361 ? 66 GLY C CA  1 
ATOM 579  C C   . GLY C 1 66 ? -3.95161  -8.57503  13.44149  1.000 23.94622 ? 66 GLY C C   1 
ATOM 580  O O   . GLY C 1 66 ? -3.93334  -7.52213  14.08534  1.000 39.96711 ? 66 GLY C O   1 
ATOM 581  N N   . SER C 1 67 ? -3.11591  -9.58254  13.68357  1.000 24.89597 ? 67 SER C N   1 
ATOM 582  C CA  . SER C 1 67 ? -2.05063  -9.50918  14.67592  1.000 25.64293 ? 67 SER C CA  1 
ATOM 583  C C   . SER C 1 67 ? -0.78845  -10.09392 14.06370  1.000 24.25592 ? 67 SER C C   1 
ATOM 584  O O   . SER C 1 67 ? -0.76468  -11.27264 13.69606  1.000 35.55635 ? 67 SER C O   1 
ATOM 585  C CB  . SER C 1 67 ? -2.42947  -10.25927 15.95555  1.000 27.07335 ? 67 SER C CB  1 
ATOM 586  O OG  . SER C 1 67 ? -1.37665  -10.21308 16.90210  1.000 33.35217 ? 67 SER C OG  1 
ATOM 587  N N   . ALA C 1 68 ? 0.25471   -9.27620  13.95448  1.000 27.90683 ? 68 ALA C N   1 
ATOM 588  C CA  . ALA C 1 68 ? 1.49498   -9.68092  13.31096  1.000 26.61254 ? 68 ALA C CA  1 
ATOM 589  C C   . ALA C 1 68 ? 2.68220   -9.33070  14.19470  1.000 28.74594 ? 68 ALA C C   1 
ATOM 590  O O   . ALA C 1 68 ? 2.71456   -8.26379  14.81433  1.000 38.75587 ? 68 ALA C O   1 
ATOM 591  C CB  . ALA C 1 68 ? 1.64732   -9.01616  11.93923  1.000 27.15006 ? 68 ALA C CB  1 
ATOM 592  N N   . LEU C 1 69 ? 3.65448   -10.23791 14.24895  1.000 26.92737 ? 69 LEU C N   1 
ATOM 593  C CA  . LEU C 1 69 ? 4.88384   -10.04210 15.00261  1.000 29.56364 ? 69 LEU C CA  1 
ATOM 594  C C   . LEU C 1 69 ? 6.05682   -10.51665 14.15900  1.000 29.98733 ? 69 LEU C C   1 
ATOM 595  O O   . LEU C 1 69 ? 5.96924   -11.54845 13.48732  1.000 35.96075 ? 69 LEU C O   1 
ATOM 596  C CB  . LEU C 1 69 ? 4.84153   -10.79657 16.34100  1.000 26.67008 ? 69 LEU C CB  1 
ATOM 597  C CG  . LEU C 1 69 ? 5.87158   -10.44535 17.41879  1.000 33.89987 ? 69 LEU C CG  1 
ATOM 598  C CD1 . LEU C 1 69 ? 5.29415   -10.72055 18.79633  1.000 34.25386 ? 69 LEU C CD1 1 
ATOM 599  C CD2 . LEU C 1 69 ? 7.16736   -11.22084 17.23054  1.000 30.69212 ? 69 LEU C CD2 1 
ATOM 600  N N   . THR C 1 70 ? 7.15282   -9.76153  14.19231  1.000 38.19387 ? 70 THR C N   1 
ATOM 601  C CA  . THR C 1 70 ? 8.33388   -10.07516 13.39959  1.000 37.03846 ? 70 THR C CA  1 
ATOM 602  C C   . THR C 1 70 ? 9.58634   -9.91621  14.24568  1.000 35.18400 ? 70 THR C C   1 
ATOM 603  O O   . THR C 1 70 ? 9.77153   -8.88651  14.90180  1.000 43.04477 ? 70 THR C O   1 
ATOM 604  C CB  . THR C 1 70 ? 8.43201   -9.17462  12.16467  1.000 39.99095 ? 70 THR C CB  1 
ATOM 605  O OG1 . THR C 1 70 ? 7.17971   -9.17343  11.47001  1.000 45.52116 ? 70 THR C OG1 1 
ATOM 606  C CG2 . THR C 1 70 ? 9.52500   -9.66772  11.22892  1.000 36.59225 ? 70 THR C CG2 1 
ATOM 607  N N   . GLY C 1 71 ? 10.43821  -10.93652 14.22751  1.000 34.78290 ? 71 GLY C N   1 
ATOM 608  C CA  . GLY C 1 71 ? 11.76897  -10.83496 14.78943  1.000 32.24621 ? 71 GLY C CA  1 
ATOM 609  C C   . GLY C 1 71 ? 12.80365  -11.24821 13.76518  1.000 33.45397 ? 71 GLY C C   1 
ATOM 610  O O   . GLY C 1 71 ? 12.84704  -12.41423 13.36397  1.000 46.44338 ? 71 GLY C O   1 
ATOM 611  N N   . ALA C 1 72 ? 13.64415  -10.31264 13.33070  1.000 35.18436 ? 72 ALA C N   1 
ATOM 612  C CA  . ALA C 1 72 ? 14.56521  -10.57768 12.23729  1.000 35.59326 ? 72 ALA C CA  1 
ATOM 613  C C   . ALA C 1 72 ? 15.92475  -9.96367  12.53468  1.000 40.08948 ? 72 ALA C C   1 
ATOM 614  O O   . ALA C 1 72 ? 16.04428  -9.00325  13.29838  1.000 43.08838 ? 72 ALA C O   1 
ATOM 615  C CB  . ALA C 1 72 ? 14.02293  -10.04082 10.90626  1.000 32.75430 ? 72 ALA C CB  1 
ATOM 616  N N   . PHE C 1 73 ? 16.95211  -10.54211 11.90992  1.000 40.50313 ? 73 PHE C N   1 
ATOM 617  C CA  . PHE C 1 73 ? 18.32444  -10.03806 11.98676  1.000 41.02529 ? 73 PHE C CA  1 
ATOM 618  C C   . PHE C 1 73 ? 18.79797  -9.91467  13.43300  1.000 41.66877 ? 73 PHE C C   1 
ATOM 619  O O   . PHE C 1 73 ? 19.44495  -8.93911  13.81878  1.000 42.13938 ? 73 PHE C O   1 
ATOM 620  C CB  . PHE C 1 73 ? 18.45615  -8.70498  11.24914  1.000 36.11518 ? 73 PHE C CB  1 
ATOM 621  C CG  . PHE C 1 73 ? 17.97491  -8.75383  9.82784   1.000 39.13020 ? 73 PHE C CG  1 
ATOM 622  C CD1 . PHE C 1 73 ? 18.76530  -9.30313  8.83277   1.000 39.51517 ? 73 PHE C CD1 1 
ATOM 623  C CD2 . PHE C 1 73 ? 16.73000  -8.25350  9.48748   1.000 37.59143 ? 73 PHE C CD2 1 
ATOM 624  C CE1 . PHE C 1 73 ? 18.32257  -9.35236  7.52511   1.000 35.82658 ? 73 PHE C CE1 1 
ATOM 625  C CE2 . PHE C 1 73 ? 16.28184  -8.29950  8.18186   1.000 37.46359 ? 73 PHE C CE2 1 
ATOM 626  C CZ  . PHE C 1 73 ? 17.07913  -8.84965  7.19967   1.000 36.12241 ? 73 PHE C CZ  1 
ATOM 627  N N   . SER C 1 74 ? 18.47198  -10.91895 14.24154  1.000 49.40444 ? 74 SER C N   1 
ATOM 628  C CA  . SER C 1 74 ? 18.88725  -10.95688 15.63643  1.000 50.75145 ? 74 SER C CA  1 
ATOM 629  C C   . SER C 1 74 ? 20.31167  -11.48708 15.73271  1.000 49.76525 ? 74 SER C C   1 
ATOM 630  O O   . SER C 1 74 ? 20.63925  -12.51749 15.13577  1.000 50.82481 ? 74 SER C O   1 
ATOM 631  C CB  . SER C 1 74 ? 17.93914  -11.82978 16.45903  1.000 48.84993 ? 74 SER C CB  1 
ATOM 632  O OG  . SER C 1 74 ? 16.60651  -11.35653 16.37316  1.000 52.09848 ? 74 SER C OG  1 
ATOM 633  N N   . GLY C 1 75 ? 21.15230  -10.78106 16.48120  1.000 52.67279 ? 75 GLY C N   1 
ATOM 634  C CA  . GLY C 1 75 ? 22.53810  -11.17670 16.64967  1.000 52.34434 ? 75 GLY C CA  1 
ATOM 635  C C   . GLY C 1 75 ? 22.71005  -12.40972 17.51457  1.000 53.90312 ? 75 GLY C C   1 
ATOM 636  O O   . GLY C 1 75 ? 21.81034  -12.78172 18.26764  1.000 55.30507 ? 75 GLY C O   1 
ATOM 637  N N   . PRO D 1 42 ? -26.92651 11.50553  5.58855   1.000 62.93007 ? 42 PRO D N   1 
ATOM 638  C CA  . PRO D 1 42 ? -25.78738 10.58737  5.51494   1.000 61.42172 ? 42 PRO D CA  1 
ATOM 639  C C   . PRO D 1 42 ? -24.63418 11.00356  6.42369   1.000 60.98150 ? 42 PRO D C   1 
ATOM 640  O O   . PRO D 1 42 ? -24.30450 12.18633  6.49669   1.000 61.65579 ? 42 PRO D O   1 
ATOM 641  C CB  . PRO D 1 42 ? -25.38196 10.66756  4.04533   1.000 60.82371 ? 42 PRO D CB  1 
ATOM 642  C CG  . PRO D 1 42 ? -26.67307 10.90349  3.33371   1.000 61.88417 ? 42 PRO D CG  1 
ATOM 643  C CD  . PRO D 1 42 ? -27.54262 11.72086  4.26686   1.000 60.85382 ? 42 PRO D CD  1 
ATOM 644  N N   . GLY D 1 43 ? -24.03310 10.03156  7.11067   1.000 52.82113 ? 43 GLY D N   1 
ATOM 645  C CA  . GLY D 1 43 ? -22.93584 10.34443  8.01056   1.000 49.09445 ? 43 GLY D CA  1 
ATOM 646  C C   . GLY D 1 43 ? -21.70392 10.85098  7.28660   1.000 48.04282 ? 43 GLY D C   1 
ATOM 647  O O   . GLY D 1 43 ? -21.04319 11.78586  7.74554   1.000 47.97679 ? 43 GLY D O   1 
ATOM 648  N N   . LEU D 1 44 ? -21.37756 10.24294  6.14783   1.000 42.58660 ? 44 LEU D N   1 
ATOM 649  C CA  . LEU D 1 44 ? -20.20039 10.61814  5.37063   1.000 36.07968 ? 44 LEU D CA  1 
ATOM 650  C C   . LEU D 1 44 ? -20.45038 10.26752  3.91128   1.000 37.93784 ? 44 LEU D C   1 
ATOM 651  O O   . LEU D 1 44 ? -20.63097 9.09349   3.57453   1.000 46.08012 ? 44 LEU D O   1 
ATOM 652  C CB  . LEU D 1 44 ? -18.94763 9.91265   5.89322   1.000 36.78088 ? 44 LEU D CB  1 
ATOM 653  C CG  . LEU D 1 44 ? -17.59009 10.53124  5.55054   1.000 38.73420 ? 44 LEU D CG  1 
ATOM 654  C CD1 . LEU D 1 44 ? -16.58960 10.24922  6.65704   1.000 40.12217 ? 44 LEU D CD1 1 
ATOM 655  C CD2 . LEU D 1 44 ? -17.06844 10.01374  4.21918   1.000 36.83084 ? 44 LEU D CD2 1 
ATOM 656  N N   . MET D 1 45 ? -20.46227 11.28226  3.05193   1.000 39.18995 ? 45 MET D N   1 
ATOM 657  C CA  . MET D 1 45 ? -20.57584 11.10311  1.61015   1.000 37.97266 ? 45 MET D CA  1 
ATOM 658  C C   . MET D 1 45 ? -19.28422 11.58817  0.96888   1.000 38.49881 ? 45 MET D C   1 
ATOM 659  O O   . MET D 1 45 ? -18.86392 12.72622  1.20107   1.000 47.15036 ? 45 MET D O   1 
ATOM 660  C CB  . MET D 1 45 ? -21.77986 11.86236  1.05194   1.000 36.87447 ? 45 MET D CB  1 
ATOM 661  C CG  . MET D 1 45 ? -21.92094 11.77483  -0.45875  1.000 41.61071 ? 45 MET D CG  1 
ATOM 662  S SD  . MET D 1 45 ? -23.54962 12.27556  -1.05201  1.000 55.43742 ? 45 MET D SD  1 
ATOM 663  C CE  . MET D 1 45 ? -24.54453 12.03986  0.41895   1.000 43.45600 ? 45 MET D CE  1 
ATOM 664  N N   . ALA D 1 46 ? -18.65472 10.72947  0.16997   1.000 31.56629 ? 46 ALA D N   1 
ATOM 665  C CA  . ALA D 1 46 ? -17.35657 11.04320  -0.41551  1.000 31.38103 ? 46 ALA D CA  1 
ATOM 666  C C   . ALA D 1 46 ? -17.30279 10.53369  -1.84603  1.000 31.76736 ? 46 ALA D C   1 
ATOM 667  O O   . ALA D 1 46 ? -17.51858 9.34373   -2.09184  1.000 36.72330 ? 46 ALA D O   1 
ATOM 668  C CB  . ALA D 1 46 ? -16.21977 10.43498  0.41065   1.000 28.75805 ? 46 ALA D CB  1 
ATOM 669  N N   . GLN D 1 47 ? -17.01805 11.43406  -2.78284  1.000 29.93596 ? 47 GLN D N   1 
ATOM 670  C CA  . GLN D 1 47 ? -16.72128 11.07600  -4.16508  1.000 26.63412 ? 47 GLN D CA  1 
ATOM 671  C C   . GLN D 1 47 ? -15.25758 11.41393  -4.42068  1.000 26.13233 ? 47 GLN D C   1 
ATOM 672  O O   . GLN D 1 47 ? -14.89905 12.58827  -4.55210  1.000 41.88031 ? 47 GLN D O   1 
ATOM 673  C CB  . GLN D 1 47 ? -17.64106 11.81268  -5.13547  1.000 28.24536 ? 47 GLN D CB  1 
ATOM 674  C CG  . GLN D 1 47 ? -19.10589 11.78851  -4.73991  1.000 27.36937 ? 47 GLN D CG  1 
ATOM 675  C CD  . GLN D 1 47 ? -20.00715 12.35451  -5.81741  1.000 32.61760 ? 47 GLN D CD  1 
ATOM 676  O OE1 . GLN D 1 47 ? -19.54950 12.70438  -6.90438  1.000 38.01460 ? 47 GLN D OE1 1 
ATOM 677  N NE2 . GLN D 1 47 ? -21.29773 12.44560  -5.52160  1.000 37.10146 ? 47 GLN D NE2 1 
ATOM 678  N N   . MET D 1 48 ? -14.41471 10.38795  -4.49063  1.000 21.51893 ? 48 MET D N   1 
ATOM 679  C CA  . MET D 1 48 ? -12.96972 10.56166  -4.52426  1.000 25.72602 ? 48 MET D CA  1 
ATOM 680  C C   . MET D 1 48 ? -12.40036 9.97236   -5.80560  1.000 26.38588 ? 48 MET D C   1 
ATOM 681  O O   . MET D 1 48 ? -12.76284 8.85874   -6.19788  1.000 30.91336 ? 48 MET D O   1 
ATOM 682  C CB  . MET D 1 48 ? -12.31717 9.90408   -3.30572  1.000 23.83926 ? 48 MET D CB  1 
ATOM 683  C CG  . MET D 1 48 ? -13.02928 10.19383  -1.99304  1.000 26.84335 ? 48 MET D CG  1 
ATOM 684  S SD  . MET D 1 48 ? -12.08221 9.69911   -0.54089  1.000 40.80191 ? 48 MET D SD  1 
ATOM 685  C CE  . MET D 1 48 ? -10.42327 9.65552   -1.21172  1.000 29.45081 ? 48 MET D CE  1 
ATOM 686  N N   . ALA D 1 49 ? -11.51264 10.72361  -6.45222  1.000 27.99495 ? 49 ALA D N   1 
ATOM 687  C CA  . ALA D 1 49 ? -10.76698 10.26225  -7.61816  1.000 25.11542 ? 49 ALA D CA  1 
ATOM 688  C C   . ALA D 1 49 ? -9.28362  10.40485  -7.30316  1.000 24.20202 ? 49 ALA D C   1 
ATOM 689  O O   . ALA D 1 49 ? -8.74819  11.51825  -7.30393  1.000 39.27626 ? 49 ALA D O   1 
ATOM 690  C CB  . ALA D 1 49 ? -11.14852 11.05383  -8.86695  1.000 22.71845 ? 49 ALA D CB  1 
ATOM 691  N N   . THR D 1 50 ? -8.62388  9.28272   -7.03548  1.000 29.12103 ? 50 THR D N   1 
ATOM 692  C CA  . THR D 1 50 ? -7.23580  9.26905   -6.60181  1.000 30.95687 ? 50 THR D CA  1 
ATOM 693  C C   . THR D 1 50 ? -6.35490  8.63353   -7.66927  1.000 28.07663 ? 50 THR D C   1 
ATOM 694  O O   . THR D 1 50 ? -6.69359  7.59130   -8.23720  1.000 35.30471 ? 50 THR D O   1 
ATOM 695  C CB  . THR D 1 50 ? -7.08176  8.50877   -5.27977  1.000 35.09143 ? 50 THR D CB  1 
ATOM 696  O OG1 . THR D 1 50 ? -7.98470  9.05080   -4.30799  1.000 33.48667 ? 50 THR D OG1 1 
ATOM 697  C CG2 . THR D 1 50 ? -5.65792  8.62494   -4.75673  1.000 34.44136 ? 50 THR D CG2 1 
ATOM 698  N N   . THR D 1 51 ? -5.21998  9.27520   -7.93937  1.000 27.00419 ? 51 THR D N   1 
ATOM 699  C CA  . THR D 1 51 ? -4.25667  8.78311   -8.91727  1.000 25.44271 ? 51 THR D CA  1 
ATOM 700  C C   . THR D 1 51 ? -2.87674  8.79212   -8.28118  1.000 23.31211 ? 51 THR D C   1 
ATOM 701  O O   . THR D 1 51 ? -2.44544  9.81991   -7.75045  1.000 39.58347 ? 51 THR D O   1 
ATOM 702  C CB  . THR D 1 51 ? -4.26613  9.64171   -10.18358 1.000 28.72246 ? 51 THR D CB  1 
ATOM 703  O OG1 . THR D 1 51 ? -5.59644  9.70325   -10.70821 1.000 30.12762 ? 51 THR D OG1 1 
ATOM 704  C CG2 . THR D 1 51 ? -3.34685  9.04955   -11.23378 1.000 27.55184 ? 51 THR D CG2 1 
ATOM 705  N N   . ALA D 1 52 ? -2.18774  7.65517   -8.33517  1.000 23.14611 ? 52 ALA D N   1 
ATOM 706  C CA  . ALA D 1 52 ? -0.85385  7.52091   -7.76713  1.000 22.32371 ? 52 ALA D CA  1 
ATOM 707  C C   . ALA D 1 52 ? 0.06036   6.85321   -8.78149  1.000 24.16166 ? 52 ALA D C   1 
ATOM 708  O O   . ALA D 1 52 ? -0.31244  5.84448   -9.38828  1.000 32.29172 ? 52 ALA D O   1 
ATOM 709  C CB  . ALA D 1 52 ? -0.88351  6.71376   -6.46558  1.000 24.53373 ? 52 ALA D CB  1 
ATOM 710  N N   . ALA D 1 53 ? 1.25159   7.41719   -8.96401  1.000 20.53934 ? 53 ALA D N   1 
ATOM 711  C CA  . ALA D 1 53 ? 2.24912   6.85864   -9.86333  1.000 18.20115 ? 53 ALA D CA  1 
ATOM 712  C C   . ALA D 1 53 ? 3.62712   7.02230   -9.24324  1.000 16.38877 ? 53 ALA D C   1 
ATOM 713  O O   . ALA D 1 53 ? 3.94316   8.07892   -8.69082  1.000 32.74079 ? 53 ALA D O   1 
ATOM 714  C CB  . ALA D 1 53 ? 2.20623   7.53119   -11.24063 1.000 22.10570 ? 53 ALA D CB  1 
ATOM 715  N N   . GLY D 1 54 ? 4.44478   5.97705   -9.34186  1.000 22.49716 ? 54 GLY D N   1 
ATOM 716  C CA  . GLY D 1 54 ? 5.77922   6.01511   -8.77688  1.000 24.39347 ? 54 GLY D CA  1 
ATOM 717  C C   . GLY D 1 54 ? 5.79075   6.20065   -7.27351  1.000 21.35213 ? 54 GLY D C   1 
ATOM 718  O O   . GLY D 1 54 ? 6.49406   7.07176   -6.75456  1.000 34.69719 ? 54 GLY D O   1 
ATOM 719  N N   . VAL D 1 55 ? 5.00286   5.40032   -6.56340  1.000 25.18914 ? 55 VAL D N   1 
ATOM 720  C CA  . VAL D 1 55 ? 4.88269   5.49476   -5.11360  1.000 22.11240 ? 55 VAL D CA  1 
ATOM 721  C C   . VAL D 1 55 ? 5.69427   4.36970   -4.48640  1.000 25.95924 ? 55 VAL D C   1 
ATOM 722  O O   . VAL D 1 55 ? 5.51459   3.19556   -4.83065  1.000 33.36760 ? 55 VAL D O   1 
ATOM 723  C CB  . VAL D 1 55 ? 3.41384   5.43027   -4.66811  1.000 25.30084 ? 55 VAL D CB  1 
ATOM 724  C CG1 . VAL D 1 55 ? 3.31891   5.43396   -3.15056  1.000 26.11926 ? 55 VAL D CG1 1 
ATOM 725  C CG2 . VAL D 1 55 ? 2.63070   6.58976   -5.26110  1.000 18.37593 ? 55 VAL D CG2 1 
ATOM 726  N N   . ALA D 1 56 ? 6.58853   4.72585   -3.56730  1.000 29.46136 ? 56 ALA D N   1 
ATOM 727  C CA  . ALA D 1 56 ? 7.38347   3.76252   -2.81573  1.000 23.89778 ? 56 ALA D CA  1 
ATOM 728  C C   . ALA D 1 56 ? 7.08710   3.94454   -1.33495  1.000 23.00486 ? 56 ALA D C   1 
ATOM 729  O O   . ALA D 1 56 ? 7.29623   5.03207   -0.78739  1.000 31.98566 ? 56 ALA D O   1 
ATOM 730  C CB  . ALA D 1 56 ? 8.87698   3.93938   -3.09528  1.000 17.81727 ? 56 ALA D CB  1 
ATOM 731  N N   . VAL D 1 57 ? 6.60430   2.88575   -0.69078  1.000 23.84963 ? 57 VAL D N   1 
ATOM 732  C CA  . VAL D 1 57 ? 6.22037   2.92173   0.71610   1.000 26.47968 ? 57 VAL D CA  1 
ATOM 733  C C   . VAL D 1 57 ? 7.02593   1.85275   1.44094   1.000 21.37865 ? 57 VAL D C   1 
ATOM 734  O O   . VAL D 1 57 ? 6.86722   0.65535   1.16956   1.000 28.85697 ? 57 VAL D O   1 
ATOM 735  C CB  . VAL D 1 57 ? 4.71325   2.70377   0.90724   1.000 25.99760 ? 57 VAL D CB  1 
ATOM 736  C CG1 . VAL D 1 57 ? 4.40639   2.31370   2.34641   1.000 22.89699 ? 57 VAL D CG1 1 
ATOM 737  C CG2 . VAL D 1 57 ? 3.94241   3.95148   0.50847   1.000 25.94051 ? 57 VAL D CG2 1 
ATOM 738  N N   . GLY D 1 58 ? 7.88673   2.28073   2.35958   1.000 24.72847 ? 58 GLY D N   1 
ATOM 739  C CA  . GLY D 1 58 ? 8.70152   1.34711   3.12280   1.000 17.34056 ? 58 GLY D CA  1 
ATOM 740  C C   . GLY D 1 58 ? 9.58250   0.46635   2.26551   1.000 20.78259 ? 58 GLY D C   1 
ATOM 741  O O   . GLY D 1 58 ? 9.75363   -0.72016  2.56967   1.000 28.30038 ? 58 GLY D O   1 
ATOM 742  N N   . SER D 1 59 ? 10.16133  1.02458   1.20595   1.000 21.21957 ? 59 SER D N   1 
ATOM 743  C CA  . SER D 1 59 ? 10.86121  0.24320   0.19952   1.000 25.28946 ? 59 SER D CA  1 
ATOM 744  C C   . SER D 1 59 ? 12.26548  0.78713   -0.01731  1.000 22.77780 ? 59 SER D C   1 
ATOM 745  O O   . SER D 1 59 ? 12.53853  1.96532   0.22025   1.000 31.25810 ? 59 SER D O   1 
ATOM 746  C CB  . SER D 1 59 ? 10.09309  0.24597   -1.12899  1.000 29.64283 ? 59 SER D CB  1 
ATOM 747  O OG  . SER D 1 59 ? 8.69430   0.22992   -0.90799  1.000 34.67437 ? 59 SER D OG  1 
ATOM 748  N N   . ALA D 1 60 ? 13.15795  -0.09073  -0.46748  1.000 27.05797 ? 60 ALA D N   1 
ATOM 749  C CA  . ALA D 1 60 ? 14.51927  0.28631   -0.84507  1.000 26.47338 ? 60 ALA D CA  1 
ATOM 750  C C   . ALA D 1 60 ? 14.59212  0.24299   -2.36772  1.000 26.47065 ? 60 ALA D C   1 
ATOM 751  O O   . ALA D 1 60 ? 14.82845  -0.80564  -2.96806  1.000 29.69620 ? 60 ALA D O   1 
ATOM 752  C CB  . ALA D 1 60 ? 15.54404  -0.63704  -0.19759  1.000 23.87737 ? 60 ALA D CB  1 
ATOM 753  N N   . VAL D 1 61 ? 14.38339  1.39686   -2.99627  1.000 24.96515 ? 61 VAL D N   1 
ATOM 754  C CA  . VAL D 1 61 ? 14.29837  1.49804   -4.44828  1.000 26.13081 ? 61 VAL D CA  1 
ATOM 755  C C   . VAL D 1 61 ? 15.48157  2.29762   -4.97111  1.000 20.86860 ? 61 VAL D C   1 
ATOM 756  O O   . VAL D 1 61 ? 15.81261  3.36364   -4.44051  1.000 32.17874 ? 61 VAL D O   1 
ATOM 757  C CB  . VAL D 1 61 ? 12.96877  2.13763   -4.89020  1.000 22.62481 ? 61 VAL D CB  1 
ATOM 758  C CG1 . VAL D 1 61 ? 12.80493  2.00884   -6.39192  1.000 28.23958 ? 61 VAL D CG1 1 
ATOM 759  C CG2 . VAL D 1 61 ? 11.80179  1.49242   -4.16348  1.000 25.10947 ? 61 VAL D CG2 1 
ATOM 760  N N   . GLY D 1 62 ? 16.12494  1.77714   -6.01515  1.000 21.03009 ? 62 GLY D N   1 
ATOM 761  C CA  . GLY D 1 62 ? 17.23274  2.49048   -6.62470  1.000 22.45721 ? 62 GLY D CA  1 
ATOM 762  C C   . GLY D 1 62 ? 16.80198  3.75976   -7.33427  1.000 24.92632 ? 62 GLY D C   1 
ATOM 763  O O   . GLY D 1 62 ? 17.47257  4.79156   -7.24071  1.000 28.66368 ? 62 GLY D O   1 
ATOM 764  N N   . HIS D 1 63 ? 15.68005  3.70264   -8.04914  1.000 26.00608 ? 63 HIS D N   1 
ATOM 765  C CA  . HIS D 1 63 ? 15.20701  4.83784   -8.82738  1.000 19.04558 ? 63 HIS D CA  1 
ATOM 766  C C   . HIS D 1 63 ? 13.70074  4.71955   -9.00388  1.000 21.53593 ? 63 HIS D C   1 
ATOM 767  O O   . HIS D 1 63 ? 13.18358  3.62866   -9.25664  1.000 36.01250 ? 63 HIS D O   1 
ATOM 768  C CB  . HIS D 1 63 ? 15.91702  4.90223   -10.18816 1.000 22.13443 ? 63 HIS D CB  1 
ATOM 769  C CG  . HIS D 1 63 ? 15.38089  5.95243   -11.11222 1.000 29.64802 ? 63 HIS D CG  1 
ATOM 770  N ND1 . HIS D 1 63 ? 16.11289  7.06221   -11.47541 1.000 33.26518 ? 63 HIS D ND1 1 
ATOM 771  C CD2 . HIS D 1 63 ? 14.20105  6.04957   -11.77015 1.000 32.86698 ? 63 HIS D CD2 1 
ATOM 772  C CE1 . HIS D 1 63 ? 15.40043  7.80686   -12.30160 1.000 32.62349 ? 63 HIS D CE1 1 
ATOM 773  N NE2 . HIS D 1 63 ? 14.23600  7.21501   -12.49622 1.000 34.57043 ? 63 HIS D NE2 1 
ATOM 774  N N   . VAL D 1 64 ? 13.00440  5.84679   -8.87212  1.000 22.21315 ? 64 VAL D N   1 
ATOM 775  C CA  . VAL D 1 64 ? 11.55191  5.90034   -8.98948  1.000 22.61895 ? 64 VAL D CA  1 
ATOM 776  C C   . VAL D 1 64 ? 11.18206  6.93457   -10.04261 1.000 26.03054 ? 64 VAL D C   1 
ATOM 777  O O   . VAL D 1 64 ? 11.67930  8.06550   -10.01035 1.000 33.95914 ? 64 VAL D O   1 
ATOM 778  C CB  . VAL D 1 64 ? 10.87748  6.24176   -7.64681  1.000 25.88156 ? 64 VAL D CB  1 
ATOM 779  C CG1 . VAL D 1 64 ? 9.37883   6.36731   -7.82871  1.000 25.00932 ? 64 VAL D CG1 1 
ATOM 780  C CG2 . VAL D 1 64 ? 11.19219  5.18532   -6.60963  1.000 26.23542 ? 64 VAL D CG2 1 
ATOM 781  N N   . MET D 1 65 ? 10.31064  6.54651   -10.97118 1.000 33.19581 ? 65 MET D N   1 
ATOM 782  C CA  . MET D 1 65 ? 9.75190   7.45083   -11.96693 1.000 30.46561 ? 65 MET D CA  1 
ATOM 783  C C   . MET D 1 65 ? 8.23594   7.39759   -11.87205 1.000 30.32454 ? 65 MET D C   1 
ATOM 784  O O   . MET D 1 65 ? 7.65879   6.31364   -11.74195 1.000 39.76101 ? 65 MET D O   1 
ATOM 785  C CB  . MET D 1 65 ? 10.20614  7.08070   -13.38248 1.000 33.82473 ? 65 MET D CB  1 
ATOM 786  C CG  . MET D 1 65 ? 11.29498  7.97631   -13.94687 1.000 36.45287 ? 65 MET D CG  1 
ATOM 787  S SD  . MET D 1 65 ? 12.18086  7.20459   -15.31481 1.000 54.50299 ? 65 MET D SD  1 
ATOM 788  C CE  . MET D 1 65 ? 13.53229  8.35731   -15.54402 1.000 37.78346 ? 65 MET D CE  1 
ATOM 789  N N   . GLY D 1 66 ? 7.59514   8.56104   -11.93423 1.000 24.34736 ? 66 GLY D N   1 
ATOM 790  C CA  . GLY D 1 66 ? 6.15141   8.61731   -11.82720 1.000 21.80361 ? 66 GLY D CA  1 
ATOM 791  C C   . GLY D 1 66 ? 5.51400   9.72143   -12.64366 1.000 23.94622 ? 66 GLY D C   1 
ATOM 792  O O   . GLY D 1 66 ? 5.96825   10.86874  -12.61549 1.000 39.96711 ? 66 GLY D O   1 
ATOM 793  N N   . SER D 1 67 ? 4.45774   9.38223   -13.37943 1.000 24.89597 ? 67 SER D N   1 
ATOM 794  C CA  . SER D 1 67 ? 3.69033   10.34636  -14.15823 1.000 25.64293 ? 67 SER D CA  1 
ATOM 795  C C   . SER D 1 67 ? 2.21256   10.06601  -13.94042 1.000 24.25592 ? 67 SER D C   1 
ATOM 796  O O   . SER D 1 67 ? 1.73186   8.97672   -14.26827 1.000 35.55635 ? 67 SER D O   1 
ATOM 797  C CB  . SER D 1 67 ? 4.04305   10.26693  -15.64579 1.000 27.07335 ? 67 SER D CB  1 
ATOM 798  O OG  . SER D 1 67 ? 3.26933   11.18214  -16.40095 1.000 33.35217 ? 67 SER D OG  1 
ATOM 799  N N   . ALA D 1 68 ? 1.49578   11.04206  -13.39055 1.000 27.90683 ? 68 ALA D N   1 
ATOM 800  C CA  . ALA D 1 68 ? 0.09131   10.87696  -13.04941 1.000 26.61254 ? 68 ALA D CA  1 
ATOM 801  C C   . ALA D 1 68 ? -0.71897  12.04717  -13.58529 1.000 28.74594 ? 68 ALA D C   1 
ATOM 802  O O   . ALA D 1 68 ? -0.27787  13.19848  -13.52897 1.000 38.75587 ? 68 ALA D O   1 
ATOM 803  C CB  . ALA D 1 68 ? -0.09801  10.75742  -11.53396 1.000 27.15006 ? 68 ALA D CB  1 
ATOM 804  N N   . LEU D 1 69 ? -1.90507  11.74294  -14.10678 1.000 26.92737 ? 69 LEU D N   1 
ATOM 805  C CA  . LEU D 1 69 ? -2.83035  12.74399  -14.61612 1.000 29.56364 ? 69 LEU D CA  1 
ATOM 806  C C   . LEU D 1 69 ? -4.23450  12.39814  -14.14549 1.000 29.98733 ? 69 LEU D C   1 
ATOM 807  O O   . LEU D 1 69 ? -4.62318  11.22668  -14.13988 1.000 35.96075 ? 69 LEU D O   1 
ATOM 808  C CB  . LEU D 1 69 ? -2.77867  12.81920  -16.15039 1.000 26.67008 ? 69 LEU D CB  1 
ATOM 809  C CG  . LEU D 1 69 ? -3.40561  14.02818  -16.85132 1.000 33.89987 ? 69 LEU D CG  1 
ATOM 810  C CD1 . LEU D 1 69 ? -2.69430  14.29017  -18.16744 1.000 34.25386 ? 69 LEU D CD1 1 
ATOM 811  C CD2 . LEU D 1 69 ? -4.89461  13.82696  -17.09272 1.000 30.69212 ? 69 LEU D CD2 1 
ATOM 812  N N   . THR D 1 70 ? -4.99294  13.41782  -13.74855 1.000 38.19387 ? 70 THR D N   1 
ATOM 813  C CA  . THR D 1 70 ? -6.34180  13.22535  -13.23355 1.000 37.03846 ? 70 THR D CA  1 
ATOM 814  C C   . THR D 1 70 ? -7.28255  14.25332  -13.84022 1.000 35.18400 ? 70 THR D C   1 
ATOM 815  O O   . THR D 1 70 ? -6.98781  15.45256  -13.83239 1.000 43.04477 ? 70 THR D O   1 
ATOM 816  C CB  . THR D 1 70 ? -6.37695  13.33677  -11.70648 1.000 39.99095 ? 70 THR D CB  1 
ATOM 817  O OG1 . THR D 1 70 ? -5.35429  12.50930  -11.14057 1.000 45.52116 ? 70 THR D OG1 1 
ATOM 818  C CG2 . THR D 1 70 ? -7.73120  12.89954  -11.16957 1.000 36.59225 ? 70 THR D CG2 1 
ATOM 819  N N   . GLY D 1 71 ? -8.40859  13.77903  -14.36379 1.000 34.78290 ? 71 GLY D N   1 
ATOM 820  C CA  . GLY D 1 71 ? -9.49585  14.64900  -14.76131 1.000 32.24621 ? 71 GLY D CA  1 
ATOM 821  C C   . GLY D 1 71 ? -10.78719 14.20668  -14.10768 1.000 33.45397 ? 71 GLY D C   1 
ATOM 822  O O   . GLY D 1 71 ? -11.28838 13.11776  -14.40014 1.000 46.44338 ? 71 GLY D O   1 
ATOM 823  N N   . ALA D 1 72 ? -11.34124 15.03247  -13.22360 1.000 35.18436 ? 72 ALA D N   1 
ATOM 824  C CA  . ALA D 1 72 ? -12.49233 14.62666  -12.43340 1.000 35.59326 ? 72 ALA D CA  1 
ATOM 825  C C   . ALA D 1 72 ? -13.48932 15.77090  -12.33086 1.000 40.08948 ? 72 ALA D C   1 
ATOM 826  O O   . ALA D 1 72 ? -13.13572 16.94574  -12.45198 1.000 43.08838 ? 72 ALA D O   1 
ATOM 827  C CB  . ALA D 1 72 ? -12.07375 14.16364  -11.03185 1.000 32.75430 ? 72 ALA D CB  1 
ATOM 828  N N   . PHE D 1 73 ? -14.75043 15.39953  -12.10267 1.000 40.50313 ? 73 PHE D N   1 
ATOM 829  C CA  . PHE D 1 73 ? -15.83828 16.35216  -11.87393 1.000 41.02529 ? 73 PHE D CA  1 
ATOM 830  C C   . PHE D 1 73 ? -15.95403 17.35840  -13.01636 1.000 41.66877 ? 73 PHE D C   1 
ATOM 831  O O   . PHE D 1 73 ? -16.15647 18.55541  -12.80347 1.000 42.13938 ? 73 PHE D O   1 
ATOM 832  C CB  . PHE D 1 73 ? -15.66563 17.06237  -10.53068 1.000 36.11518 ? 73 PHE D CB  1 
ATOM 833  C CG  . PHE D 1 73 ? -15.51344 16.12351  -9.36902  1.000 39.13020 ? 73 PHE D CG  1 
ATOM 834  C CD1 . PHE D 1 73 ? -16.61800 15.49737  -8.81721  1.000 39.51517 ? 73 PHE D CD1 1 
ATOM 835  C CD2 . PHE D 1 73 ? -14.26470 15.86423  -8.83106  1.000 37.59143 ? 73 PHE D CD2 1 
ATOM 836  C CE1 . PHE D 1 73 ? -16.47941 14.63025  -7.75076  1.000 35.82658 ? 73 PHE D CE1 1 
ATOM 837  C CE2 . PHE D 1 73 ? -14.11962 14.99858  -7.76466  1.000 37.46359 ? 73 PHE D CE2 1 
ATOM 838  C CZ  . PHE D 1 73 ? -15.22834 14.38091  -7.22404  1.000 36.12241 ? 73 PHE D CZ  1 
ATOM 839  N N   . SER D 1 74 ? -15.82530 16.86450  -14.24440 1.000 49.40444 ? 74 SER D N   1 
ATOM 840  C CA  . SER D 1 74 ? -15.95017 17.69766  -15.43176 1.000 50.75145 ? 74 SER D CA  1 
ATOM 841  C C   . SER D 1 74 ? -17.42213 17.87908  -15.77788 1.000 49.76525 ? 74 SER D C   1 
ATOM 842  O O   . SER D 1 74 ? -18.17951 16.90481  -15.82809 1.000 50.82481 ? 74 SER D O   1 
ATOM 843  C CB  . SER D 1 74 ? -15.20056 17.07525  -16.61000 1.000 48.84993 ? 74 SER D CB  1 
ATOM 844  O OG  . SER D 1 74 ? -13.83014 16.89000  -16.30204 1.000 52.09848 ? 74 SER D OG  1 
ATOM 845  N N   . GLY D 1 75 ? -17.82153 19.12432  -16.01285 1.000 52.67279 ? 75 GLY D N   1 
ATOM 846  C CA  . GLY D 1 75 ? -19.19954 19.43166  -16.34751 1.000 52.34434 ? 75 GLY D CA  1 
ATOM 847  C C   . GLY D 1 75 ? -19.59521 18.97902  -17.73909 1.000 53.90312 ? 75 GLY D C   1 
ATOM 848  O O   . GLY D 1 75 ? -18.73933 18.72787  -18.58724 1.000 55.30507 ? 75 GLY D O   1 
ATOM 849  N N   . PRO E 1 42 ? -27.66508 6.71141   5.38488   1.000 62.93007 ? 42 PRO E N   1 
ATOM 850  C CA  . PRO E 1 42 ? -26.51890 5.80743   5.26182   1.000 61.42172 ? 42 PRO E CA  1 
ATOM 851  C C   . PRO E 1 42 ? -25.33701 6.23143   6.12915   1.000 60.98150 ? 42 PRO E C   1 
ATOM 852  O O   . PRO E 1 42 ? -25.01864 7.41755   6.19786   1.000 61.65579 ? 42 PRO E O   1 
ATOM 853  C CB  . PRO E 1 42 ? -26.17046 5.90203   3.77851   1.000 60.82371 ? 42 PRO E CB  1 
ATOM 854  C CG  . PRO E 1 42 ? -27.49029 6.12716   3.11792   1.000 61.88417 ? 42 PRO E CG  1 
ATOM 855  C CD  . PRO E 1 42 ? -28.33333 6.92798   4.08898   1.000 60.85382 ? 42 PRO E CD  1 
ATOM 856  N N   . GLY E 1 43 ? -24.69899 5.26222   6.78611   1.000 52.82113 ? 43 GLY E N   1 
ATOM 857  C CA  . GLY E 1 43 ? -23.57213 5.58229   7.64599   1.000 49.09445 ? 43 GLY E CA  1 
ATOM 858  C C   . GLY E 1 43 ? -22.37454 6.10823   6.87947   1.000 48.04282 ? 43 GLY E C   1 
ATOM 859  O O   . GLY E 1 43 ? -21.70786 7.04792   7.31958   1.000 47.97679 ? 43 GLY E O   1 
ATOM 860  N N   . LEU E 1 44 ? -22.08453 5.51157   5.72496   1.000 42.58660 ? 44 LEU E N   1 
ATOM 861  C CA  . LEU E 1 44 ? -20.94214 5.90585   4.90640   1.000 36.07968 ? 44 LEU E CA  1 
ATOM 862  C C   . LEU E 1 44 ? -21.24317 5.56179   3.45516   1.000 37.93784 ? 44 LEU E C   1 
ATOM 863  O O   . LEU E 1 44 ? -21.42268 4.38790   3.11730   1.000 46.08012 ? 44 LEU E O   1 
ATOM 864  C CB  . LEU E 1 44 ? -19.66230 5.21198   5.37628   1.000 36.78088 ? 44 LEU E CB  1 
ATOM 865  C CG  . LEU E 1 44 ? -18.32606 5.84896   4.98680   1.000 38.73420 ? 44 LEU E CG  1 
ATOM 866  C CD1 . LEU E 1 44 ? -17.28110 5.57170   6.05265   1.000 40.12217 ? 44 LEU E CD1 1 
ATOM 867  C CD2 . LEU E 1 44 ? -17.84925 5.34642   3.63308   1.000 36.83084 ? 44 LEU E CD2 1 
ATOM 868  N N   . MET E 1 45 ? -21.29949 6.58190   2.60395   1.000 39.18995 ? 45 MET E N   1 
ATOM 869  C CA  . MET E 1 45 ? -21.46556 6.41079   1.16628   1.000 37.97266 ? 45 MET E CA  1 
ATOM 870  C C   . MET E 1 45 ? -20.20494 6.91541   0.48000   1.000 38.49881 ? 45 MET E C   1 
ATOM 871  O O   . MET E 1 45 ? -19.78949 8.05687   0.70403   1.000 47.15036 ? 45 MET E O   1 
ATOM 872  C CB  . MET E 1 45 ? -22.69868 7.15924   0.65935   1.000 36.87447 ? 45 MET E CB  1 
ATOM 873  C CG  . MET E 1 45 ? -22.89592 7.07988   -0.84549  1.000 41.61071 ? 45 MET E CG  1 
ATOM 874  S SD  . MET E 1 45 ? -24.55167 7.56497   -1.37320  1.000 55.43742 ? 45 MET E SD  1 
ATOM 875  C CE  . MET E 1 45 ? -25.48725 7.30783   0.13268   1.000 43.45600 ? 45 MET E CE  1 
ATOM 876  N N   . ALA E 1 46 ? -19.59621 6.06953   -0.34812  1.000 31.56629 ? 46 ALA E N   1 
ATOM 877  C CA  . ALA E 1 46 ? -18.32495 6.40254   -0.98012  1.000 31.38103 ? 46 ALA E CA  1 
ATOM 878  C C   . ALA E 1 46 ? -18.31950 5.90304   -2.41516  1.000 31.76736 ? 46 ALA E C   1 
ATOM 879  O O   . ALA E 1 46 ? -18.53055 4.71222   -2.66091  1.000 36.72330 ? 46 ALA E O   1 
ATOM 880  C CB  . ALA E 1 46 ? -17.15060 5.80257   -0.20182  1.000 28.75805 ? 46 ALA E CB  1 
ATOM 881  N N   . GLN E 1 47 ? -18.08104 6.81284   -3.35578  1.000 29.93596 ? 47 GLN E N   1 
ATOM 882  C CA  . GLN E 1 47 ? -17.83273 6.46735   -4.75072  1.000 26.63412 ? 47 GLN E CA  1 
ATOM 883  C C   . GLN E 1 47 ? -16.38383 6.82440   -5.05916  1.000 26.13233 ? 47 GLN E C   1 
ATOM 884  O O   . GLN E 1 47 ? -16.04429 8.00377   -5.19588  1.000 41.88031 ? 47 GLN E O   1 
ATOM 885  C CB  . GLN E 1 47 ? -18.79719 7.19930   -5.68044  1.000 28.24536 ? 47 GLN E CB  1 
ATOM 886  C CG  . GLN E 1 47 ? -20.24559 7.15507   -5.22991  1.000 27.36937 ? 47 GLN E CG  1 
ATOM 887  C CD  . GLN E 1 47 ? -21.19362 7.71728   -6.26857  1.000 32.61760 ? 47 GLN E CD  1 
ATOM 888  O OE1 . GLN E 1 47 ? -20.78163 8.07966   -7.36962  1.000 38.01460 ? 47 GLN E OE1 1 
ATOM 889  N NE2 . GLN E 1 47 ? -22.47302 7.79103   -5.92351  1.000 37.10146 ? 47 GLN E NE2 1 
ATOM 890  N N   . MET E 1 48 ? -15.53229 5.80903   -5.16809  1.000 21.51893 ? 48 MET E N   1 
ATOM 891  C CA  . MET E 1 48 ? -14.09174 6.00020   -5.25518  1.000 25.72602 ? 48 MET E CA  1 
ATOM 892  C C   . MET E 1 48 ? -13.56453 5.42610   -6.56122  1.000 26.38588 ? 48 MET E C   1 
ATOM 893  O O   . MET E 1 48 ? -13.92858 4.31082   -6.94725  1.000 30.91336 ? 48 MET E O   1 
ATOM 894  C CB  . MET E 1 48 ? -13.38582 5.34255   -4.06682  1.000 23.83926 ? 48 MET E CB  1 
ATOM 895  C CG  . MET E 1 48 ? -14.05096 5.61519   -2.72614  1.000 26.84335 ? 48 MET E CG  1 
ATOM 896  S SD  . MET E 1 48 ? -13.04379 5.12238   -1.31435  1.000 40.80191 ? 48 MET E SD  1 
ATOM 897  C CE  . MET E 1 48 ? -11.41109 5.10296   -2.04776  1.000 29.45081 ? 48 MET E CE  1 
ATOM 898  N N   . ALA E 1 49 ? -12.71081 6.19210   -7.23572  1.000 27.99495 ? 49 ALA E N   1 
ATOM 899  C CA  . ALA E 1 49 ? -12.00457 5.74728   -8.43224  1.000 25.11542 ? 49 ALA E CA  1 
ATOM 900  C C   . ALA E 1 49 ? -10.51209 5.90554   -8.17260  1.000 24.20202 ? 49 ALA E C   1 
ATOM 901  O O   . ALA E 1 49 ? -9.99012  7.02523   -8.18588  1.000 39.27626 ? 49 ALA E O   1 
ATOM 902  C CB  . ALA E 1 49 ? -12.44241 6.54238   -9.66015  1.000 22.71845 ? 49 ALA E CB  1 
ATOM 903  N N   . THR E 1 50 ? -9.82960  4.78965   -7.93791  1.000 29.12103 ? 50 THR E N   1 
ATOM 904  C CA  . THR E 1 50 ? -8.42601  4.78973   -7.55719  1.000 30.95687 ? 50 THR E CA  1 
ATOM 905  C C   . THR E 1 50 ? -7.57887  4.17174   -8.66161  1.000 28.07663 ? 50 THR E C   1 
ATOM 906  O O   . THR E 1 50 ? -7.92664  3.12926   -9.22357  1.000 35.30471 ? 50 THR E O   1 
ATOM 907  C CB  . THR E 1 50 ? -8.21308  4.02273   -6.24724  1.000 35.09143 ? 50 THR E CB  1 
ATOM 908  O OG1 . THR E 1 50 ? -9.08479  4.54761   -5.23824  1.000 33.48667 ? 50 THR E OG1 1 
ATOM 909  C CG2 . THR E 1 50 ? -6.77188  4.15248   -5.77767  1.000 34.44136 ? 50 THR E CG2 1 
ATOM 910  N N   . THR E 1 51 ? -6.46258  4.82866   -8.96998  1.000 27.00419 ? 51 THR E N   1 
ATOM 911  C CA  . THR E 1 51 ? -5.53136  4.35449   -9.98704  1.000 25.44271 ? 51 THR E CA  1 
ATOM 912  C C   . THR E 1 51 ? -4.12850  4.37583   -9.40358  1.000 23.31211 ? 51 THR E C   1 
ATOM 913  O O   . THR E 1 51 ? -3.68943  5.40522   -8.88241  1.000 39.58347 ? 51 THR E O   1 
ATOM 914  C CB  . THR E 1 51 ? -5.59886  5.22116   -11.24607 1.000 28.72246 ? 51 THR E CB  1 
ATOM 915  O OG1 . THR E 1 51 ? -6.94875  5.27022   -11.71955 1.000 30.12762 ? 51 THR E OG1 1 
ATOM 916  C CG2 . THR E 1 51 ? -4.71322  4.64688   -12.33442 1.000 27.55184 ? 51 THR E CG2 1 
ATOM 917  N N   . ALA E 1 52 ? -3.42879  3.24758   -9.49152  1.000 23.14611 ? 52 ALA E N   1 
ATOM 918  C CA  . ALA E 1 52 ? -2.07285  3.12556   -8.97532  1.000 22.32371 ? 52 ALA E CA  1 
ATOM 919  C C   . ALA E 1 52 ? -1.19002  2.47543   -10.02817 1.000 24.16166 ? 52 ALA E C   1 
ATOM 920  O O   . ALA E 1 52 ? -1.57376  1.46631   -10.62742 1.000 32.29172 ? 52 ALA E O   1 
ATOM 921  C CB  . ALA E 1 52 ? -2.04370  2.30963   -7.67923  1.000 24.53373 ? 52 ALA E CB  1 
ATOM 922  N N   . ALA E 1 53 ? -0.01325  3.05478   -10.25172 1.000 20.53934 ? 53 ALA E N   1 
ATOM 923  C CA  . ALA E 1 53 ? 0.95592   2.51407   -11.19200 1.000 18.20115 ? 53 ALA E CA  1 
ATOM 924  C C   . ALA E 1 53 ? 2.35443   2.69012   -10.62338 1.000 16.38877 ? 53 ALA E C   1 
ATOM 925  O O   . ALA E 1 53 ? 2.67883   3.74682   -10.07597 1.000 32.74079 ? 53 ALA E O   1 
ATOM 926  C CB  . ALA E 1 53 ? 0.85298   3.19501   -12.56196 1.000 22.10570 ? 53 ALA E CB  1 
ATOM 927  N N   . GLY E 1 54 ? 3.17993   1.65538   -10.76015 1.000 22.49716 ? 54 GLY E N   1 
ATOM 928  C CA  . GLY E 1 54 ? 4.53431   1.70568   -10.24581 1.000 24.39347 ? 54 GLY E CA  1 
ATOM 929  C C   . GLY E 1 54 ? 4.60066   1.88155   -8.74271  1.000 21.35213 ? 54 GLY E C   1 
ATOM 930  O O   . GLY E 1 54 ? 5.31291   2.75759   -8.24469  1.000 34.69719 ? 54 GLY E O   1 
ATOM 931  N N   . VAL E 1 55 ? 3.84967   1.06725   -8.00889  1.000 25.18914 ? 55 VAL E N   1 
ATOM 932  C CA  . VAL E 1 55 ? 3.78347   1.15080   -6.55494  1.000 22.11240 ? 55 VAL E CA  1 
ATOM 933  C C   . VAL E 1 55 ? 4.63135   0.03144   -5.96676  1.000 25.95924 ? 55 VAL E C   1 
ATOM 934  O O   . VAL E 1 55 ? 4.45248   -1.14248  -6.31213  1.000 33.36760 ? 55 VAL E O   1 
ATOM 935  C CB  . VAL E 1 55 ? 2.33343   1.06587   -6.05465  1.000 25.30084 ? 55 VAL E CB  1 
ATOM 936  C CG1 . VAL E 1 55 ? 2.29608   1.05853   -4.53461  1.000 26.11926 ? 55 VAL E CG1 1 
ATOM 937  C CG2 . VAL E 1 55 ? 1.51486   2.21977   -6.60949  1.000 18.37593 ? 55 VAL E CG2 1 
ATOM 938  N N   . ALA E 1 56 ? 5.55559   0.39226   -5.07971  1.000 29.46136 ? 56 ALA E N   1 
ATOM 939  C CA  . ALA E 1 56 ? 6.38967   -0.56640  -4.36547  1.000 23.89778 ? 56 ALA E CA  1 
ATOM 940  C C   . ALA E 1 56 ? 6.14756   -0.39757  -2.87331  1.000 23.00486 ? 56 ALA E C   1 
ATOM 941  O O   . ALA E 1 56 ? 6.36458   0.68879   -2.32650  1.000 31.98566 ? 56 ALA E O   1 
ATOM 942  C CB  . ALA E 1 56 ? 7.86934   -0.36989  -4.70011  1.000 17.81727 ? 56 ALA E CB  1 
ATOM 943  N N   . VAL E 1 57 ? 5.70194   -1.46623  -2.21873  1.000 23.84963 ? 57 VAL E N   1 
ATOM 944  C CA  . VAL E 1 57 ? 5.37124   -1.44401  -0.79811  1.000 26.47968 ? 57 VAL E CA  1 
ATOM 945  C C   . VAL E 1 57 ? 6.21614   -2.50799  -0.11173  1.000 21.37865 ? 57 VAL E C   1 
ATOM 946  O O   . VAL E 1 57 ? 6.06125   -3.70542  -0.38525  1.000 28.85697 ? 57 VAL E O   1 
ATOM 947  C CB  . VAL E 1 57 ? 3.87510   -1.68119  -0.55159  1.000 25.99760 ? 57 VAL E CB  1 
ATOM 948  C CG1 . VAL E 1 57 ? 3.62762   -2.08427  0.89542   1.000 22.89699 ? 57 VAL E CG1 1 
ATOM 949  C CG2 . VAL E 1 57 ? 3.07516   -0.44021  -0.91220  1.000 25.94051 ? 57 VAL E CG2 1 
ATOM 950  N N   . GLY E 1 58 ? 7.10610   -2.07576  0.77664   1.000 24.72847 ? 58 GLY E N   1 
ATOM 951  C CA  . GLY E 1 58 ? 7.96011   -3.00454  1.50196   1.000 17.34056 ? 58 GLY E CA  1 
ATOM 952  C C   . GLY E 1 58 ? 8.81817   -3.86911  0.60582   1.000 20.78259 ? 58 GLY E C   1 
ATOM 953  O O   . GLY E 1 58 ? 9.01457   -5.05545  0.89503   1.000 28.30038 ? 58 GLY E O   1 
ATOM 954  N N   . SER E 1 59 ? 9.34984   -3.29711  -0.47097  1.000 21.21957 ? 59 SER E N   1 
ATOM 955  C CA  . SER E 1 59 ? 10.02014  -4.06351  -1.50857  1.000 25.28946 ? 59 SER E CA  1 
ATOM 956  C C   . SER E 1 59 ? 11.40872  -3.50144  -1.77460  1.000 22.77780 ? 59 SER E C   1 
ATOM 957  O O   . SER E 1 59 ? 11.67680  -2.32166  -1.53934  1.000 31.25810 ? 59 SER E O   1 
ATOM 958  C CB  . SER E 1 59 ? 9.20221   -4.06126  -2.80701  1.000 29.64283 ? 59 SER E CB  1 
ATOM 959  O OG  . SER E 1 59 ? 7.81308   -4.09545  -2.53337  1.000 34.67437 ? 59 SER E OG  1 
ATOM 960  N N   . ALA E 1 60 ? 12.29368  -4.36563  -2.26433  1.000 27.05797 ? 60 ALA E N   1 
ATOM 961  C CA  . ALA E 1 60 ? 13.63520  -3.96991  -2.69052  1.000 26.47338 ? 60 ALA E CA  1 
ATOM 962  C C   . ALA E 1 60 ? 13.65075  -4.00243  -4.21510  1.000 26.47065 ? 60 ALA E C   1 
ATOM 963  O O   . ALA E 1 60 ? 13.87638  -5.04423  -4.83125  1.000 29.69620 ? 60 ALA E O   1 
ATOM 964  C CB  . ALA E 1 60 ? 14.69451  -4.88515  -2.08874  1.000 23.87737 ? 60 ALA E CB  1 
ATOM 965  N N   . VAL E 1 61 ? 13.40487  -2.84707  -4.82725  1.000 24.96515 ? 61 VAL E N   1 
ATOM 966  C CA  . VAL E 1 61 ? 13.26367  -2.73745  -6.27427  1.000 26.13081 ? 61 VAL E CA  1 
ATOM 967  C C   . VAL E 1 61 ? 14.41677  -1.92041  -6.83593  1.000 20.86860 ? 61 VAL E C   1 
ATOM 968  O O   . VAL E 1 61 ? 14.75521  -0.85399  -6.31081  1.000 32.17874 ? 61 VAL E O   1 
ATOM 969  C CB  . VAL E 1 61 ? 11.91088  -2.11091  -6.66110  1.000 22.62481 ? 61 VAL E CB  1 
ATOM 970  C CG1 . VAL E 1 61 ? 11.69173  -2.23186  -8.15639  1.000 28.23958 ? 61 VAL E CG1 1 
ATOM 971  C CG2 . VAL E 1 61 ? 10.77992  -2.77474  -5.89525  1.000 25.10947 ? 61 VAL E CG2 1 
ATOM 972  N N   . GLY E 1 62 ? 15.02613  -2.42636  -7.90716  1.000 21.03009 ? 62 GLY E N   1 
ATOM 973  C CA  . GLY E 1 62 ? 16.10160  -1.69588  -8.55320  1.000 22.45721 ? 62 GLY E CA  1 
ATOM 974  C C   . GLY E 1 62 ? 15.62943  -0.42724  -9.23711  1.000 24.92632 ? 62 GLY E C   1 
ATOM 975  O O   . GLY E 1 62 ? 16.29099  0.61186   -9.16181  1.000 28.66368 ? 62 GLY E O   1 
ATOM 976  N N   . HIS E 1 63 ? 14.48195  -0.49309  -9.90940  1.000 26.00608 ? 63 HIS E N   1 
ATOM 977  C CA  . HIS E 1 63 ? 13.96650  0.64144   -10.66124 1.000 19.04558 ? 63 HIS E CA  1 
ATOM 978  C C   . HIS E 1 63 ? 12.45610  0.50631   -10.78144 1.000 21.53593 ? 63 HIS E C   1 
ATOM 979  O O   . HIS E 1 63 ? 11.94251  -0.58901  -11.02205 1.000 36.01250 ? 63 HIS E O   1 
ATOM 980  C CB  . HIS E 1 63 ? 14.62360  0.72316   -12.04744 1.000 22.13443 ? 63 HIS E CB  1 
ATOM 981  C CG  . HIS E 1 63 ? 14.04057  1.77288   -12.94321 1.000 29.64802 ? 63 HIS E CG  1 
ATOM 982  N ND1 . HIS E 1 63 ? 14.74526  2.89367   -13.32611 1.000 33.26518 ? 63 HIS E ND1 1 
ATOM 983  C CD2 . HIS E 1 63 ? 12.83558  1.86022   -13.55533 1.000 32.86698 ? 63 HIS E CD2 1 
ATOM 984  C CE1 . HIS E 1 63 ? 13.99332  3.63512   -14.11954 1.000 32.62349 ? 63 HIS E CE1 1 
ATOM 985  N NE2 . HIS E 1 63 ? 12.82935  3.03070   -14.27407 1.000 34.57043 ? 63 HIS E NE2 1 
ATOM 986  N N   . VAL E 1 64 ? 11.75214  1.62429   -10.61558 1.000 22.21315 ? 64 VAL E N   1 
ATOM 987  C CA  . VAL E 1 64 ? 10.29572  1.66125   -10.67752 1.000 22.61895 ? 64 VAL E CA  1 
ATOM 988  C C   . VAL E 1 64 ? 9.87414   2.69782   -11.70867 1.000 26.03054 ? 64 VAL E C   1 
ATOM 989  O O   . VAL E 1 64 ? 10.35900  3.83437   -11.68737 1.000 33.95914 ? 64 VAL E O   1 
ATOM 990  C CB  . VAL E 1 64 ? 9.66875   1.98583   -9.30793  1.000 25.88156 ? 64 VAL E CB  1 
ATOM 991  C CG1 . VAL E 1 64 ? 8.16291   2.09464   -9.43212  1.000 25.00932 ? 64 VAL E CG1 1 
ATOM 992  C CG2 . VAL E 1 64 ? 10.03489  0.92647   -8.29080  1.000 26.23542 ? 64 VAL E CG2 1 
ATOM 993  N N   . MET E 1 65 ? 8.97272   2.30545   -12.60627 1.000 33.19581 ? 65 MET E N   1 
ATOM 994  C CA  . MET E 1 65 ? 8.36610   3.20950   -13.57384 1.000 30.46561 ? 65 MET E CA  1 
ATOM 995  C C   . MET E 1 65 ? 6.85556   3.13754   -13.42203 1.000 30.32454 ? 65 MET E C   1 
ATOM 996  O O   . MET E 1 65 ? 6.29645   2.04596   -13.27775 1.000 39.76101 ? 65 MET E O   1 
ATOM 997  C CB  . MET E 1 65 ? 8.77062   2.85405   -15.00812 1.000 33.82473 ? 65 MET E CB  1 
ATOM 998  C CG  . MET E 1 65 ? 9.82674   3.76626   -15.60704 1.000 36.45287 ? 65 MET E CG  1 
ATOM 999  S SD  . MET E 1 65 ? 10.66907  3.01411   -17.01287 1.000 54.50299 ? 65 MET E SD  1 
ATOM 1000 C CE  . MET E 1 65 ? 11.99727  4.18435   -17.28502 1.000 37.78346 ? 65 MET E CE  1 
ATOM 1001 N N   . GLY E 1 66 ? 6.19930   4.29363   -13.45182 1.000 24.34736 ? 66 GLY E N   1 
ATOM 1002 C CA  . GLY E 1 66 ? 4.76012   4.33196   -13.28984 1.000 21.80361 ? 66 GLY E CA  1 
ATOM 1003 C C   . GLY E 1 66 ? 4.07933   5.43369   -14.07388 1.000 23.94622 ? 66 GLY E C   1 
ATOM 1004 O O   . GLY E 1 66 ? 4.52089   6.58613   -14.05494 1.000 39.96711 ? 66 GLY E O   1 
ATOM 1005 N N   . SER E 1 67 ? 2.99998   5.08670   -14.77150 1.000 24.89597 ? 67 SER E N   1 
ATOM 1006 C CA  . SER E 1 67 ? 2.19238   6.04665   -15.51396 1.000 25.64293 ? 67 SER E CA  1 
ATOM 1007 C C   . SER E 1 67 ? 0.72730   5.74727   -15.24235 1.000 24.25592 ? 67 SER E C   1 
ATOM 1008 O O   . SER E 1 67 ? 0.24728   4.65447   -15.55936 1.000 35.55635 ? 67 SER E O   1 
ATOM 1009 C CB  . SER E 1 67 ? 2.48933   5.98114   -17.01433 1.000 27.07335 ? 67 SER E CB  1 
ATOM 1010 O OG  . SER E 1 67 ? 1.67689   6.89194   -17.73327 1.000 33.35217 ? 67 SER E OG  1 
ATOM 1011 N N   . ALA E 1 68 ? 0.02053   6.71107   -14.65897 1.000 27.90683 ? 68 ALA E N   1 
ATOM 1012 C CA  . ALA E 1 68 ? -1.36798  6.52699   -14.26608 1.000 26.61254 ? 68 ALA E CA  1 
ATOM 1013 C C   . ALA E 1 68 ? -2.21161  7.69092   -14.76275 1.000 28.74594 ? 68 ALA E C   1 
ATOM 1014 O O   . ALA E 1 68 ? -1.78218  8.84702   -14.71514 1.000 38.75587 ? 68 ALA E O   1 
ATOM 1015 C CB  . ALA E 1 68 ? -1.49828  6.39533   -12.74542 1.000 27.15006 ? 68 ALA E CB  1 
ATOM 1016 N N   . LEU E 1 69 ? -3.41300  7.37595   -15.24109 1.000 26.92737 ? 69 LEU E N   1 
ATOM 1017 C CA  . LEU E 1 69 ? -4.36855  8.36918   -15.70807 1.000 29.56364 ? 69 LEU E CA  1 
ATOM 1018 C C   . LEU E 1 69 ? -5.74971  8.00353   -15.18705 1.000 29.98733 ? 69 LEU E C   1 
ATOM 1019 O O   . LEU E 1 69 ? -6.12418  6.82749   -15.17489 1.000 35.96075 ? 69 LEU E O   1 
ATOM 1020 C CB  . LEU E 1 69 ? -4.37597  8.45500   -17.24263 1.000 26.67008 ? 69 LEU E CB  1 
ATOM 1021 C CG  . LEU E 1 69 ? -5.04314  9.66095   -17.91089 1.000 33.89987 ? 69 LEU E CG  1 
ATOM 1022 C CD1 . LEU E 1 69 ? -4.38535  9.93997   -19.25114 1.000 34.25386 ? 69 LEU E CD1 1 
ATOM 1023 C CD2 . LEU E 1 69 ? -6.53777  9.44355   -18.09717 1.000 30.69212 ? 69 LEU E CD2 1 
ATOM 1024 N N   . THR E 1 70 ? -6.50442  9.01147   -14.75460 1.000 38.19387 ? 70 THR E N   1 
ATOM 1025 C CA  . THR E 1 70 ? -7.83044  8.79955   -14.19029 1.000 37.03846 ? 70 THR E CA  1 
ATOM 1026 C C   . THR E 1 70 ? -8.80547  9.82016   -14.75374 1.000 35.18400 ? 70 THR E C   1 
ATOM 1027 O O   . THR E 1 70 ? -8.52468  11.02274  -14.74873 1.000 43.04477 ? 70 THR E O   1 
ATOM 1028 C CB  . THR E 1 70 ? -7.80896  8.90059   -12.66224 1.000 39.99095 ? 70 THR E CB  1 
ATOM 1029 O OG1 . THR E 1 70 ? -6.75597  8.08172   -12.14120 1.000 45.52116 ? 70 THR E OG1 1 
ATOM 1030 C CG2 . THR E 1 70 ? -9.13667  8.44373   -12.07753 1.000 36.59225 ? 70 THR E CG2 1 
ATOM 1031 N N   . GLY E 1 71 ? -9.94494  9.33586   -15.23762 1.000 34.78290 ? 71 GLY E N   1 
ATOM 1032 C CA  . GLY E 1 71 ? -11.05658 10.19536  -15.58764 1.000 32.24621 ? 71 GLY E CA  1 
ATOM 1033 C C   . GLY E 1 71 ? -12.31695 9.73340   -14.88870 1.000 33.45397 ? 71 GLY E C   1 
ATOM 1034 O O   . GLY E 1 71 ? -12.81611 8.64050   -15.16957 1.000 46.44338 ? 71 GLY E O   1 
ATOM 1035 N N   . ALA E 1 72 ? -12.84668 10.54674  -13.97857 1.000 35.18436 ? 72 ALA E N   1 
ATOM 1036 C CA  . ALA E 1 72 ? -13.96216 10.12207  -13.14822 1.000 35.59326 ? 72 ALA E CA  1 
ATOM 1037 C C   . ALA E 1 72 ? -14.96784 11.25363  -13.00006 1.000 40.08948 ? 72 ALA E C   1 
ATOM 1038 O O   . ALA E 1 72 ? -14.63285 12.43337  -13.12628 1.000 43.08838 ? 72 ALA E O   1 
ATOM 1039 C CB  . ALA E 1 72 ? -13.48535 9.65495   -11.76676 1.000 32.75430 ? 72 ALA E CB  1 
ATOM 1040 N N   . PHE E 1 73 ? -16.21497 10.86575  -12.72690 1.000 40.50313 ? 73 PHE E N   1 
ATOM 1041 C CA  . PHE E 1 73 ? -17.30443 11.80382  -12.45053 1.000 41.02529 ? 73 PHE E CA  1 
ATOM 1042 C C   . PHE E 1 73 ? -17.47516 12.81602  -13.58072 1.000 41.66877 ? 73 PHE E C   1 
ATOM 1043 O O   . PHE E 1 73 ? -17.68336 14.00910  -13.35199 1.000 42.13938 ? 73 PHE E O   1 
ATOM 1044 C CB  . PHE E 1 73 ? -17.08927 12.50727  -11.10986 1.000 36.11518 ? 73 PHE E CB  1 
ATOM 1045 C CG  . PHE E 1 73 ? -16.88217 11.56274  -9.96135  1.000 39.13020 ? 73 PHE E CG  1 
ATOM 1046 C CD1 . PHE E 1 73 ? -17.95763 10.91986  -9.37252  1.000 39.51517 ? 73 PHE E CD1 1 
ATOM 1047 C CD2 . PHE E 1 73 ? -15.61099 11.31488  -9.47285  1.000 37.59143 ? 73 PHE E CD2 1 
ATOM 1048 C CE1 . PHE E 1 73 ? -17.76857 10.04753  -8.31814  1.000 35.82658 ? 73 PHE E CE1 1 
ATOM 1049 C CE2 . PHE E 1 73 ? -15.41547 10.44410  -8.41876  1.000 37.46359 ? 73 PHE E CE2 1 
ATOM 1050 C CZ  . PHE E 1 73 ? -16.49559 9.80973   -7.84090  1.000 36.12241 ? 73 PHE E CZ  1 
ATOM 1051 N N   . SER E 1 74 ? -17.38732 12.33171  -14.81616 1.000 49.40444 ? 74 SER E N   1 
ATOM 1052 C CA  . SER E 1 74 ? -17.56687 13.17103  -15.99212 1.000 50.75145 ? 74 SER E CA  1 
ATOM 1053 C C   . SER E 1 74 ? -19.05291 13.33712  -16.28102 1.000 49.76525 ? 74 SER E C   1 
ATOM 1054 O O   . SER E 1 74 ? -19.80022 12.35421  -16.30932 1.000 50.82481 ? 74 SER E O   1 
ATOM 1055 C CB  . SER E 1 74 ? -16.85527 12.56532  -17.20219 1.000 48.84993 ? 74 SER E CB  1 
ATOM 1056 O OG  . SER E 1 74 ? -15.47207 12.39443  -16.94761 1.000 52.09848 ? 74 SER E OG  1 
ATOM 1057 N N   . GLY E 1 75 ? -19.47546 14.57901  -16.49202 1.000 52.67279 ? 75 GLY E N   1 
ATOM 1058 C CA  . GLY E 1 75 ? -20.86866 14.87204  -16.77215 1.000 52.34434 ? 75 GLY E CA  1 
ATOM 1059 C C   . GLY E 1 75 ? -21.31151 14.42379  -18.15088 1.000 53.90312 ? 75 GLY E C   1 
ATOM 1060 O O   . GLY E 1 75 ? -20.48553 14.18841  -19.03254 1.000 55.30507 ? 75 GLY E O   1 
ATOM 1061 N N   . PRO F 1 42 ? -28.42722 2.15520   5.27697   1.000 62.93007 ? 42 PRO F N   1 
ATOM 1062 C CA  . PRO F 1 42 ? -27.28283 1.25631   5.10832   1.000 61.42172 ? 42 PRO F CA  1 
ATOM 1063 C C   . PRO F 1 42 ? -26.06546 1.69221   5.91882   1.000 60.98150 ? 42 PRO F C   1 
ATOM 1064 O O   . PRO F 1 42 ? -25.75078 2.88039   5.96544   1.000 61.65579 ? 42 PRO F O   1 
ATOM 1065 C CB  . PRO F 1 42 ? -27.00195 1.34274   3.61025   1.000 60.82371 ? 42 PRO F CB  1 
ATOM 1066 C CG  . PRO F 1 42 ? -28.35137 1.55664   3.00828   1.000 61.88417 ? 42 PRO F CG  1 
ATOM 1067 C CD  . PRO F 1 42 ? -29.15424 2.35962   4.01108   1.000 60.85382 ? 42 PRO F CD  1 
ATOM 1068 N N   . GLY F 1 43 ? -25.39328 0.73073   6.55267   1.000 52.82113 ? 43 GLY F N   1 
ATOM 1069 C CA  . GLY F 1 43 ? -24.23065 1.06238   7.35889   1.000 49.09445 ? 43 GLY F CA  1 
ATOM 1070 C C   . GLY F 1 43 ? -23.07162 1.58931   6.53585   1.000 48.04282 ? 43 GLY F C   1 
ATOM 1071 O O   . GLY F 1 43 ? -22.39095 2.53535   6.93942   1.000 47.97679 ? 43 GLY F O   1 
ATOM 1072 N N   . LEU F 1 44 ? -22.83058 0.98641   5.37335   1.000 42.58660 ? 44 LEU F N   1 
ATOM 1073 C CA  . LEU F 1 44 ? -21.72831 1.38106   4.50168   1.000 36.07968 ? 44 LEU F CA  1 
ATOM 1074 C C   . LEU F 1 44 ? -22.09241 1.02571   3.06771   1.000 37.93784 ? 44 LEU F C   1 
ATOM 1075 O O   . LEU F 1 44 ? -22.28053 -0.15133  2.74588   1.000 46.08012 ? 44 LEU F O   1 
ATOM 1076 C CB  . LEU F 1 44 ? -20.42488 0.69696   4.91797   1.000 36.78088 ? 44 LEU F CB  1 
ATOM 1077 C CG  . LEU F 1 44 ? -19.11098 1.33817   4.46465   1.000 38.73420 ? 44 LEU F CG  1 
ATOM 1078 C CD1 . LEU F 1 44 ? -18.01766 1.07346   5.48416   1.000 40.12217 ? 44 LEU F CD1 1 
ATOM 1079 C CD2 . LEU F 1 44 ? -18.69281 0.82900   3.09412   1.000 36.83084 ? 44 LEU F CD2 1 
ATOM 1080 N N   . MET F 1 45 ? -22.19251 2.03978   2.21332   1.000 39.18995 ? 45 MET F N   1 
ATOM 1081 C CA  . MET F 1 45 ? -22.42211 1.85817   0.78572   1.000 37.97266 ? 45 MET F CA  1 
ATOM 1082 C C   . MET F 1 45 ? -21.19640 2.36465   0.04015   1.000 38.49881 ? 45 MET F C   1 
ATOM 1083 O O   . MET F 1 45 ? -20.77750 3.50971   0.23785   1.000 47.15036 ? 45 MET F O   1 
ATOM 1084 C CB  . MET F 1 45 ? -23.68083 2.59683   0.32994   1.000 36.87447 ? 45 MET F CB  1 
ATOM 1085 C CG  . MET F 1 45 ? -23.94510 2.50635   -1.16395  1.000 41.61071 ? 45 MET F CG  1 
ATOM 1086 S SD  . MET F 1 45 ? -25.62552 2.97936   -1.61976  1.000 55.43742 ? 45 MET F SD  1 
ATOM 1087 C CE  . MET F 1 45 ? -26.49103 2.72753   -0.07166  1.000 43.45600 ? 45 MET F CE  1 
ATOM 1088 N N   . ALA F 1 46 ? -20.62091 1.51636   -0.80904  1.000 31.56629 ? 46 ALA F N   1 
ATOM 1089 C CA  . ALA F 1 46 ? -19.38119 1.85166   -1.49974  1.000 31.38103 ? 46 ALA F CA  1 
ATOM 1090 C C   . ALA F 1 46 ? -19.43755 1.34257   -2.93031  1.000 31.76736 ? 46 ALA F C   1 
ATOM 1091 O O   . ALA F 1 46 ? -19.65294 0.14905   -3.15859  1.000 36.72330 ? 46 ALA F O   1 
ATOM 1092 C CB  . ALA F 1 46 ? -18.16979 1.26298   -0.77120  1.000 28.75805 ? 46 ALA F CB  1 
ATOM 1093 N N   . GLN F 1 47 ? -19.24658 2.24724   -3.88658  1.000 29.93596 ? 47 GLN F N   1 
ATOM 1094 C CA  . GLN F 1 47 ? -19.05937 1.89368   -5.28901  1.000 26.63412 ? 47 GLN F CA  1 
ATOM 1095 C C   . GLN F 1 47 ? -17.62777 2.25611   -5.66465  1.000 26.13233 ? 47 GLN F C   1 
ATOM 1096 O O   . GLN F 1 47 ? -17.30115 3.43625   -5.82415  1.000 41.88031 ? 47 GLN F O   1 
ATOM 1097 C CB  . GLN F 1 47 ? -20.06863 2.61440   -6.17912  1.000 28.24536 ? 47 GLN F CB  1 
ATOM 1098 C CG  . GLN F 1 47 ? -21.49504 2.56574   -5.66359  1.000 27.36937 ? 47 GLN F CG  1 
ATOM 1099 C CD  . GLN F 1 47 ? -22.49186 3.11607   -6.66216  1.000 32.61760 ? 47 GLN F CD  1 
ATOM 1100 O OE1 . GLN F 1 47 ? -22.13177 3.47316   -7.78296  1.000 38.01460 ? 47 GLN F OE1 1 
ATOM 1101 N NE2 . GLN F 1 47 ? -23.75484 3.18555   -6.26035  1.000 37.10146 ? 47 GLN F NE2 1 
ATOM 1102 N N   . MET F 1 48 ? -16.77647 1.24442   -5.80521  1.000 21.51893 ? 48 MET F N   1 
ATOM 1103 C CA  . MET F 1 48 ? -15.34237 1.44241   -5.95827  1.000 25.72602 ? 48 MET F CA  1 
ATOM 1104 C C   . MET F 1 48 ? -14.87129 0.86227   -7.28296  1.000 26.38588 ? 48 MET F C   1 
ATOM 1105 O O   . MET F 1 48 ? -15.24626 -0.25744  -7.64498  1.000 30.91336 ? 48 MET F O   1 
ATOM 1106 C CB  . MET F 1 48 ? -14.58015 0.79639   -4.79864  1.000 23.83926 ? 48 MET F CB  1 
ATOM 1107 C CG  . MET F 1 48 ? -15.18582 1.07461   -3.43118  1.000 26.84335 ? 48 MET F CG  1 
ATOM 1108 S SD  . MET F 1 48 ? -14.11350 0.59648   -2.06298  1.000 40.80191 ? 48 MET F SD  1 
ATOM 1109 C CE  . MET F 1 48 ? -12.51536 0.58054   -2.86899  1.000 29.45081 ? 48 MET F CE  1 
ATOM 1110 N N   . ALA F 1 49 ? -14.05294 1.62811   -8.00015  1.000 27.99495 ? 49 ALA F N   1 
ATOM 1111 C CA  . ALA F 1 49 ? -13.39880 1.17891   -9.22432  1.000 25.11542 ? 49 ALA F CA  1 
ATOM 1112 C C   . ALA F 1 49 ? -11.89705 1.34658   -9.03315  1.000 24.20202 ? 49 ALA F C   1 
ATOM 1113 O O   . ALA F 1 49 ? -11.38231 2.46883   -9.07714  1.000 39.27626 ? 49 ALA F O   1 
ATOM 1114 C CB  . ALA F 1 49 ? -13.89573 1.96347   -10.43641 1.000 22.71845 ? 49 ALA F CB  1 
ATOM 1115 N N   . THR F 1 50 ? -11.19863 0.23581   -8.82217  1.000 29.12103 ? 50 THR F N   1 
ATOM 1116 C CA  . THR F 1 50 ? -9.77936  0.24569   -8.50500  1.000 30.95687 ? 50 THR F CA  1 
ATOM 1117 C C   . THR F 1 50 ? -8.97937  -0.37534  -9.64241  1.000 28.07663 ? 50 THR F C   1 
ATOM 1118 O O   . THR F 1 50 ? -9.34639  -1.42335  -10.18138 1.000 35.30471 ? 50 THR F O   1 
ATOM 1119 C CB  . THR F 1 50 ? -9.50358  -0.51139  -7.20102  1.000 35.09143 ? 50 THR F CB  1 
ATOM 1120 O OG1 . THR F 1 50 ? -10.33187 0.01575   -6.15724  1.000 33.48667 ? 50 THR F OG1 1 
ATOM 1121 C CG2 . THR F 1 50 ? -8.04344  -0.37107  -6.79763  1.000 34.44136 ? 50 THR F CG2 1 
ATOM 1122 N N   . THR F 1 51 ? -7.88168  0.28523   -10.00494 1.000 27.00419 ? 51 THR F N   1 
ATOM 1123 C CA  . THR F 1 51 ? -6.99457  -0.19096  -11.05978 1.000 25.44271 ? 51 THR F CA  1 
ATOM 1124 C C   . THR F 1 51 ? -5.56703  -0.15848  -10.54020 1.000 23.31211 ? 51 THR F C   1 
ATOM 1125 O O   . THR F 1 51 ? -5.11058  0.87664   -10.04598 1.000 39.58347 ? 51 THR F O   1 
ATOM 1126 C CB  . THR F 1 51 ? -7.12333  0.66687   -12.32009 1.000 28.72246 ? 51 THR F CB  1 
ATOM 1127 O OG1 . THR F 1 51 ? -8.49339  0.70581   -12.73265 1.000 30.12762 ? 51 THR F OG1 1 
ATOM 1128 C CG2 . THR F 1 51 ? -6.28440  0.08986   -13.44344 1.000 27.55184 ? 51 THR F CG2 1 
ATOM 1129 N N   . ALA F 1 52 ? -4.86585  -1.28369  -10.65222 1.000 23.14611 ? 52 ALA F N   1 
ATOM 1130 C CA  . ALA F 1 52 ? -3.48743  -1.39525  -10.19677 1.000 22.32371 ? 52 ALA F CA  1 
ATOM 1131 C C   . ALA F 1 52 ? -2.64931  -2.04788  -11.28405 1.000 24.16166 ? 52 ALA F C   1 
ATOM 1132 O O   . ALA F 1 52 ? -3.05410  -3.06297  -11.85888 1.000 32.29172 ? 52 ALA F O   1 
ATOM 1133 C CB  . ALA F 1 52 ? -3.39558  -2.20230  -8.89805  1.000 24.53373 ? 52 ALA F CB  1 
ATOM 1134 N N   . ALA F 1 53 ? -1.48694  -1.46400  -11.56407 1.000 20.53934 ? 53 ALA F N   1 
ATOM 1135 C CA  . ALA F 1 53 ? -0.55810  -2.00602  -12.54350 1.000 18.20115 ? 53 ALA F CA  1 
ATOM 1136 C C   . ALA F 1 53 ? 0.86358   -1.81896  -12.03954 1.000 16.38877 ? 53 ALA F C   1 
ATOM 1137 O O   . ALA F 1 53 ? 1.20650   -0.75695  -11.51414 1.000 32.74079 ? 53 ALA F O   1 
ATOM 1138 C CB  . ALA F 1 53 ? -0.72625  -1.33482  -13.91182 1.000 22.10570 ? 53 ALA F CB  1 
ATOM 1139 N N   . GLY F 1 54 ? 1.68771   -2.85033  -12.20661 1.000 22.49716 ? 54 GLY F N   1 
ATOM 1140 C CA  . GLY F 1 54 ? 3.06355   -2.78960  -11.75407 1.000 24.39347 ? 54 GLY F CA  1 
ATOM 1141 C C   . GLY F 1 54 ? 3.19647   -2.60330  -10.25665 1.000 21.35213 ? 54 GLY F C   1 
ATOM 1142 O O   . GLY F 1 54 ? 3.92561   -1.72028  -9.79687  1.000 34.69719 ? 54 GLY F O   1 
ATOM 1143 N N   . VAL F 1 55 ? 2.48368   -3.41650  -9.48452  1.000 25.18914 ? 55 VAL F N   1 
ATOM 1144 C CA  . VAL F 1 55 ? 2.48247   -3.32353  -8.02964  1.000 22.11240 ? 55 VAL F CA  1 
ATOM 1145 C C   . VAL F 1 55 ? 3.36202   -4.43454  -7.47297  1.000 25.95924 ? 55 VAL F C   1 
ATOM 1146 O O   . VAL F 1 55 ? 3.17419   -5.61166  -7.80233  1.000 33.36760 ? 55 VAL F O   1 
ATOM 1147 C CB  . VAL F 1 55 ? 1.05687   -3.41256  -7.46406  1.000 25.30084 ? 55 VAL F CB  1 
ATOM 1148 C CG1 . VAL F 1 55 ? 1.08794   -3.40989  -5.94387  1.000 26.11926 ? 55 VAL F CG1 1 
ATOM 1149 C CG2 . VAL F 1 55 ? 0.20792   -2.26665  -7.98898  1.000 18.37593 ? 55 VAL F CG2 1 
ATOM 1150 N N   . ALA F 1 56 ? 4.32323   -4.06301  -6.63076  1.000 29.46136 ? 56 ALA F N   1 
ATOM 1151 C CA  . ALA F 1 56 ? 5.19378   -5.01255  -5.94858  1.000 23.89778 ? 56 ALA F CA  1 
ATOM 1152 C C   . ALA F 1 56 ? 5.01810   -4.83496  -4.44817  1.000 23.00486 ? 56 ALA F C   1 
ATOM 1153 O O   . ALA F 1 56 ? 5.25357   -3.74385  -3.91872  1.000 31.98566 ? 56 ALA F O   1 
ATOM 1154 C CB  . ALA F 1 56 ? 6.65582   -4.81068  -6.35074  1.000 17.81727 ? 56 ALA F CB  1 
ATOM 1155 N N   . VAL F 1 57 ? 4.60819   -5.90148  -3.76729  1.000 23.84963 ? 57 VAL F N   1 
ATOM 1156 C CA  . VAL F 1 57 ? 4.34158   -5.87141  -2.33339  1.000 26.47968 ? 57 VAL F CA  1 
ATOM 1157 C C   . VAL F 1 57 ? 5.22227   -6.92640  -1.67886  1.000 21.37865 ? 57 VAL F C   1 
ATOM 1158 O O   . VAL F 1 57 ? 5.06178   -8.12641  -1.93736  1.000 28.85697 ? 57 VAL F O   1 
ATOM 1159 C CB  . VAL F 1 57 ? 2.85935   -6.11462  -2.01827  1.000 25.99760 ? 57 VAL F CB  1 
ATOM 1160 C CG1 . VAL F 1 57 ? 2.67939   -6.50925  -0.55902  1.000 22.89699 ? 57 VAL F CG1 1 
ATOM 1161 C CG2 . VAL F 1 57 ? 2.03727   -4.88023  -2.35056  1.000 25.94051 ? 57 VAL F CG2 1 
ATOM 1162 N N   . GLY F 1 58 ? 6.14891   -6.48363  -0.83425  1.000 24.72847 ? 58 GLY F N   1 
ATOM 1163 C CA  . GLY F 1 58 ? 7.03971   -7.40312  -0.14209  1.000 17.34056 ? 58 GLY F CA  1 
ATOM 1164 C C   . GLY F 1 58 ? 7.86132   -8.26926  -1.07031  1.000 20.78259 ? 58 GLY F C   1 
ATOM 1165 O O   . GLY F 1 58 ? 8.07697   -9.45260  -0.78256  1.000 28.30038 ? 58 GLY F O   1 
ATOM 1166 N N   . SER F 1 59 ? 8.34090   -7.70178  -2.17362  1.000 21.21957 ? 59 SER F N   1 
ATOM 1167 C CA  . SER F 1 59 ? 8.96803   -8.47166  -3.23536  1.000 25.28946 ? 59 SER F CA  1 
ATOM 1168 C C   . SER F 1 59 ? 10.34016  -7.90425  -3.56723  1.000 22.77780 ? 59 SER F C   1 
ATOM 1169 O O   . SER F 1 59 ? 10.61212  -6.72155  -3.35192  1.000 31.25810 ? 59 SER F O   1 
ATOM 1170 C CB  . SER F 1 59 ? 8.09255   -8.48235  -4.49566  1.000 29.64283 ? 59 SER F CB  1 
ATOM 1171 O OG  . SER F 1 59 ? 6.71734   -8.52184  -4.15955  1.000 34.67437 ? 59 SER F OG  1 
ATOM 1172 N N   . ALA F 1 60 ? 11.20691  -8.76715  -4.09068  1.000 27.05797 ? 60 ALA F N   1 
ATOM 1173 C CA  . ALA F 1 60 ? 12.52573  -8.36740  -4.57936  1.000 26.47338 ? 60 ALA F CA  1 
ATOM 1174 C C   . ALA F 1 60 ? 12.47290  -8.41008  -6.10286  1.000 26.47065 ? 60 ALA F C   1 
ATOM 1175 O O   . ALA F 1 60 ? 12.67626  -9.45481  -6.72177  1.000 29.69620 ? 60 ALA F O   1 
ATOM 1176 C CB  . ALA F 1 60 ? 13.61599  -9.27312  -4.01993  1.000 23.87737 ? 60 ALA F CB  1 
ATOM 1177 N N   . VAL F 1 61 ? 12.19344  -7.26013  -6.71079  1.000 24.96515 ? 61 VAL F N   1 
ATOM 1178 C CA  . VAL F 1 61 ? 11.98672  -7.16096  -8.15067  1.000 26.13081 ? 61 VAL F CA  1 
ATOM 1179 C C   . VAL F 1 61 ? 13.10893  -6.34179  -8.76892  1.000 20.86860 ? 61 VAL F C   1 
ATOM 1180 O O   . VAL F 1 61 ? 13.46484  -5.27014  -8.26649  1.000 32.17874 ? 61 VAL F O   1 
ATOM 1181 C CB  . VAL F 1 61 ? 10.61452  -6.54401  -8.48028  1.000 22.62481 ? 61 VAL F CB  1 
ATOM 1182 C CG1 . VAL F 1 61 ? 10.32902  -6.67612  -9.96338  1.000 28.23958 ? 61 VAL F CG1 1 
ATOM 1183 C CG2 . VAL F 1 61 ? 9.52278   -7.20849  -7.66003  1.000 25.10947 ? 61 VAL F CG2 1 
ATOM 1184 N N   . GLY F 1 62 ? 13.67226  -6.85177  -9.86319  1.000 21.03009 ? 62 GLY F N   1 
ATOM 1185 C CA  . GLY F 1 62 ? 14.71360  -6.12012  -10.56170 1.000 22.45721 ? 62 GLY F CA  1 
ATOM 1186 C C   . GLY F 1 62 ? 14.20426  -4.85856  -11.23188 1.000 24.92632 ? 62 GLY F C   1 
ATOM 1187 O O   . GLY F 1 62 ? 14.86287  -3.81558  -11.19315 1.000 28.66368 ? 62 GLY F O   1 
ATOM 1188 N N   . HIS F 1 63 ? 13.02808  -4.93483  -11.85140 1.000 26.00608 ? 63 HIS F N   1 
ATOM 1189 C CA  . HIS F 1 63 ? 12.47319  -3.80805  -12.58662 1.000 19.04558 ? 63 HIS F CA  1 
ATOM 1190 C C   . HIS F 1 63 ? 10.95967  -3.95175  -12.63785 1.000 21.53593 ? 63 HIS F C   1 
ATOM 1191 O O   . HIS F 1 63 ? 10.44175  -5.05129  -12.84801 1.000 36.01250 ? 63 HIS F O   1 
ATOM 1192 C CB  . HIS F 1 63 ? 13.06682  -3.73225  -14.00148 1.000 22.13443 ? 63 HIS F CB  1 
ATOM 1193 C CG  . HIS F 1 63 ? 12.43841  -2.69158  -14.87690 1.000 29.64802 ? 63 HIS F CG  1 
ATOM 1194 N ND1 . HIS F 1 63 ? 13.11906  -1.56979  -15.29837 1.000 33.26518 ? 63 HIS F ND1 1 
ATOM 1195 C CD2 . HIS F 1 63 ? 11.20666  -2.61457  -15.43472 1.000 32.86698 ? 63 HIS F CD2 1 
ATOM 1196 C CE1 . HIS F 1 63 ? 12.32818  -0.83755  -16.06194 1.000 32.62349 ? 63 HIS F CE1 1 
ATOM 1197 N NE2 . HIS F 1 63 ? 11.16175  -1.44900  -16.16002 1.000 34.57043 ? 63 HIS F NE2 1 
ATOM 1198 N N   . VAL F 1 64 ? 10.25780  -2.83633  -12.44773 1.000 22.21315 ? 64 VAL F N   1 
ATOM 1199 C CA  . VAL F 1 64 ? 8.79989   -2.80728  -12.44430 1.000 22.61895 ? 64 VAL F CA  1 
ATOM 1200 C C   . VAL F 1 64 ? 8.32672   -1.77983  -13.46213 1.000 26.03054 ? 64 VAL F C   1 
ATOM 1201 O O   . VAL F 1 64 ? 8.80586   -0.64069  -13.47003 1.000 33.95914 ? 64 VAL F O   1 
ATOM 1202 C CB  . VAL F 1 64 ? 8.23338   -2.47673  -11.05003 1.000 25.88156 ? 64 VAL F CB  1 
ATOM 1203 C CG1 . VAL F 1 64 ? 6.72290   -2.37651  -11.10702 1.000 25.00932 ? 64 VAL F CG1 1 
ATOM 1204 C CG2 . VAL F 1 64 ? 8.65064   -3.52733  -10.04355 1.000 26.23542 ? 64 VAL F CG2 1 
ATOM 1205 N N   . MET F 1 65 ? 7.38801   -2.18286  -14.31570 1.000 33.19581 ? 65 MET F N   1 
ATOM 1206 C CA  . MET F 1 65 ? 6.73359   -1.28846  -15.26083 1.000 30.46561 ? 65 MET F CA  1 
ATOM 1207 C C   . MET F 1 65 ? 5.23182   -1.36718  -15.04074 1.000 30.32454 ? 65 MET F C   1 
ATOM 1208 O O   . MET F 1 65 ? 4.68571   -2.46063  -14.86437 1.000 39.76101 ? 65 MET F O   1 
ATOM 1209 C CB  . MET F 1 65 ? 7.07514   -1.65146  -16.70952 1.000 33.82473 ? 65 MET F CB  1 
ATOM 1210 C CG  . MET F 1 65 ? 8.09828   -0.73787  -17.36127 1.000 36.45287 ? 65 MET F CG  1 
ATOM 1211 S SD  . MET F 1 65 ? 8.88062   -1.49509  -18.79867 1.000 54.50299 ? 65 MET F SD  1 
ATOM 1212 C CE  . MET F 1 65 ? 10.18885  -0.31989  -19.13790 1.000 37.78346 ? 65 MET F CE  1 
ATOM 1213 N N   . GLY F 1 66 ? 4.56860   -0.21471  -15.04846 1.000 24.34736 ? 66 GLY F N   1 
ATOM 1214 C CA  . GLY F 1 66 ? 3.13796   -0.18269  -14.82213 1.000 21.80361 ? 66 GLY F CA  1 
ATOM 1215 C C   . GLY F 1 66 ? 2.41663   0.91022   -15.58186 1.000 23.94622 ? 66 GLY F C   1 
ATOM 1216 O O   . GLY F 1 66 ? 2.85230   2.06502   -15.59027 1.000 39.96711 ? 66 GLY F O   1 
ATOM 1217 N N   . SER F 1 67 ? 1.30890   0.55301   -16.22794 1.000 24.89597 ? 67 SER F N   1 
ATOM 1218 C CA  . SER F 1 67 ? 0.46351   1.50377   -16.93951 1.000 25.64293 ? 67 SER F CA  1 
ATOM 1219 C C   . SER F 1 67 ? -0.98621  1.19868   -16.60031 1.000 24.25592 ? 67 SER F C   1 
ATOM 1220 O O   . SER F 1 67 ? -1.47405  0.10133   -16.88831 1.000 35.55635 ? 67 SER F O   1 
ATOM 1221 C CB  . SER F 1 67 ? 0.69305   1.42971   -18.45127 1.000 27.07335 ? 67 SER F CB  1 
ATOM 1222 O OG  . SER F 1 67 ? -0.15584  2.33147   -19.13882 1.000 33.35217 ? 67 SER F OG  1 
ATOM 1223 N N   . ALA F 1 68 ? -1.67128  2.16274   -15.99198 1.000 27.90683 ? 68 ALA F N   1 
ATOM 1224 C CA  . ALA F 1 68 ? -3.03968  1.97415   -15.53581 1.000 26.61254 ? 68 ALA F CA  1 
ATOM 1225 C C   . ALA F 1 68 ? -3.91113  3.13035   -16.00155 1.000 28.74594 ? 68 ALA F C   1 
ATOM 1226 O O   . ALA F 1 68 ? -3.48629  4.28895   -15.98082 1.000 38.75587 ? 68 ALA F O   1 
ATOM 1227 C CB  . ALA F 1 68 ? -3.10077  1.85204   -14.01002 1.000 27.15006 ? 68 ALA F CB  1 
ATOM 1228 N N   . LEU F 1 69 ? -5.13107  2.80601   -16.42330 1.000 26.92737 ? 69 LEU F N   1 
ATOM 1229 C CA  . LEU F 1 69 ? -6.11205  3.79115   -16.85323 1.000 29.56364 ? 69 LEU F CA  1 
ATOM 1230 C C   . LEU F 1 69 ? -7.46637  3.42189   -16.26823 1.000 29.98733 ? 69 LEU F C   1 
ATOM 1231 O O   . LEU F 1 69 ? -7.83351  2.24406   -16.23161 1.000 35.96075 ? 69 LEU F O   1 
ATOM 1232 C CB  . LEU F 1 69 ? -6.18893  3.86662   -18.38643 1.000 26.67008 ? 69 LEU F CB  1 
ATOM 1233 C CG  . LEU F 1 69 ? -6.89202  5.06460   -19.03179 1.000 33.89987 ? 69 LEU F CG  1 
ATOM 1234 C CD1 . LEU F 1 69 ? -6.29670  5.33800   -20.40205 1.000 34.25386 ? 69 LEU F CD1 1 
ATOM 1235 C CD2 . LEU F 1 69 ? -8.39231  4.83826   -19.14922 1.000 30.69212 ? 69 LEU F CD2 1 
ATOM 1236 N N   . THR F 1 70 ? -8.20635  4.42882   -15.80879 1.000 38.19387 ? 70 THR F N   1 
ATOM 1237 C CA  . THR F 1 70 ? -9.50448  4.21387   -15.18402 1.000 37.03846 ? 70 THR F CA  1 
ATOM 1238 C C   . THR F 1 70 ? -10.50940 5.22564   -15.70963 1.000 35.18400 ? 70 THR F C   1 
ATOM 1239 O O   . THR F 1 70 ? -10.23522 6.42966   -15.72504 1.000 43.04477 ? 70 THR F O   1 
ATOM 1240 C CB  . THR F 1 70 ? -9.41487  4.32528   -13.65917 1.000 39.99095 ? 70 THR F CB  1 
ATOM 1241 O OG1 . THR F 1 70 ? -8.33508  3.51537   -13.18076 1.000 45.52116 ? 70 THR F OG1 1 
ATOM 1242 C CG2 . THR F 1 70 ? -10.71244 3.86553   -13.01237 1.000 36.59225 ? 70 THR F CG2 1 
ATOM 1243 N N   . GLY F 1 71 ? -11.66682 4.73224   -16.13860 1.000 34.78290 ? 71 GLY F N   1 
ATOM 1244 C CA  . GLY F 1 71 ? -12.79774 5.58365   -16.44380 1.000 32.24621 ? 71 GLY F CA  1 
ATOM 1245 C C   . GLY F 1 71 ? -14.02287 5.11991   -15.68588 1.000 33.45397 ? 71 GLY F C   1 
ATOM 1246 O O   . GLY F 1 71 ? -14.52820 4.02260   -15.93691 1.000 46.44338 ? 71 GLY F O   1 
ATOM 1247 N N   . ALA F 1 72 ? -14.51557 5.93661   -14.75812 1.000 35.18436 ? 72 ALA F N   1 
ATOM 1248 C CA  . ALA F 1 72 ? -15.59026 5.51180   -13.87567 1.000 35.59326 ? 72 ALA F CA  1 
ATOM 1249 C C   . ALA F 1 72 ? -16.59441 6.63912   -13.68975 1.000 40.08948 ? 72 ALA F C   1 
ATOM 1250 O O   . ALA F 1 72 ? -16.27185 7.81969   -13.83856 1.000 43.08838 ? 72 ALA F O   1 
ATOM 1251 C CB  . ALA F 1 72 ? -15.04928 5.05642   -12.51409 1.000 32.75430 ? 72 ALA F CB  1 
ATOM 1252 N N   . PHE F 1 73 ? -17.82586 6.24667   -13.35823 1.000 40.50313 ? 73 PHE F N   1 
ATOM 1253 C CA  . PHE F 1 73 ? -18.90688 7.18095   -13.03920 1.000 41.02529 ? 73 PHE F CA  1 
ATOM 1254 C C   . PHE F 1 73 ? -19.13377 8.18466   -14.16710 1.000 41.66877 ? 73 PHE F C   1 
ATOM 1255 O O   . PHE F 1 73 ? -19.33797 9.37816   -13.93697 1.000 42.13938 ? 73 PHE F O   1 
ATOM 1256 C CB  . PHE F 1 73 ? -18.63549 7.89449   -11.71415 1.000 36.11518 ? 73 PHE F CB  1 
ATOM 1257 C CG  . PHE F 1 73 ? -18.37182 6.95877   -10.57005 1.000 39.13020 ? 73 PHE F CG  1 
ATOM 1258 C CD1 . PHE F 1 73 ? -19.41619 6.31434   -9.92925  1.000 39.51517 ? 73 PHE F CD1 1 
ATOM 1259 C CD2 . PHE F 1 73 ? -17.07863 6.72076   -10.13764 1.000 37.59143 ? 73 PHE F CD2 1 
ATOM 1260 C CE1 . PHE F 1 73 ? -19.17517 5.45010   -8.87883  1.000 35.82658 ? 73 PHE F CE1 1 
ATOM 1261 C CE2 . PHE F 1 73 ? -16.83118 5.85809   -9.08779  1.000 37.46359 ? 73 PHE F CE2 1 
ATOM 1262 C CZ  . PHE F 1 73 ? -17.88075 5.22206   -8.45781  1.000 36.12241 ? 73 PHE F CZ  1 
ATOM 1263 N N   . SER F 1 74 ? -19.09894 7.69251   -15.40208 1.000 49.40444 ? 74 SER F N   1 
ATOM 1264 C CA  . SER F 1 74 ? -19.33573 8.52299   -16.57419 1.000 50.75145 ? 74 SER F CA  1 
ATOM 1265 C C   . SER F 1 74 ? -20.83415 8.67947   -16.79699 1.000 49.76525 ? 74 SER F C   1 
ATOM 1266 O O   . SER F 1 74 ? -21.57661 7.69257   -16.78526 1.000 50.82481 ? 74 SER F O   1 
ATOM 1267 C CB  . SER F 1 74 ? -18.67597 7.91282   -17.81109 1.000 48.84993 ? 74 SER F CB  1 
ATOM 1268 O OG  . SER F 1 74 ? -17.28183 7.75078   -17.61792 1.000 52.09848 ? 74 SER F OG  1 
ATOM 1269 N N   . GLY F 1 75 ? -21.27251 9.91773   -16.99680 1.000 52.67279 ? 75 GLY F N   1 
ATOM 1270 C CA  . GLY F 1 75 ? -22.67847 10.20169  -17.21584 1.000 52.34434 ? 75 GLY F CA  1 
ATOM 1271 C C   . GLY F 1 75 ? -23.18043 9.74192   -18.57032 1.000 53.90312 ? 75 GLY F C   1 
ATOM 1272 O O   . GLY F 1 75 ? -22.39366 9.50488   -19.48671 1.000 55.30507 ? 75 GLY F O   1 
# 
